data_7K74
#
_entry.id   7K74
#
_cell.length_a   76.040
_cell.length_b   125.730
_cell.length_c   158.450
_cell.angle_alpha   90.000
_cell.angle_beta   90.000
_cell.angle_gamma   90.000
#
_symmetry.space_group_name_H-M   'P 21 21 21'
#
loop_
_entity.id
_entity.type
_entity.pdbx_description
1 polymer 'Fructose-1,6-bisphosphatase class 1'
2 non-polymer 'PHOSPHATE ION'
3 water water
#
_entity_poly.entity_id   1
_entity_poly.type   'polypeptide(L)'
_entity_poly.pdbx_seq_one_letter_code
;MAHHHHHHMLTRFLIQEQHAGRINADLRQLIAVVARACTSISIAVSKGALGGVLGDAGTGNVQGEAQKKLDVISNEILLE
ANAWGGHLAACASEEMDHSQPVPDIYPRGDFLLLFDPLDGSSNIDVNVSVGTIFSVLRCPTNVELPGDDAFLQPGSKQIA
AGYCIYGPSTQLVLTVGHGTHAFTLDREKGEFVLTTENMQIPAATQEFAINMSNQRHWEAPMQAYVGDLLAGKEGTRGKN
FNMRWIASMVADVHRILTRGGIFIYPWDKKDPSKAGKLRLMYEANPMGLLVEQAGGAAWTGRERILDIQPDQLHQRVPVF
LGSREEVAEAVRYHHAHDNAQG
;
_entity_poly.pdbx_strand_id   A,B,C,D
#
# COMPACT_ATOMS: atom_id res chain seq x y z
N HIS A 7 16.67 -1.21 10.88
CA HIS A 7 15.33 -1.28 11.44
C HIS A 7 15.16 -2.55 12.30
N HIS A 8 14.73 -2.35 13.55
CA HIS A 8 14.60 -3.44 14.52
C HIS A 8 13.14 -3.86 14.62
N MET A 9 12.84 -5.04 14.06
CA MET A 9 11.46 -5.49 13.96
C MET A 9 10.91 -5.91 15.33
N LEU A 10 9.61 -5.74 15.50
CA LEU A 10 8.99 -6.20 16.75
C LEU A 10 9.25 -7.69 16.98
N THR A 11 9.26 -8.49 15.90
CA THR A 11 9.48 -9.92 16.06
C THR A 11 10.86 -10.21 16.62
N ARG A 12 11.90 -9.54 16.10
CA ARG A 12 13.23 -9.71 16.68
C ARG A 12 13.29 -9.15 18.09
N PHE A 13 12.53 -8.10 18.38
CA PHE A 13 12.53 -7.53 19.73
C PHE A 13 11.99 -8.53 20.74
N LEU A 14 10.87 -9.17 20.41
CA LEU A 14 10.28 -10.13 21.34
C LEU A 14 11.16 -11.35 21.51
N ILE A 15 11.88 -11.75 20.47
CA ILE A 15 12.78 -12.88 20.59
C ILE A 15 13.95 -12.55 21.52
N GLN A 16 14.48 -11.32 21.40
CA GLN A 16 15.53 -10.90 22.32
C GLN A 16 15.01 -10.88 23.76
N GLU A 17 13.76 -10.45 23.95
CA GLU A 17 13.17 -10.45 25.29
C GLU A 17 13.07 -11.86 25.87
N GLN A 18 12.84 -12.87 25.01
CA GLN A 18 12.86 -14.25 25.49
C GLN A 18 14.28 -14.67 25.85
N HIS A 19 15.26 -14.36 25.00
CA HIS A 19 16.64 -14.74 25.27
C HIS A 19 17.18 -14.05 26.50
N ALA A 20 16.73 -12.81 26.78
CA ALA A 20 17.13 -12.17 28.03
C ALA A 20 16.41 -12.76 29.23
N GLY A 21 15.45 -13.65 29.01
CA GLY A 21 14.76 -14.28 30.11
C GLY A 21 13.65 -13.46 30.73
N ARG A 22 13.19 -12.41 30.05
CA ARG A 22 12.13 -11.55 30.56
C ARG A 22 10.74 -12.06 30.20
N ILE A 23 10.59 -12.79 29.10
CA ILE A 23 9.32 -13.40 28.75
C ILE A 23 9.59 -14.82 28.25
N ASN A 24 8.58 -15.68 28.35
CA ASN A 24 8.74 -17.01 27.77
C ASN A 24 8.17 -17.01 26.36
N ALA A 25 8.23 -18.18 25.71
CA ALA A 25 7.75 -18.30 24.34
C ALA A 25 6.25 -18.05 24.24
N ASP A 26 5.48 -18.51 25.24
CA ASP A 26 4.02 -18.37 25.20
C ASP A 26 3.60 -16.90 25.20
N LEU A 27 4.24 -16.07 26.04
CA LEU A 27 3.86 -14.66 26.08
C LEU A 27 4.33 -13.92 24.85
N ARG A 28 5.50 -14.29 24.31
CA ARG A 28 5.96 -13.69 23.07
C ARG A 28 4.96 -13.92 21.95
N GLN A 29 4.43 -15.15 21.84
CA GLN A 29 3.48 -15.48 20.78
C GLN A 29 2.12 -14.83 20.98
N LEU A 30 1.67 -14.68 22.23
CA LEU A 30 0.40 -13.99 22.48
C LEU A 30 0.50 -12.52 22.08
N ILE A 31 1.60 -11.85 22.47
CA ILE A 31 1.81 -10.46 22.07
C ILE A 31 1.84 -10.34 20.56
N ALA A 32 2.28 -11.40 19.88
CA ALA A 32 2.24 -11.44 18.42
C ALA A 32 0.80 -11.49 17.92
N VAL A 33 -0.05 -12.32 18.53
CA VAL A 33 -1.45 -12.39 18.13
C VAL A 33 -2.08 -11.01 18.24
N VAL A 34 -1.82 -10.32 19.35
CA VAL A 34 -2.40 -9.01 19.62
C VAL A 34 -1.92 -7.99 18.58
N ALA A 35 -0.62 -7.98 18.32
CA ALA A 35 -0.06 -7.04 17.33
C ALA A 35 -0.65 -7.28 15.95
N ARG A 36 -0.88 -8.53 15.57
CA ARG A 36 -1.54 -8.79 14.30
C ARG A 36 -2.98 -8.29 14.33
N ALA A 37 -3.68 -8.53 15.45
CA ALA A 37 -5.04 -8.02 15.60
C ALA A 37 -5.08 -6.50 15.49
N CYS A 38 -4.14 -5.81 16.13
CA CYS A 38 -4.14 -4.35 16.04
C CYS A 38 -3.83 -3.89 14.63
N THR A 39 -2.96 -4.63 13.92
CA THR A 39 -2.65 -4.29 12.54
C THR A 39 -3.89 -4.42 11.66
N SER A 40 -4.71 -5.42 11.93
CA SER A 40 -5.97 -5.58 11.20
C SER A 40 -6.92 -4.45 11.53
N ILE A 41 -7.02 -4.08 12.80
CA ILE A 41 -7.85 -2.94 13.14
C ILE A 41 -7.36 -1.70 12.42
N SER A 42 -6.05 -1.48 12.45
CA SER A 42 -5.45 -0.32 11.80
C SER A 42 -5.87 -0.20 10.33
N ILE A 43 -5.83 -1.31 9.59
CA ILE A 43 -6.14 -1.26 8.16
C ILE A 43 -7.58 -0.86 7.93
N ALA A 44 -8.50 -1.36 8.78
CA ALA A 44 -9.91 -1.03 8.64
C ALA A 44 -10.16 0.45 8.93
N VAL A 45 -9.70 0.93 10.08
CA VAL A 45 -9.80 2.35 10.44
C VAL A 45 -9.19 3.23 9.36
N SER A 46 -8.04 2.85 8.81
CA SER A 46 -7.38 3.63 7.76
C SER A 46 -8.26 3.81 6.52
N LYS A 47 -9.22 2.91 6.28
CA LYS A 47 -10.01 3.09 5.08
C LYS A 47 -11.14 4.09 5.27
N GLY A 48 -11.38 4.57 6.48
CA GLY A 48 -12.43 5.55 6.68
C GLY A 48 -13.78 5.00 6.22
N ALA A 49 -14.57 5.85 5.57
CA ALA A 49 -15.85 5.42 5.00
C ALA A 49 -15.69 4.48 3.81
N LEU A 50 -14.50 4.36 3.24
CA LEU A 50 -14.30 3.42 2.15
C LEU A 50 -14.22 1.97 2.62
N GLY A 51 -14.02 1.75 3.91
CA GLY A 51 -13.89 0.40 4.42
C GLY A 51 -15.17 -0.20 4.97
N GLY A 52 -16.23 0.61 5.05
CA GLY A 52 -17.50 0.16 5.61
C GLY A 52 -17.59 0.17 7.11
N VAL A 53 -16.45 0.19 7.81
CA VAL A 53 -16.47 0.33 9.27
C VAL A 53 -16.94 1.73 9.65
N LEU A 54 -16.54 2.74 8.88
CA LEU A 54 -17.08 4.09 9.06
C LEU A 54 -18.06 4.40 7.94
N GLN A 63 -19.77 6.55 16.11
CA GLN A 63 -20.85 5.67 15.68
C GLN A 63 -20.85 4.38 16.50
N GLY A 64 -22.01 4.04 17.06
CA GLY A 64 -22.15 2.76 17.72
C GLY A 64 -21.96 1.59 16.77
N GLU A 65 -22.31 1.79 15.48
CA GLU A 65 -22.07 0.77 14.48
C GLU A 65 -20.58 0.57 14.22
N ALA A 66 -19.80 1.65 14.26
CA ALA A 66 -18.37 1.50 14.09
C ALA A 66 -17.75 0.69 15.24
N GLN A 67 -18.23 0.92 16.47
CA GLN A 67 -17.72 0.16 17.61
C GLN A 67 -18.12 -1.30 17.53
N LYS A 68 -19.35 -1.58 17.07
CA LYS A 68 -19.79 -2.97 16.93
C LYS A 68 -18.95 -3.72 15.89
N LYS A 69 -18.58 -3.04 14.80
CA LYS A 69 -17.79 -3.70 13.76
C LYS A 69 -16.38 -4.02 14.24
N LEU A 70 -15.79 -3.14 15.06
CA LEU A 70 -14.49 -3.44 15.64
C LEU A 70 -14.59 -4.48 16.74
N ASP A 71 -15.72 -4.54 17.46
CA ASP A 71 -15.96 -5.67 18.35
C ASP A 71 -16.01 -6.97 17.56
N VAL A 72 -16.59 -6.92 16.36
CA VAL A 72 -16.66 -8.12 15.52
C VAL A 72 -15.27 -8.56 15.09
N ILE A 73 -14.48 -7.61 14.58
CA ILE A 73 -13.12 -7.93 14.15
C ILE A 73 -12.27 -8.39 15.34
N SER A 74 -12.51 -7.81 16.52
CA SER A 74 -11.71 -8.17 17.68
C SER A 74 -12.09 -9.57 18.20
N ASN A 75 -13.39 -9.83 18.36
CA ASN A 75 -13.81 -11.14 18.85
C ASN A 75 -13.37 -12.27 17.93
N GLU A 76 -13.47 -12.05 16.61
CA GLU A 76 -13.10 -13.10 15.67
C GLU A 76 -11.63 -13.48 15.82
N ILE A 77 -10.74 -12.49 15.76
CA ILE A 77 -9.31 -12.76 15.88
C ILE A 77 -9.00 -13.39 17.24
N LEU A 78 -9.68 -12.94 18.29
CA LEU A 78 -9.32 -13.34 19.65
C LEU A 78 -9.99 -14.62 20.12
N LEU A 79 -11.06 -15.06 19.45
CA LEU A 79 -11.61 -16.38 19.75
C LEU A 79 -10.97 -17.48 18.94
N GLU A 80 -10.13 -17.15 17.96
CA GLU A 80 -9.25 -18.12 17.31
C GLU A 80 -7.80 -17.93 17.74
N ALA A 81 -7.55 -17.15 18.79
CA ALA A 81 -6.19 -16.80 19.17
C ALA A 81 -5.36 -18.00 19.56
N ASN A 82 -5.98 -19.03 20.14
CA ASN A 82 -5.19 -20.17 20.57
C ASN A 82 -4.74 -21.05 19.41
N ALA A 83 -5.41 -20.98 18.26
CA ALA A 83 -4.92 -21.68 17.08
C ALA A 83 -3.60 -21.11 16.59
N TRP A 84 -3.26 -19.88 16.96
CA TRP A 84 -2.10 -19.18 16.44
C TRP A 84 -1.19 -18.68 17.56
N GLY A 85 -1.15 -19.39 18.69
CA GLY A 85 -0.20 -19.08 19.74
C GLY A 85 -0.66 -18.05 20.75
N GLY A 86 -1.96 -17.98 21.03
CA GLY A 86 -2.41 -17.06 22.06
C GLY A 86 -2.11 -17.57 23.46
N HIS A 87 -2.17 -18.88 23.66
CA HIS A 87 -1.97 -19.48 24.97
C HIS A 87 -2.90 -18.84 26.01
N LEU A 88 -4.13 -18.57 25.58
CA LEU A 88 -5.12 -17.94 26.44
C LEU A 88 -5.88 -18.98 27.23
N ALA A 89 -6.17 -18.65 28.49
CA ALA A 89 -7.15 -19.42 29.23
C ALA A 89 -8.53 -18.80 29.10
N ALA A 90 -8.61 -17.49 28.96
CA ALA A 90 -9.88 -16.78 28.89
C ALA A 90 -9.62 -15.37 28.39
N CYS A 91 -10.70 -14.73 27.90
CA CYS A 91 -10.63 -13.41 27.30
C CYS A 91 -11.74 -12.55 27.91
N ALA A 92 -11.48 -11.25 28.05
CA ALA A 92 -12.48 -10.30 28.52
C ALA A 92 -12.42 -9.04 27.68
N SER A 93 -13.55 -8.70 27.07
CA SER A 93 -13.66 -7.52 26.21
C SER A 93 -14.43 -6.43 26.93
N GLU A 94 -14.00 -5.18 26.73
CA GLU A 94 -14.63 -4.04 27.39
CA GLU A 94 -14.64 -4.04 27.39
C GLU A 94 -16.11 -3.93 27.04
N GLU A 95 -16.50 -4.39 25.86
CA GLU A 95 -17.89 -4.31 25.43
C GLU A 95 -18.78 -5.34 26.11
N MET A 96 -18.23 -6.47 26.56
CA MET A 96 -19.03 -7.56 27.11
C MET A 96 -19.09 -7.49 28.63
N ASP A 97 -20.21 -7.94 29.18
CA ASP A 97 -20.40 -7.91 30.62
C ASP A 97 -19.50 -8.89 31.33
N HIS A 98 -19.26 -10.06 30.73
CA HIS A 98 -18.49 -11.11 31.36
C HIS A 98 -17.36 -11.56 30.43
N SER A 99 -16.34 -12.16 31.04
CA SER A 99 -15.28 -12.76 30.28
C SER A 99 -15.77 -13.98 29.50
N GLN A 100 -15.06 -14.32 28.43
CA GLN A 100 -15.47 -15.49 27.67
C GLN A 100 -14.38 -16.56 27.73
N PRO A 101 -14.77 -17.83 27.86
CA PRO A 101 -13.78 -18.91 27.83
C PRO A 101 -13.21 -19.13 26.43
N VAL A 102 -12.03 -19.76 26.39
CA VAL A 102 -11.41 -20.12 25.12
C VAL A 102 -12.03 -21.43 24.63
N PRO A 103 -12.07 -21.67 23.33
CA PRO A 103 -12.64 -22.91 22.82
C PRO A 103 -11.85 -24.14 23.23
N ASP A 104 -12.54 -25.28 23.22
CA ASP A 104 -11.91 -26.56 23.49
C ASP A 104 -11.16 -27.11 22.28
N ILE A 105 -11.51 -26.67 21.08
CA ILE A 105 -10.91 -27.23 19.86
C ILE A 105 -9.45 -26.86 19.72
N TYR A 106 -8.99 -25.81 20.38
CA TYR A 106 -7.60 -25.40 20.36
C TYR A 106 -6.99 -25.53 21.76
N PRO A 107 -5.68 -25.67 21.88
CA PRO A 107 -5.07 -25.85 23.20
C PRO A 107 -5.26 -24.61 24.05
N ARG A 108 -5.29 -24.82 25.37
CA ARG A 108 -5.43 -23.74 26.33
C ARG A 108 -4.08 -23.42 26.96
N GLY A 109 -3.90 -22.15 27.31
CA GLY A 109 -2.67 -21.67 27.92
C GLY A 109 -2.93 -21.05 29.27
N ASP A 110 -1.97 -20.29 29.79
CA ASP A 110 -2.06 -19.80 31.17
C ASP A 110 -2.26 -18.29 31.26
N PHE A 111 -2.82 -17.67 30.22
CA PHE A 111 -2.95 -16.22 30.16
C PHE A 111 -4.41 -15.80 30.16
N LEU A 112 -4.69 -14.69 30.82
CA LEU A 112 -5.97 -14.01 30.76
C LEU A 112 -5.75 -12.70 30.01
N LEU A 113 -6.52 -12.48 28.95
CA LEU A 113 -6.40 -11.28 28.13
C LEU A 113 -7.59 -10.37 28.37
N LEU A 114 -7.32 -9.11 28.68
CA LEU A 114 -8.33 -8.07 28.68
C LEU A 114 -8.09 -7.16 27.49
N PHE A 115 -9.16 -6.87 26.77
CA PHE A 115 -9.08 -6.21 25.47
C PHE A 115 -10.09 -5.07 25.41
N ASP A 116 -9.60 -3.87 25.11
CA ASP A 116 -10.44 -2.73 24.81
C ASP A 116 -10.32 -2.43 23.31
N PRO A 117 -11.25 -2.92 22.48
CA PRO A 117 -11.07 -2.80 21.02
C PRO A 117 -11.07 -1.37 20.51
N LEU A 118 -11.94 -0.51 21.03
CA LEU A 118 -12.10 0.85 20.52
C LEU A 118 -12.05 1.83 21.69
N ASP A 119 -10.88 2.40 21.94
CA ASP A 119 -10.75 3.50 22.89
C ASP A 119 -10.91 4.82 22.17
N GLY A 120 -11.67 5.73 22.78
CA GLY A 120 -11.94 7.02 22.17
C GLY A 120 -13.11 6.94 21.19
N SER A 121 -14.19 6.29 21.59
CA SER A 121 -15.29 5.99 20.68
C SER A 121 -15.93 7.26 20.10
N SER A 122 -15.97 8.37 20.85
CA SER A 122 -16.61 9.58 20.30
C SER A 122 -15.82 10.24 19.16
N ASN A 123 -14.60 9.77 18.85
CA ASN A 123 -13.81 10.30 17.75
C ASN A 123 -13.75 9.40 16.51
N ILE A 124 -14.46 8.26 16.51
CA ILE A 124 -14.32 7.32 15.40
C ILE A 124 -14.86 7.92 14.10
N ASP A 125 -15.86 8.79 14.20
CA ASP A 125 -16.52 9.39 13.05
C ASP A 125 -15.86 10.68 12.56
N VAL A 126 -14.83 11.19 13.26
CA VAL A 126 -14.31 12.54 13.01
C VAL A 126 -12.79 12.54 12.86
N ASN A 127 -12.22 11.37 12.57
CA ASN A 127 -10.87 11.24 12.04
C ASN A 127 -9.83 11.87 12.98
N VAL A 128 -10.06 11.72 14.28
CA VAL A 128 -9.10 11.97 15.34
C VAL A 128 -8.60 10.63 15.81
N SER A 129 -7.32 10.58 16.20
CA SER A 129 -6.70 9.34 16.67
C SER A 129 -7.56 8.59 17.68
N VAL A 130 -7.65 7.27 17.52
CA VAL A 130 -8.31 6.37 18.44
C VAL A 130 -7.36 5.22 18.73
N GLY A 131 -7.78 4.28 19.57
CA GLY A 131 -6.84 3.26 20.00
C GLY A 131 -7.45 1.97 20.47
N THR A 132 -6.57 0.98 20.67
CA THR A 132 -6.88 -0.29 21.29
C THR A 132 -6.00 -0.46 22.52
N ILE A 133 -6.60 -0.85 23.66
CA ILE A 133 -5.83 -1.09 24.88
C ILE A 133 -5.93 -2.56 25.27
N PHE A 134 -4.81 -3.15 25.71
CA PHE A 134 -4.85 -4.53 26.13
C PHE A 134 -3.98 -4.74 27.37
N SER A 135 -4.29 -5.82 28.09
CA SER A 135 -3.64 -6.14 29.34
C SER A 135 -3.63 -7.65 29.50
N VAL A 136 -2.53 -8.19 30.03
CA VAL A 136 -2.33 -9.64 30.12
C VAL A 136 -2.05 -9.99 31.58
N LEU A 137 -2.94 -10.79 32.17
CA LEU A 137 -2.76 -11.39 33.48
C LEU A 137 -2.46 -12.88 33.34
N ARG A 138 -1.99 -13.48 34.43
CA ARG A 138 -1.74 -14.91 34.49
C ARG A 138 -2.91 -15.60 35.14
N CYS A 139 -3.30 -16.73 34.59
CA CYS A 139 -4.36 -17.52 35.18
C CYS A 139 -3.84 -18.21 36.44
N PRO A 140 -4.51 -18.05 37.58
CA PRO A 140 -4.03 -18.68 38.82
C PRO A 140 -3.81 -20.18 38.63
N THR A 141 -2.67 -20.65 39.12
CA THR A 141 -2.20 -22.03 38.94
C THR A 141 -3.26 -23.11 39.19
N GLU A 144 -8.15 -24.24 36.39
CA GLU A 144 -8.69 -24.44 35.05
C GLU A 144 -10.11 -23.87 34.95
N LEU A 145 -10.68 -23.91 33.76
CA LEU A 145 -11.97 -23.31 33.42
C LEU A 145 -12.09 -21.90 34.02
N PRO A 146 -11.15 -21.00 33.71
CA PRO A 146 -11.13 -19.70 34.39
C PRO A 146 -12.38 -18.89 34.12
N GLY A 147 -12.87 -18.23 35.16
CA GLY A 147 -14.07 -17.41 35.06
C GLY A 147 -13.82 -15.95 35.34
N ASP A 148 -14.90 -15.17 35.52
CA ASP A 148 -14.79 -13.74 35.79
C ASP A 148 -13.87 -13.46 36.97
N ASP A 149 -14.02 -14.23 38.04
CA ASP A 149 -13.28 -14.04 39.28
C ASP A 149 -11.77 -14.18 39.11
N ALA A 150 -11.32 -14.95 38.11
CA ALA A 150 -9.89 -15.12 37.88
C ALA A 150 -9.22 -13.84 37.38
N PHE A 151 -10.00 -12.91 36.86
CA PHE A 151 -9.47 -11.65 36.33
C PHE A 151 -9.24 -10.59 37.40
N LEU A 152 -9.70 -10.82 38.63
CA LEU A 152 -9.67 -9.79 39.66
C LEU A 152 -8.31 -9.82 40.35
N GLN A 153 -7.32 -9.28 39.66
CA GLN A 153 -5.96 -9.19 40.16
C GLN A 153 -5.50 -7.75 40.13
N PRO A 154 -4.71 -7.32 41.10
CA PRO A 154 -4.18 -5.95 41.06
C PRO A 154 -3.33 -5.72 39.84
N GLY A 155 -3.29 -4.47 39.40
CA GLY A 155 -2.55 -4.08 38.22
C GLY A 155 -1.08 -4.42 38.27
N SER A 156 -0.51 -4.52 39.47
CA SER A 156 0.88 -4.92 39.65
C SER A 156 1.14 -6.36 39.26
N LYS A 157 0.10 -7.16 39.05
CA LYS A 157 0.23 -8.53 38.60
C LYS A 157 0.15 -8.67 37.09
N GLN A 158 -0.05 -7.58 36.36
CA GLN A 158 0.00 -7.65 34.90
C GLN A 158 1.37 -8.12 34.44
N ILE A 159 1.39 -9.04 33.47
CA ILE A 159 2.65 -9.48 32.91
C ILE A 159 2.95 -8.81 31.57
N ALA A 160 1.97 -8.13 30.98
CA ALA A 160 2.17 -7.29 29.82
C ALA A 160 0.98 -6.36 29.70
N ALA A 161 1.25 -5.15 29.20
CA ALA A 161 0.23 -4.16 28.90
C ALA A 161 0.68 -3.37 27.67
N GLY A 162 -0.29 -2.82 26.95
CA GLY A 162 0.05 -2.02 25.79
C GLY A 162 -1.17 -1.41 25.16
N TYR A 163 -0.91 -0.49 24.23
CA TYR A 163 -1.93 0.04 23.37
C TYR A 163 -1.37 0.20 21.96
N CYS A 164 -2.28 0.20 21.01
CA CYS A 164 -2.03 0.57 19.64
C CYS A 164 -2.79 1.84 19.35
N ILE A 165 -2.10 2.87 18.86
CA ILE A 165 -2.78 4.13 18.53
C ILE A 165 -2.89 4.23 17.03
N TYR A 166 -4.11 4.44 16.54
CA TYR A 166 -4.37 4.61 15.12
C TYR A 166 -4.46 6.10 14.86
N GLY A 167 -3.37 6.69 14.35
CA GLY A 167 -3.33 8.09 14.04
C GLY A 167 -2.79 8.26 12.64
N PRO A 168 -2.21 9.41 12.33
CA PRO A 168 -1.60 9.55 11.01
C PRO A 168 -0.61 8.44 10.75
N SER A 169 0.05 7.96 11.80
CA SER A 169 0.72 6.67 11.75
C SER A 169 0.08 5.74 12.78
N THR A 170 0.39 4.44 12.65
CA THR A 170 -0.04 3.43 13.59
C THR A 170 1.13 3.01 14.46
N GLN A 171 0.96 3.09 15.78
CA GLN A 171 2.05 2.79 16.69
C GLN A 171 1.59 1.84 17.78
N LEU A 172 2.39 0.82 18.04
CA LEU A 172 2.16 -0.08 19.15
C LEU A 172 3.11 0.31 20.26
N VAL A 173 2.56 0.53 21.44
CA VAL A 173 3.32 0.89 22.64
C VAL A 173 3.11 -0.22 23.64
N LEU A 174 4.21 -0.82 24.13
CA LEU A 174 4.04 -1.99 24.98
C LEU A 174 5.06 -2.01 26.11
N THR A 175 4.73 -2.75 27.16
CA THR A 175 5.68 -3.08 28.21
C THR A 175 5.42 -4.51 28.67
N VAL A 176 6.51 -5.17 29.10
CA VAL A 176 6.44 -6.48 29.74
C VAL A 176 7.18 -6.45 31.07
N GLY A 177 7.30 -5.26 31.66
CA GLY A 177 7.94 -5.10 32.96
C GLY A 177 9.36 -4.60 32.91
N HIS A 178 9.86 -4.16 31.76
CA HIS A 178 11.23 -3.68 31.59
C HIS A 178 11.21 -2.43 30.71
N GLY A 179 10.48 -1.40 31.14
CA GLY A 179 10.34 -0.22 30.33
C GLY A 179 9.20 -0.31 29.32
N THR A 180 8.93 0.85 28.71
CA THR A 180 7.83 1.03 27.79
C THR A 180 8.41 1.42 26.45
N HIS A 181 7.98 0.72 25.39
CA HIS A 181 8.66 0.79 24.10
C HIS A 181 7.64 1.00 22.99
N ALA A 182 7.94 1.91 22.07
CA ALA A 182 7.03 2.29 21.00
C ALA A 182 7.53 1.74 19.67
N PHE A 183 6.63 1.10 18.93
CA PHE A 183 6.92 0.59 17.59
C PHE A 183 5.99 1.27 16.59
N THR A 184 6.50 1.58 15.41
CA THR A 184 5.70 2.17 14.34
C THR A 184 5.43 1.12 13.27
N LEU A 185 4.19 1.10 12.77
CA LEU A 185 3.80 0.19 11.71
C LEU A 185 4.42 0.62 10.38
N ASP A 186 5.22 -0.26 9.81
CA ASP A 186 5.73 -0.11 8.45
C ASP A 186 4.66 -0.64 7.51
N ARG A 187 3.91 0.26 6.89
CA ARG A 187 2.71 -0.15 6.15
C ARG A 187 3.05 -1.03 4.96
N GLU A 188 4.17 -0.75 4.28
CA GLU A 188 4.56 -1.59 3.16
C GLU A 188 4.81 -3.02 3.61
N LYS A 189 5.49 -3.20 4.76
CA LYS A 189 5.86 -4.53 5.22
C LYS A 189 4.78 -5.21 6.05
N GLY A 190 3.77 -4.47 6.52
CA GLY A 190 2.83 -5.06 7.46
C GLY A 190 3.42 -5.41 8.80
N GLU A 191 4.55 -4.82 9.18
CA GLU A 191 5.23 -5.17 10.43
C GLU A 191 5.55 -3.94 11.26
N PHE A 192 5.53 -4.13 12.58
CA PHE A 192 5.93 -3.09 13.52
C PHE A 192 7.45 -3.00 13.67
N VAL A 193 7.94 -1.76 13.76
CA VAL A 193 9.38 -1.46 13.84
C VAL A 193 9.62 -0.60 15.07
N LEU A 194 10.62 -0.96 15.87
CA LEU A 194 10.94 -0.19 17.07
C LEU A 194 11.33 1.23 16.68
N THR A 195 10.62 2.23 17.22
CA THR A 195 10.99 3.62 16.97
C THR A 195 11.31 4.44 18.21
N THR A 196 10.81 4.08 19.39
CA THR A 196 11.28 4.70 20.65
C THR A 196 11.48 3.62 21.69
N GLU A 197 12.73 3.30 22.00
CA GLU A 197 13.03 2.39 23.10
C GLU A 197 13.11 3.19 24.40
N ASN A 198 12.58 2.60 25.47
CA ASN A 198 12.65 3.19 26.81
C ASN A 198 12.04 4.59 26.84
N MET A 199 10.75 4.66 26.55
CA MET A 199 10.06 5.92 26.65
C MET A 199 10.22 6.47 28.08
N GLN A 200 10.38 7.77 28.19
CA GLN A 200 10.62 8.39 29.48
C GLN A 200 9.72 9.60 29.61
N ILE A 201 8.99 9.67 30.72
CA ILE A 201 8.07 10.77 31.02
C ILE A 201 8.79 11.73 31.94
N PRO A 202 9.03 12.98 31.52
CA PRO A 202 9.69 13.94 32.42
C PRO A 202 8.93 14.08 33.73
N ALA A 203 9.68 14.19 34.82
CA ALA A 203 9.07 14.18 36.15
C ALA A 203 8.10 15.34 36.36
N ALA A 204 8.35 16.48 35.73
CA ALA A 204 7.49 17.64 35.85
C ALA A 204 6.94 18.00 34.48
N THR A 205 5.95 18.89 34.47
CA THR A 205 5.19 19.21 33.26
C THR A 205 4.42 20.51 33.45
N GLN A 206 4.10 21.13 32.32
CA GLN A 206 3.19 22.28 32.27
C GLN A 206 1.99 22.01 31.37
N GLU A 207 1.67 20.75 31.12
CA GLU A 207 0.56 20.37 30.24
C GLU A 207 -0.34 19.41 30.97
N PHE A 208 -1.63 19.73 31.01
CA PHE A 208 -2.64 18.88 31.64
C PHE A 208 -3.75 18.53 30.65
N ALA A 209 -4.26 17.31 30.74
CA ALA A 209 -5.42 16.88 29.96
C ALA A 209 -6.52 16.50 30.93
N ILE A 210 -7.56 17.32 30.95
CA ILE A 210 -8.74 17.04 31.74
C ILE A 210 -9.92 17.61 30.97
N ASN A 211 -11.09 16.99 31.14
CA ASN A 211 -12.30 17.51 30.50
C ASN A 211 -12.83 18.69 31.31
N MET A 212 -12.42 19.91 30.93
CA MET A 212 -12.79 21.10 31.71
C MET A 212 -14.30 21.37 31.75
N SER A 213 -15.08 20.79 30.84
CA SER A 213 -16.54 20.99 30.88
C SER A 213 -17.17 20.38 32.11
N ASN A 214 -16.47 19.51 32.82
CA ASN A 214 -16.99 18.85 34.02
C ASN A 214 -16.58 19.55 35.31
N GLN A 215 -16.06 20.79 35.23
CA GLN A 215 -15.50 21.48 36.39
C GLN A 215 -16.51 21.57 37.53
N ARG A 216 -17.77 21.89 37.25
CA ARG A 216 -18.65 22.11 38.39
C ARG A 216 -19.00 20.80 39.10
N HIS A 217 -18.66 19.64 38.53
CA HIS A 217 -19.04 18.35 39.13
C HIS A 217 -17.93 17.72 39.97
N TRP A 218 -16.75 18.33 40.04
CA TRP A 218 -15.59 17.74 40.72
C TRP A 218 -15.64 18.01 42.22
N GLU A 219 -14.99 17.15 43.00
CA GLU A 219 -14.93 17.46 44.42
C GLU A 219 -13.94 18.60 44.66
N ALA A 220 -14.00 19.14 45.90
CA ALA A 220 -13.28 20.38 46.21
C ALA A 220 -11.79 20.32 45.94
N PRO A 221 -11.02 19.32 46.42
CA PRO A 221 -9.58 19.35 46.13
C PRO A 221 -9.29 19.31 44.63
N MET A 222 -10.16 18.66 43.85
CA MET A 222 -9.97 18.62 42.40
C MET A 222 -10.19 20.00 41.79
N GLN A 223 -11.23 20.72 42.24
CA GLN A 223 -11.44 22.08 41.75
C GLN A 223 -10.33 23.03 42.22
N ALA A 224 -9.88 22.89 43.46
CA ALA A 224 -8.76 23.71 43.92
C ALA A 224 -7.51 23.44 43.07
N TYR A 225 -7.21 22.17 42.80
CA TYR A 225 -6.01 21.85 42.03
C TYR A 225 -6.06 22.49 40.64
N VAL A 226 -7.19 22.33 39.95
CA VAL A 226 -7.32 22.90 38.60
C VAL A 226 -7.32 24.42 38.65
N GLY A 227 -8.02 25.01 39.64
CA GLY A 227 -8.00 26.46 39.75
C GLY A 227 -6.59 27.02 39.85
N ASP A 228 -5.71 26.33 40.57
CA ASP A 228 -4.31 26.73 40.64
C ASP A 228 -3.59 26.53 39.31
N LEU A 229 -3.95 25.50 38.54
CA LEU A 229 -3.41 25.38 37.19
C LEU A 229 -3.75 26.60 36.37
N LEU A 230 -5.02 27.01 36.40
CA LEU A 230 -5.48 28.17 35.64
C LEU A 230 -4.77 29.44 36.08
N ALA A 231 -4.56 29.61 37.40
CA ALA A 231 -3.90 30.81 37.89
C ALA A 231 -2.46 30.90 37.41
N GLY A 232 -1.79 29.76 37.19
CA GLY A 232 -0.47 29.79 36.57
C GLY A 232 0.54 30.60 37.37
N LYS A 233 1.29 31.45 36.65
CA LYS A 233 2.32 32.29 37.27
C LYS A 233 1.77 33.19 38.37
N GLU A 234 0.50 33.59 38.27
CA GLU A 234 -0.16 34.46 39.22
C GLU A 234 -0.72 33.71 40.43
N GLY A 235 -0.40 32.42 40.57
CA GLY A 235 -0.94 31.63 41.65
C GLY A 235 0.14 30.83 42.35
N THR A 236 -0.24 29.88 43.20
CA THR A 236 0.72 29.15 44.01
C THR A 236 1.67 28.27 43.21
N ARG A 237 1.38 27.98 41.94
CA ARG A 237 2.22 27.05 41.20
C ARG A 237 3.46 27.70 40.60
N GLY A 238 3.45 29.02 40.38
CA GLY A 238 4.62 29.71 39.85
C GLY A 238 4.93 29.46 38.39
N LYS A 239 4.06 28.79 37.64
CA LYS A 239 4.31 28.58 36.21
C LYS A 239 2.98 28.41 35.49
N ASN A 240 2.96 28.79 34.22
CA ASN A 240 1.73 28.72 33.44
C ASN A 240 1.55 27.34 32.84
N PHE A 241 0.29 26.91 32.77
CA PHE A 241 -0.08 25.61 32.21
C PHE A 241 -0.82 25.79 30.88
N ASN A 242 -0.78 24.72 30.08
CA ASN A 242 -1.53 24.61 28.84
C ASN A 242 -2.28 23.30 28.93
N MET A 243 -3.31 23.13 28.09
CA MET A 243 -4.12 21.93 28.19
C MET A 243 -4.52 21.39 26.83
N ARG A 244 -4.79 20.10 26.82
CA ARG A 244 -5.41 19.40 25.71
C ARG A 244 -6.55 18.57 26.25
N TRP A 245 -7.57 18.33 25.43
CA TRP A 245 -8.50 17.26 25.74
C TRP A 245 -8.95 16.65 24.42
N ILE A 246 -8.44 15.47 24.14
CA ILE A 246 -8.71 14.82 22.87
C ILE A 246 -9.91 13.90 22.99
N ALA A 247 -10.24 13.44 24.21
CA ALA A 247 -11.26 12.41 24.46
C ALA A 247 -10.94 11.08 23.79
N SER A 248 -9.67 10.85 23.44
CA SER A 248 -9.10 9.53 23.24
C SER A 248 -8.02 9.40 24.30
N MET A 249 -8.26 8.56 25.31
CA MET A 249 -7.24 8.37 26.35
C MET A 249 -5.90 8.00 25.76
N VAL A 250 -5.92 7.14 24.72
CA VAL A 250 -4.69 6.68 24.11
C VAL A 250 -3.92 7.84 23.52
N ALA A 251 -4.61 8.81 22.95
CA ALA A 251 -3.93 9.96 22.37
C ALA A 251 -3.33 10.85 23.45
N ASP A 252 -4.08 11.11 24.51
CA ASP A 252 -3.56 11.95 25.57
C ASP A 252 -2.37 11.28 26.26
N VAL A 253 -2.48 9.97 26.53
CA VAL A 253 -1.34 9.31 27.15
C VAL A 253 -0.17 9.22 26.20
N HIS A 254 -0.44 9.08 24.90
CA HIS A 254 0.67 8.95 23.96
C HIS A 254 1.47 10.24 23.91
N ARG A 255 0.79 11.38 24.00
CA ARG A 255 1.51 12.63 24.15
C ARG A 255 2.33 12.64 25.44
N ILE A 256 1.75 12.14 26.55
CA ILE A 256 2.47 12.18 27.83
C ILE A 256 3.69 11.25 27.81
N LEU A 257 3.54 10.07 27.21
CA LEU A 257 4.66 9.16 27.07
C LEU A 257 5.74 9.73 26.16
N THR A 258 5.39 10.68 25.29
CA THR A 258 6.36 11.29 24.40
C THR A 258 7.01 12.52 25.02
N ARG A 259 6.24 13.39 25.67
CA ARG A 259 6.84 14.63 26.15
C ARG A 259 6.34 15.06 27.53
N GLY A 260 5.80 14.15 28.33
CA GLY A 260 5.33 14.51 29.66
C GLY A 260 3.94 15.12 29.66
N GLY A 261 3.43 15.33 30.87
CA GLY A 261 2.09 15.84 31.07
C GLY A 261 1.36 15.04 32.14
N ILE A 262 0.17 15.52 32.47
CA ILE A 262 -0.74 14.82 33.36
C ILE A 262 -2.09 14.65 32.65
N PHE A 263 -2.73 13.51 32.88
CA PHE A 263 -4.05 13.20 32.35
C PHE A 263 -4.90 12.86 33.55
N ILE A 264 -6.10 13.42 33.62
CA ILE A 264 -6.95 13.21 34.77
C ILE A 264 -8.37 12.94 34.29
N TYR A 265 -8.97 11.84 34.77
CA TYR A 265 -10.42 11.67 34.69
C TYR A 265 -10.87 11.33 36.10
N PRO A 266 -11.35 12.31 36.83
CA PRO A 266 -11.59 12.14 38.26
C PRO A 266 -13.03 11.72 38.48
N TRP A 267 -13.32 11.33 39.73
CA TRP A 267 -14.69 11.24 40.19
C TRP A 267 -15.43 12.55 39.90
N ASP A 268 -16.71 12.45 39.57
CA ASP A 268 -17.55 13.64 39.56
C ASP A 268 -18.95 13.26 40.04
N LYS A 269 -19.75 14.28 40.36
CA LYS A 269 -21.06 14.07 40.97
C LYS A 269 -22.17 13.82 39.95
N LYS A 270 -21.87 13.69 38.65
CA LYS A 270 -22.90 13.41 37.67
C LYS A 270 -23.52 12.04 37.91
N ASP A 271 -22.70 11.05 38.22
CA ASP A 271 -23.16 9.71 38.61
C ASP A 271 -22.44 9.39 39.92
N PRO A 272 -23.04 9.76 41.06
CA PRO A 272 -22.28 9.72 42.33
C PRO A 272 -21.91 8.32 42.75
N SER A 273 -22.72 7.32 42.40
CA SER A 273 -22.41 5.93 42.73
C SER A 273 -21.18 5.43 41.98
N LYS A 274 -20.92 5.95 40.77
CA LYS A 274 -19.79 5.51 39.96
C LYS A 274 -18.51 6.11 40.51
N ALA A 275 -17.54 5.25 40.85
CA ALA A 275 -16.29 5.70 41.44
C ALA A 275 -15.47 6.52 40.47
N GLY A 276 -15.79 6.46 39.18
CA GLY A 276 -15.05 7.20 38.16
C GLY A 276 -15.64 6.89 36.81
N LYS A 277 -14.95 7.32 35.76
CA LYS A 277 -15.38 7.07 34.40
C LYS A 277 -14.61 5.92 33.75
N LEU A 278 -13.29 5.95 33.82
CA LEU A 278 -12.48 4.90 33.23
C LEU A 278 -12.56 3.60 34.04
N ARG A 279 -12.40 2.48 33.36
CA ARG A 279 -12.49 1.17 33.98
C ARG A 279 -11.11 0.72 34.45
N LEU A 280 -11.08 0.16 35.66
CA LEU A 280 -9.82 -0.23 36.29
C LEU A 280 -9.08 -1.33 35.51
N MET A 281 -9.81 -2.38 35.12
CA MET A 281 -9.17 -3.54 34.50
C MET A 281 -8.81 -3.32 33.03
N TYR A 282 -9.60 -2.53 32.31
CA TYR A 282 -9.45 -2.40 30.86
C TYR A 282 -8.63 -1.20 30.46
N GLU A 283 -8.60 -0.15 31.27
CA GLU A 283 -7.96 1.11 30.91
C GLU A 283 -6.93 1.56 31.95
N ALA A 284 -7.35 1.73 33.21
CA ALA A 284 -6.45 2.33 34.20
C ALA A 284 -5.25 1.44 34.47
N ASN A 285 -5.47 0.14 34.67
CA ASN A 285 -4.35 -0.75 34.96
C ASN A 285 -3.37 -0.87 33.80
N PRO A 286 -3.79 -1.15 32.57
CA PRO A 286 -2.79 -1.22 31.47
C PRO A 286 -2.08 0.10 31.22
N MET A 287 -2.82 1.22 31.10
CA MET A 287 -2.17 2.51 30.92
C MET A 287 -1.33 2.88 32.14
N GLY A 288 -1.78 2.51 33.33
CA GLY A 288 -0.99 2.78 34.51
C GLY A 288 0.35 2.08 34.48
N LEU A 289 0.39 0.83 34.03
CA LEU A 289 1.65 0.10 33.98
C LEU A 289 2.60 0.71 32.94
N LEU A 290 2.07 1.09 31.77
CA LEU A 290 2.92 1.71 30.77
C LEU A 290 3.54 2.99 31.30
N VAL A 291 2.72 3.79 31.99
CA VAL A 291 3.19 5.06 32.47
C VAL A 291 4.24 4.86 33.56
N GLU A 292 4.01 3.93 34.50
CA GLU A 292 5.00 3.66 35.54
C GLU A 292 6.29 3.13 34.94
N GLN A 293 6.19 2.24 33.95
CA GLN A 293 7.38 1.71 33.29
C GLN A 293 8.10 2.76 32.46
N ALA A 294 7.48 3.91 32.20
CA ALA A 294 8.20 5.06 31.65
C ALA A 294 8.57 6.10 32.71
N GLY A 295 8.55 5.73 33.98
CA GLY A 295 8.93 6.66 35.04
C GLY A 295 7.81 7.61 35.44
N GLY A 296 6.58 7.35 35.00
CA GLY A 296 5.43 8.16 35.38
C GLY A 296 4.78 7.63 36.65
N ALA A 297 3.69 8.29 37.03
CA ALA A 297 2.92 7.86 38.19
C ALA A 297 1.47 7.69 37.78
N ALA A 298 0.78 6.80 38.51
CA ALA A 298 -0.56 6.36 38.16
C ALA A 298 -1.35 6.19 39.46
N TRP A 299 -2.13 7.21 39.83
CA TRP A 299 -2.82 7.27 41.12
C TRP A 299 -4.29 7.66 40.95
N THR A 300 -5.10 7.35 41.97
CA THR A 300 -6.53 7.63 41.95
C THR A 300 -6.85 9.03 42.42
N GLY A 301 -5.83 9.84 42.73
CA GLY A 301 -5.99 11.01 43.54
C GLY A 301 -5.66 10.77 45.00
N ARG A 302 -5.81 9.53 45.46
CA ARG A 302 -5.51 9.15 46.84
C ARG A 302 -4.69 7.88 46.99
N GLU A 303 -4.60 7.01 45.99
CA GLU A 303 -3.85 5.78 46.19
C GLU A 303 -3.34 5.26 44.86
N ARG A 304 -2.34 4.40 44.92
CA ARG A 304 -1.67 3.89 43.73
C ARG A 304 -2.61 2.97 42.96
N ILE A 305 -2.82 3.26 41.68
CA ILE A 305 -3.83 2.51 40.92
C ILE A 305 -3.48 1.02 40.88
N LEU A 306 -2.21 0.69 40.60
CA LEU A 306 -1.82 -0.70 40.39
C LEU A 306 -1.89 -1.56 41.64
N ASP A 307 -2.11 -0.99 42.83
CA ASP A 307 -2.26 -1.79 44.04
C ASP A 307 -3.71 -2.04 44.44
N ILE A 308 -4.68 -1.46 43.73
CA ILE A 308 -6.07 -1.73 44.07
C ILE A 308 -6.39 -3.18 43.79
N GLN A 309 -6.96 -3.86 44.77
CA GLN A 309 -7.55 -5.17 44.56
C GLN A 309 -8.94 -4.99 43.97
N PRO A 310 -9.16 -5.40 42.71
CA PRO A 310 -10.47 -5.20 42.08
C PRO A 310 -11.56 -6.06 42.72
N ASP A 311 -12.76 -5.49 42.75
CA ASP A 311 -13.94 -6.17 43.27
C ASP A 311 -14.84 -6.71 42.16
N GLN A 312 -14.88 -6.05 41.01
CA GLN A 312 -15.67 -6.52 39.91
C GLN A 312 -14.93 -6.26 38.62
N LEU A 313 -15.27 -7.06 37.61
CA LEU A 313 -14.58 -6.98 36.34
C LEU A 313 -14.63 -5.56 35.79
N HIS A 314 -15.76 -4.88 35.96
CA HIS A 314 -16.01 -3.60 35.30
C HIS A 314 -15.94 -2.42 36.25
N GLN A 315 -15.18 -2.57 37.33
CA GLN A 315 -15.02 -1.52 38.33
C GLN A 315 -14.46 -0.25 37.70
N ARG A 316 -14.97 0.89 38.14
CA ARG A 316 -14.49 2.20 37.71
C ARG A 316 -13.62 2.80 38.79
N VAL A 317 -12.69 3.67 38.38
CA VAL A 317 -11.72 4.26 39.29
C VAL A 317 -11.29 5.63 38.76
N PRO A 318 -11.09 6.63 39.62
CA PRO A 318 -10.45 7.87 39.14
C PRO A 318 -9.02 7.60 38.71
N VAL A 319 -8.55 8.38 37.73
CA VAL A 319 -7.26 8.15 37.10
CA VAL A 319 -7.26 8.15 37.07
C VAL A 319 -6.49 9.46 37.05
N PHE A 320 -5.28 9.44 37.61
CA PHE A 320 -4.33 10.55 37.57
C PHE A 320 -3.02 9.97 37.05
N LEU A 321 -2.62 10.36 35.83
CA LEU A 321 -1.56 9.68 35.08
C LEU A 321 -0.55 10.67 34.54
N GLY A 322 0.72 10.32 34.63
CA GLY A 322 1.70 11.11 33.90
C GLY A 322 2.90 11.51 34.72
N SER A 323 3.51 12.65 34.37
CA SER A 323 4.66 13.19 35.09
C SER A 323 4.47 13.04 36.59
N ARG A 324 5.44 12.38 37.22
CA ARG A 324 5.21 11.89 38.57
C ARG A 324 5.18 13.04 39.58
N GLU A 325 5.87 14.14 39.32
CA GLU A 325 5.82 15.25 40.27
C GLU A 325 4.46 15.91 40.25
N GLU A 326 3.83 15.97 39.07
CA GLU A 326 2.53 16.60 38.94
C GLU A 326 1.44 15.71 39.54
N VAL A 327 1.51 14.39 39.29
CA VAL A 327 0.60 13.47 39.96
C VAL A 327 0.77 13.60 41.47
N ALA A 328 2.01 13.76 41.94
CA ALA A 328 2.23 13.92 43.37
C ALA A 328 1.59 15.20 43.87
N GLU A 329 1.69 16.28 43.11
CA GLU A 329 0.99 17.51 43.50
C GLU A 329 -0.51 17.27 43.60
N ALA A 330 -1.12 16.64 42.57
CA ALA A 330 -2.56 16.48 42.58
C ALA A 330 -3.00 15.61 43.75
N VAL A 331 -2.25 14.55 44.04
CA VAL A 331 -2.53 13.72 45.19
C VAL A 331 -2.50 14.54 46.48
N ARG A 332 -1.53 15.47 46.60
CA ARG A 332 -1.40 16.25 47.83
C ARG A 332 -2.63 17.10 48.11
N TYR A 333 -3.16 17.78 47.08
CA TYR A 333 -4.41 18.52 47.23
C TYR A 333 -5.50 17.64 47.83
N HIS A 334 -5.58 16.37 47.42
CA HIS A 334 -6.62 15.49 47.92
C HIS A 334 -6.34 15.06 49.36
N HIS A 335 -5.11 14.64 49.65
CA HIS A 335 -4.78 14.25 51.03
C HIS A 335 -4.92 15.43 51.99
N ALA A 336 -4.62 16.65 51.53
CA ALA A 336 -4.75 17.80 52.42
C ALA A 336 -6.20 18.12 52.70
N HIS A 337 -7.07 17.89 51.71
CA HIS A 337 -8.50 18.13 51.91
C HIS A 337 -9.09 17.08 52.86
N ASP A 338 -8.78 15.81 52.64
CA ASP A 338 -9.28 14.76 53.51
C ASP A 338 -8.84 14.98 54.95
N ASN A 339 -7.66 15.53 55.16
CA ASN A 339 -7.11 15.70 56.50
C ASN A 339 -7.48 17.01 57.15
N ALA A 340 -8.16 17.91 56.44
CA ALA A 340 -8.50 19.20 57.01
C ALA A 340 -9.53 19.06 58.12
N HIS B 7 -17.78 5.67 -5.05
CA HIS B 7 -16.90 5.49 -6.20
C HIS B 7 -16.79 6.75 -7.05
N HIS B 8 -17.07 7.92 -6.46
CA HIS B 8 -17.05 9.19 -7.17
C HIS B 8 -15.71 9.89 -6.94
N MET B 9 -14.88 9.91 -7.97
CA MET B 9 -13.51 10.37 -7.83
C MET B 9 -13.46 11.88 -7.80
N LEU B 10 -12.49 12.40 -7.04
CA LEU B 10 -12.27 13.83 -7.00
C LEU B 10 -12.08 14.41 -8.38
N THR B 11 -11.32 13.72 -9.25
CA THR B 11 -11.08 14.25 -10.59
C THR B 11 -12.38 14.40 -11.35
N ARG B 12 -13.26 13.39 -11.28
CA ARG B 12 -14.56 13.49 -11.94
C ARG B 12 -15.44 14.54 -11.26
N PHE B 13 -15.35 14.67 -9.94
CA PHE B 13 -16.12 15.70 -9.26
C PHE B 13 -15.78 17.08 -9.81
N LEU B 14 -14.47 17.35 -9.96
CA LEU B 14 -14.04 18.67 -10.42
C LEU B 14 -14.45 18.92 -11.86
N ILE B 15 -14.41 17.87 -12.69
CA ILE B 15 -14.85 18.02 -14.08
C ILE B 15 -16.34 18.34 -14.11
N GLN B 16 -17.14 17.70 -13.24
CA GLN B 16 -18.55 18.06 -13.17
C GLN B 16 -18.72 19.51 -12.73
N GLU B 17 -17.90 19.97 -11.78
CA GLU B 17 -17.99 21.37 -11.37
C GLU B 17 -17.68 22.31 -12.53
N GLN B 18 -16.82 21.88 -13.47
CA GLN B 18 -16.55 22.74 -14.63
C GLN B 18 -17.72 22.72 -15.60
N HIS B 19 -18.21 21.52 -15.94
CA HIS B 19 -19.38 21.42 -16.79
CA HIS B 19 -19.41 21.37 -16.75
C HIS B 19 -20.58 22.14 -16.18
N ALA B 20 -20.66 22.25 -14.86
CA ALA B 20 -21.73 23.00 -14.21
C ALA B 20 -21.53 24.49 -14.27
N GLY B 21 -20.37 24.97 -14.72
CA GLY B 21 -20.10 26.38 -14.80
C GLY B 21 -19.69 27.03 -13.48
N ARG B 22 -19.34 26.25 -12.46
CA ARG B 22 -18.95 26.82 -11.18
C ARG B 22 -17.46 27.13 -11.09
N ILE B 23 -16.62 26.39 -11.83
CA ILE B 23 -15.20 26.68 -11.91
C ILE B 23 -14.77 26.54 -13.36
N ASN B 24 -13.64 27.14 -13.70
CA ASN B 24 -13.09 26.94 -15.03
C ASN B 24 -11.97 25.90 -14.98
N ALA B 25 -11.40 25.62 -16.15
CA ALA B 25 -10.38 24.60 -16.24
C ALA B 25 -9.16 24.95 -15.40
N ASP B 26 -8.81 26.25 -15.35
CA ASP B 26 -7.63 26.69 -14.60
C ASP B 26 -7.74 26.36 -13.11
N LEU B 27 -8.88 26.67 -12.51
CA LEU B 27 -9.04 26.43 -11.08
C LEU B 27 -9.14 24.94 -10.77
N ARG B 28 -9.79 24.17 -11.65
CA ARG B 28 -9.84 22.73 -11.50
C ARG B 28 -8.45 22.13 -11.46
N GLN B 29 -7.56 22.59 -12.35
CA GLN B 29 -6.21 22.04 -12.40
C GLN B 29 -5.40 22.47 -11.17
N LEU B 30 -5.59 23.70 -10.70
CA LEU B 30 -4.89 24.11 -9.48
C LEU B 30 -5.32 23.26 -8.28
N ILE B 31 -6.62 23.00 -8.16
CA ILE B 31 -7.07 22.15 -7.06
C ILE B 31 -6.51 20.75 -7.20
N ALA B 32 -6.26 20.29 -8.42
CA ALA B 32 -5.60 19.00 -8.63
C ALA B 32 -4.16 19.04 -8.11
N VAL B 33 -3.45 20.13 -8.39
CA VAL B 33 -2.09 20.29 -7.89
C VAL B 33 -2.07 20.24 -6.37
N VAL B 34 -3.01 20.97 -5.74
CA VAL B 34 -3.08 21.00 -4.28
C VAL B 34 -3.39 19.62 -3.71
N ALA B 35 -4.35 18.92 -4.33
CA ALA B 35 -4.71 17.57 -3.89
C ALA B 35 -3.51 16.64 -3.94
N ARG B 36 -2.72 16.75 -5.01
CA ARG B 36 -1.54 15.90 -5.14
C ARG B 36 -0.52 16.24 -4.06
N ALA B 37 -0.31 17.54 -3.81
CA ALA B 37 0.62 17.95 -2.77
C ALA B 37 0.19 17.43 -1.40
N CYS B 38 -1.10 17.47 -1.10
CA CYS B 38 -1.59 16.94 0.17
C CYS B 38 -1.44 15.43 0.23
N THR B 39 -1.60 14.74 -0.91
CA THR B 39 -1.40 13.31 -0.92
C THR B 39 0.03 12.98 -0.52
N SER B 40 0.98 13.76 -1.05
CA SER B 40 2.40 13.55 -0.75
C SER B 40 2.71 13.83 0.71
N ILE B 41 2.15 14.90 1.26
CA ILE B 41 2.28 15.14 2.69
C ILE B 41 1.70 13.98 3.48
N SER B 42 0.51 13.52 3.08
CA SER B 42 -0.14 12.41 3.76
C SER B 42 0.78 11.20 3.84
N ILE B 43 1.45 10.87 2.73
CA ILE B 43 2.33 9.70 2.72
C ILE B 43 3.52 9.89 3.66
N ALA B 44 4.14 11.08 3.66
CA ALA B 44 5.27 11.31 4.54
C ALA B 44 4.86 11.22 6.01
N VAL B 45 3.74 11.85 6.37
CA VAL B 45 3.23 11.80 7.74
C VAL B 45 2.84 10.39 8.14
N SER B 46 2.31 9.58 7.21
CA SER B 46 1.90 8.23 7.56
C SER B 46 3.08 7.35 7.93
N LYS B 47 4.28 7.68 7.49
CA LYS B 47 5.44 6.86 7.81
C LYS B 47 5.98 7.15 9.21
N GLY B 48 5.55 8.25 9.84
CA GLY B 48 6.05 8.57 11.17
C GLY B 48 7.57 8.70 11.18
N ALA B 49 8.20 8.10 12.19
CA ALA B 49 9.65 8.16 12.33
C ALA B 49 10.36 7.29 11.30
N LEU B 50 9.65 6.38 10.65
CA LEU B 50 10.24 5.53 9.63
C LEU B 50 10.47 6.25 8.32
N GLY B 51 9.77 7.36 8.08
CA GLY B 51 9.82 7.94 6.77
C GLY B 51 10.48 9.29 6.57
N GLY B 52 10.50 10.13 7.60
CA GLY B 52 11.13 11.42 7.40
C GLY B 52 10.62 12.61 8.20
N VAL B 53 9.31 12.88 8.19
CA VAL B 53 8.82 14.05 8.93
C VAL B 53 9.30 13.97 10.37
N LEU B 54 9.22 12.79 10.97
CA LEU B 54 9.77 12.56 12.29
C LEU B 54 11.13 11.89 12.21
N GLN B 63 7.91 19.31 16.47
CA GLN B 63 9.29 19.40 15.99
C GLN B 63 9.40 20.47 14.92
N GLY B 64 10.32 21.43 15.13
CA GLY B 64 10.64 22.39 14.09
C GLY B 64 11.21 21.72 12.85
N GLU B 65 12.02 20.68 13.06
CA GLU B 65 12.54 19.92 11.92
C GLU B 65 11.41 19.26 11.14
N ALA B 66 10.35 18.84 11.82
CA ALA B 66 9.23 18.24 11.10
C ALA B 66 8.54 19.28 10.21
N GLN B 67 8.30 20.48 10.74
CA GLN B 67 7.66 21.51 9.94
C GLN B 67 8.51 21.91 8.73
N LYS B 68 9.83 22.05 8.92
CA LYS B 68 10.69 22.44 7.81
C LYS B 68 10.65 21.41 6.69
N LYS B 69 10.62 20.11 7.05
CA LYS B 69 10.52 19.07 6.04
C LYS B 69 9.20 19.16 5.28
N LEU B 70 8.13 19.58 5.95
CA LEU B 70 6.86 19.75 5.26
C LEU B 70 6.83 21.04 4.43
N ASP B 71 7.52 22.09 4.89
CA ASP B 71 7.67 23.28 4.07
C ASP B 71 8.43 22.96 2.79
N VAL B 72 9.41 22.06 2.87
CA VAL B 72 10.20 21.72 1.69
C VAL B 72 9.37 20.91 0.72
N ILE B 73 8.66 19.89 1.22
CA ILE B 73 7.80 19.07 0.37
C ILE B 73 6.71 19.92 -0.27
N SER B 74 6.16 20.87 0.48
CA SER B 74 5.11 21.72 -0.08
C SER B 74 5.68 22.69 -1.10
N ASN B 75 6.74 23.42 -0.75
CA ASN B 75 7.28 24.46 -1.64
C ASN B 75 7.83 23.88 -2.94
N GLU B 76 8.38 22.66 -2.92
CA GLU B 76 8.87 22.05 -4.15
C GLU B 76 7.73 21.80 -5.14
N ILE B 77 6.67 21.12 -4.69
CA ILE B 77 5.54 20.85 -5.57
C ILE B 77 4.89 22.15 -6.04
N LEU B 78 4.80 23.14 -5.13
CA LEU B 78 4.12 24.39 -5.49
C LEU B 78 4.95 25.30 -6.37
N LEU B 79 6.28 25.19 -6.34
CA LEU B 79 7.10 25.99 -7.23
C LEU B 79 7.18 25.43 -8.64
N GLU B 80 6.81 24.16 -8.85
CA GLU B 80 6.64 23.61 -10.18
C GLU B 80 5.18 23.47 -10.56
N ALA B 81 4.28 24.13 -9.81
CA ALA B 81 2.85 23.99 -10.05
C ALA B 81 2.46 24.42 -11.45
N ASN B 82 3.04 25.52 -11.94
CA ASN B 82 2.64 26.01 -13.26
C ASN B 82 3.12 25.13 -14.40
N ALA B 83 4.04 24.20 -14.17
CA ALA B 83 4.34 23.21 -15.19
C ALA B 83 3.22 22.19 -15.35
N TRP B 84 2.35 22.05 -14.33
CA TRP B 84 1.33 21.02 -14.26
C TRP B 84 -0.08 21.59 -14.06
N GLY B 85 -0.35 22.78 -14.57
CA GLY B 85 -1.67 23.36 -14.45
C GLY B 85 -1.92 24.16 -13.18
N GLY B 86 -0.89 24.81 -12.62
CA GLY B 86 -1.11 25.58 -11.42
C GLY B 86 -1.86 26.87 -11.67
N HIS B 87 -1.54 27.54 -12.78
CA HIS B 87 -2.11 28.84 -13.14
C HIS B 87 -1.94 29.85 -12.01
N LEU B 88 -0.80 29.74 -11.33
CA LEU B 88 -0.48 30.56 -10.19
C LEU B 88 0.26 31.83 -10.63
N ALA B 89 -0.08 32.94 -10.00
CA ALA B 89 0.74 34.14 -10.11
C ALA B 89 1.69 34.30 -8.94
N ALA B 90 1.28 33.87 -7.75
CA ALA B 90 2.14 34.00 -6.58
C ALA B 90 1.62 33.08 -5.49
N CYS B 91 2.50 32.81 -4.52
CA CYS B 91 2.22 31.87 -3.44
C CYS B 91 2.67 32.49 -2.14
N ALA B 92 1.91 32.27 -1.07
CA ALA B 92 2.28 32.71 0.27
C ALA B 92 2.16 31.54 1.22
N SER B 93 3.28 31.17 1.85
CA SER B 93 3.29 30.11 2.85
C SER B 93 3.25 30.73 4.23
N GLU B 94 2.47 30.10 5.13
CA GLU B 94 2.36 30.58 6.49
CA GLU B 94 2.35 30.57 6.50
C GLU B 94 3.71 30.69 7.18
N GLU B 95 4.70 29.90 6.73
CA GLU B 95 6.02 29.93 7.35
C GLU B 95 6.84 31.13 6.91
N MET B 96 6.62 31.63 5.70
CA MET B 96 7.37 32.74 5.14
C MET B 96 6.73 34.08 5.50
N ASP B 97 7.58 35.10 5.65
CA ASP B 97 7.07 36.43 5.98
C ASP B 97 6.34 37.06 4.79
N HIS B 98 6.80 36.79 3.58
CA HIS B 98 6.27 37.43 2.39
C HIS B 98 5.86 36.40 1.35
N SER B 99 4.99 36.82 0.44
CA SER B 99 4.59 35.98 -0.66
C SER B 99 5.72 35.88 -1.69
N GLN B 100 5.68 34.80 -2.47
CA GLN B 100 6.71 34.53 -3.46
C GLN B 100 6.12 34.52 -4.87
N PRO B 101 6.75 35.18 -5.83
CA PRO B 101 6.29 35.07 -7.23
C PRO B 101 6.57 33.68 -7.77
N VAL B 102 5.80 33.32 -8.80
CA VAL B 102 6.03 32.05 -9.49
C VAL B 102 7.14 32.24 -10.52
N PRO B 103 7.86 31.19 -10.88
CA PRO B 103 8.91 31.33 -11.90
C PRO B 103 8.35 31.68 -13.27
N ASP B 104 9.13 32.48 -14.01
CA ASP B 104 8.77 32.85 -15.38
C ASP B 104 8.94 31.69 -16.37
N ILE B 105 9.70 30.66 -16.02
CA ILE B 105 9.96 29.55 -16.95
C ILE B 105 8.65 28.87 -17.36
N TYR B 106 7.69 28.80 -16.46
CA TYR B 106 6.41 28.18 -16.76
C TYR B 106 5.34 29.25 -16.94
N PRO B 107 4.26 28.96 -17.66
CA PRO B 107 3.23 29.99 -17.89
C PRO B 107 2.60 30.44 -16.58
N ARG B 108 2.36 31.74 -16.47
CA ARG B 108 1.73 32.32 -15.29
C ARG B 108 0.21 32.36 -15.47
N GLY B 109 -0.50 32.30 -14.34
CA GLY B 109 -1.94 32.37 -14.35
C GLY B 109 -2.47 33.45 -13.43
N ASP B 110 -3.75 33.36 -13.09
CA ASP B 110 -4.45 34.47 -12.45
C ASP B 110 -4.80 34.19 -11.00
N PHE B 111 -4.14 33.23 -10.35
CA PHE B 111 -4.53 32.77 -9.01
C PHE B 111 -3.45 33.11 -7.99
N LEU B 112 -3.89 33.43 -6.79
CA LEU B 112 -3.01 33.61 -5.64
C LEU B 112 -3.29 32.49 -4.66
N LEU B 113 -2.27 31.73 -4.29
CA LEU B 113 -2.45 30.59 -3.41
C LEU B 113 -1.88 30.90 -2.04
N LEU B 114 -2.69 30.72 -1.01
CA LEU B 114 -2.22 30.75 0.36
C LEU B 114 -2.20 29.31 0.87
N PHE B 115 -1.09 28.94 1.47
CA PHE B 115 -0.83 27.55 1.84
C PHE B 115 -0.34 27.54 3.27
N ASP B 116 -0.96 26.70 4.09
CA ASP B 116 -0.52 26.46 5.45
C ASP B 116 -0.12 24.99 5.51
N PRO B 117 1.17 24.68 5.35
CA PRO B 117 1.55 23.27 5.16
C PRO B 117 1.27 22.39 6.36
N LEU B 118 1.46 22.90 7.58
CA LEU B 118 1.29 22.08 8.78
C LEU B 118 0.45 22.86 9.79
N ASP B 119 -0.81 22.49 9.90
CA ASP B 119 -1.66 22.98 10.97
C ASP B 119 -1.62 21.98 12.13
N GLY B 120 -1.56 22.52 13.35
CA GLY B 120 -1.41 21.73 14.55
C GLY B 120 0.00 21.25 14.79
N SER B 121 0.99 22.15 14.70
CA SER B 121 2.38 21.71 14.78
C SER B 121 2.73 21.08 16.13
N SER B 122 2.04 21.48 17.21
CA SER B 122 2.37 20.85 18.49
C SER B 122 1.97 19.38 18.54
N ASN B 123 1.24 18.88 17.54
CA ASN B 123 0.81 17.50 17.49
C ASN B 123 1.60 16.64 16.50
N ILE B 124 2.58 17.20 15.79
CA ILE B 124 3.22 16.45 14.71
C ILE B 124 3.97 15.22 15.25
N ASP B 125 4.52 15.31 16.45
CA ASP B 125 5.33 14.26 17.05
C ASP B 125 4.54 13.35 17.98
N VAL B 126 3.25 13.58 18.20
CA VAL B 126 2.53 12.75 19.16
C VAL B 126 1.32 12.05 18.52
N ASN B 127 1.33 11.92 17.20
CA ASN B 127 0.42 11.01 16.47
C ASN B 127 -1.05 11.35 16.72
N VAL B 128 -1.33 12.65 16.79
CA VAL B 128 -2.68 13.20 16.74
C VAL B 128 -2.86 13.86 15.38
N SER B 129 -4.09 13.81 14.86
CA SER B 129 -4.41 14.38 13.56
C SER B 129 -3.88 15.80 13.40
N VAL B 130 -3.25 16.06 12.25
CA VAL B 130 -2.79 17.37 11.85
C VAL B 130 -3.35 17.64 10.46
N GLY B 131 -2.99 18.78 9.86
CA GLY B 131 -3.62 19.17 8.61
C GLY B 131 -2.85 20.20 7.81
N THR B 132 -3.33 20.38 6.58
CA THR B 132 -2.89 21.41 5.66
C THR B 132 -4.10 22.27 5.32
N ILE B 133 -3.92 23.59 5.27
CA ILE B 133 -5.01 24.52 4.95
C ILE B 133 -4.61 25.35 3.73
N PHE B 134 -5.57 25.61 2.83
CA PHE B 134 -5.22 26.38 1.66
C PHE B 134 -6.40 27.25 1.26
N SER B 135 -6.08 28.32 0.55
CA SER B 135 -7.02 29.35 0.15
C SER B 135 -6.59 29.86 -1.21
N VAL B 136 -7.55 30.08 -2.11
CA VAL B 136 -7.27 30.54 -3.46
C VAL B 136 -7.97 31.87 -3.68
N LEU B 137 -7.20 32.90 -4.01
CA LEU B 137 -7.72 34.19 -4.42
C LEU B 137 -7.40 34.42 -5.90
N ARG B 138 -8.15 35.34 -6.51
CA ARG B 138 -7.88 35.77 -7.87
C ARG B 138 -6.95 36.97 -7.84
N CYS B 139 -5.95 36.94 -8.71
CA CYS B 139 -5.05 38.07 -8.84
C CYS B 139 -5.76 39.24 -9.53
N PRO B 140 -5.69 40.45 -9.00
CA PRO B 140 -6.28 41.60 -9.69
C PRO B 140 -5.61 41.81 -11.04
N THR B 141 -6.39 42.31 -12.00
CA THR B 141 -5.93 42.44 -13.39
C THR B 141 -5.08 43.68 -13.66
N GLU B 144 -0.33 42.67 -12.70
CA GLU B 144 0.90 41.99 -13.10
C GLU B 144 1.96 42.10 -12.01
N LEU B 145 2.81 41.08 -11.91
CA LEU B 145 3.83 40.97 -10.88
C LEU B 145 3.27 41.18 -9.46
N PRO B 146 2.38 40.29 -9.02
CA PRO B 146 1.71 40.51 -7.72
C PRO B 146 2.67 40.36 -6.55
N GLY B 147 2.46 41.21 -5.54
CA GLY B 147 3.25 41.22 -4.33
C GLY B 147 2.36 40.95 -3.14
N ASP B 148 2.83 41.23 -1.93
CA ASP B 148 2.04 40.96 -0.73
C ASP B 148 0.70 41.67 -0.78
N ASP B 149 0.69 42.88 -1.35
CA ASP B 149 -0.51 43.71 -1.34
C ASP B 149 -1.64 43.10 -2.18
N ALA B 150 -1.30 42.33 -3.22
CA ALA B 150 -2.33 41.68 -4.03
C ALA B 150 -3.08 40.60 -3.27
N PHE B 151 -2.52 40.09 -2.17
CA PHE B 151 -3.20 39.08 -1.36
C PHE B 151 -4.21 39.65 -0.38
N LEU B 152 -4.23 40.97 -0.18
CA LEU B 152 -5.03 41.58 0.88
C LEU B 152 -6.48 41.75 0.42
N GLN B 153 -7.20 40.63 0.34
CA GLN B 153 -8.59 40.63 -0.04
C GLN B 153 -9.44 40.00 1.06
N PRO B 154 -10.65 40.51 1.27
CA PRO B 154 -11.55 39.89 2.25
C PRO B 154 -11.87 38.46 1.87
N GLY B 155 -12.15 37.65 2.88
CA GLY B 155 -12.40 36.23 2.70
C GLY B 155 -13.55 35.93 1.77
N SER B 156 -14.47 36.88 1.62
CA SER B 156 -15.58 36.72 0.70
C SER B 156 -15.15 36.67 -0.76
N LYS B 157 -13.89 37.03 -1.06
CA LYS B 157 -13.37 36.99 -2.43
C LYS B 157 -12.56 35.73 -2.70
N GLN B 158 -12.51 34.80 -1.76
CA GLN B 158 -11.89 33.52 -2.04
C GLN B 158 -12.70 32.79 -3.10
N ILE B 159 -12.00 32.19 -4.06
CA ILE B 159 -12.69 31.37 -5.05
C ILE B 159 -12.59 29.89 -4.73
N ALA B 160 -11.73 29.51 -3.78
CA ALA B 160 -11.64 28.13 -3.32
C ALA B 160 -11.00 28.13 -1.94
N ALA B 161 -11.37 27.14 -1.13
CA ALA B 161 -10.73 26.96 0.16
C ALA B 161 -10.86 25.50 0.56
N GLY B 162 -9.92 25.04 1.38
CA GLY B 162 -10.07 23.69 1.89
C GLY B 162 -8.97 23.33 2.83
N TYR B 163 -9.11 22.15 3.43
CA TYR B 163 -8.03 21.55 4.18
C TYR B 163 -7.91 20.07 3.86
N CYS B 164 -6.75 19.52 4.18
CA CYS B 164 -6.54 18.09 4.20
C CYS B 164 -6.19 17.69 5.62
N ILE B 165 -6.92 16.74 6.20
CA ILE B 165 -6.65 16.29 7.56
C ILE B 165 -5.99 14.93 7.50
N TYR B 166 -4.83 14.81 8.12
CA TYR B 166 -4.07 13.57 8.18
C TYR B 166 -4.40 12.91 9.51
N GLY B 167 -5.32 11.95 9.50
CA GLY B 167 -5.73 11.26 10.68
C GLY B 167 -5.58 9.79 10.45
N PRO B 168 -6.29 8.98 11.22
CA PRO B 168 -6.33 7.54 10.89
C PRO B 168 -6.70 7.31 9.44
N SER B 169 -7.60 8.14 8.88
CA SER B 169 -7.72 8.26 7.43
C SER B 169 -7.27 9.66 6.99
N THR B 170 -7.00 9.80 5.70
CA THR B 170 -6.65 11.09 5.11
C THR B 170 -7.86 11.63 4.37
N GLN B 171 -8.27 12.86 4.69
CA GLN B 171 -9.46 13.40 4.06
C GLN B 171 -9.22 14.83 3.62
N LEU B 172 -9.68 15.12 2.42
CA LEU B 172 -9.64 16.45 1.83
C LEU B 172 -11.05 17.02 1.86
N VAL B 173 -11.17 18.23 2.41
CA VAL B 173 -12.43 18.94 2.56
C VAL B 173 -12.29 20.26 1.81
N LEU B 174 -13.24 20.54 0.92
CA LEU B 174 -13.04 21.65 0.00
C LEU B 174 -14.37 22.33 -0.34
N THR B 175 -14.26 23.59 -0.72
CA THR B 175 -15.38 24.33 -1.26
C THR B 175 -14.90 25.23 -2.38
N VAL B 176 -15.75 25.40 -3.39
CA VAL B 176 -15.53 26.39 -4.43
C VAL B 176 -16.72 27.35 -4.49
N GLY B 177 -17.47 27.47 -3.38
CA GLY B 177 -18.62 28.36 -3.30
C GLY B 177 -19.98 27.71 -3.47
N HIS B 178 -20.07 26.38 -3.53
CA HIS B 178 -21.31 25.64 -3.71
C HIS B 178 -21.36 24.47 -2.72
N GLY B 179 -21.28 24.79 -1.43
CA GLY B 179 -21.22 23.78 -0.40
C GLY B 179 -19.81 23.27 -0.12
N THR B 180 -19.73 22.50 0.96
CA THR B 180 -18.48 21.97 1.49
C THR B 180 -18.53 20.46 1.39
N HIS B 181 -17.49 19.86 0.84
CA HIS B 181 -17.52 18.47 0.42
C HIS B 181 -16.24 17.77 0.86
N ALA B 182 -16.40 16.56 1.41
CA ALA B 182 -15.30 15.81 1.98
C ALA B 182 -14.97 14.61 1.10
N PHE B 183 -13.69 14.41 0.83
CA PHE B 183 -13.17 13.29 0.05
C PHE B 183 -12.19 12.50 0.92
N THR B 184 -12.25 11.17 0.83
CA THR B 184 -11.36 10.31 1.60
C THR B 184 -10.34 9.70 0.66
N LEU B 185 -9.08 9.68 1.10
CA LEU B 185 -8.00 9.15 0.26
C LEU B 185 -8.08 7.63 0.22
N ASP B 186 -8.19 7.09 -0.99
CA ASP B 186 -8.09 5.67 -1.25
C ASP B 186 -6.61 5.38 -1.43
N ARG B 187 -5.97 4.83 -0.39
CA ARG B 187 -4.52 4.69 -0.42
C ARG B 187 -4.08 3.71 -1.49
N GLU B 188 -4.90 2.69 -1.78
CA GLU B 188 -4.57 1.77 -2.86
C GLU B 188 -4.49 2.51 -4.18
N LYS B 189 -5.49 3.33 -4.49
CA LYS B 189 -5.51 4.03 -5.77
C LYS B 189 -4.69 5.30 -5.77
N GLY B 190 -4.37 5.86 -4.61
CA GLY B 190 -3.71 7.14 -4.58
C GLY B 190 -4.60 8.31 -4.96
N GLU B 191 -5.93 8.13 -4.93
CA GLU B 191 -6.87 9.15 -5.37
C GLU B 191 -7.91 9.41 -4.30
N PHE B 192 -8.41 10.65 -4.26
CA PHE B 192 -9.47 11.05 -3.35
C PHE B 192 -10.83 10.66 -3.90
N VAL B 193 -11.70 10.17 -3.01
CA VAL B 193 -13.03 9.65 -3.33
C VAL B 193 -14.06 10.41 -2.48
N LEU B 194 -15.12 10.89 -3.12
CA LEU B 194 -16.13 11.65 -2.40
C LEU B 194 -16.79 10.79 -1.33
N THR B 195 -16.76 11.25 -0.09
CA THR B 195 -17.40 10.48 0.97
C THR B 195 -18.47 11.25 1.75
N THR B 196 -18.49 12.58 1.70
CA THR B 196 -19.61 13.33 2.27
C THR B 196 -19.85 14.55 1.38
N GLU B 197 -20.90 14.49 0.58
CA GLU B 197 -21.34 15.65 -0.19
C GLU B 197 -22.19 16.56 0.68
N ASN B 198 -22.01 17.87 0.52
CA ASN B 198 -22.82 18.87 1.22
C ASN B 198 -22.78 18.68 2.74
N MET B 199 -21.59 18.80 3.31
CA MET B 199 -21.50 18.82 4.76
C MET B 199 -22.42 19.90 5.32
N GLN B 200 -23.08 19.60 6.44
CA GLN B 200 -23.98 20.54 7.07
C GLN B 200 -23.71 20.54 8.58
N ILE B 201 -23.51 21.73 9.12
CA ILE B 201 -23.25 21.91 10.54
C ILE B 201 -24.58 22.21 11.22
N PRO B 202 -25.03 21.38 12.15
CA PRO B 202 -26.29 21.67 12.83
C PRO B 202 -26.28 23.05 13.47
N ALA B 203 -27.45 23.70 13.46
CA ALA B 203 -27.56 25.09 13.90
C ALA B 203 -27.18 25.24 15.37
N ALA B 204 -27.56 24.28 16.19
CA ALA B 204 -27.30 24.28 17.62
C ALA B 204 -26.35 23.13 17.96
N THR B 205 -25.78 23.20 19.16
CA THR B 205 -24.79 22.23 19.59
C THR B 205 -24.65 22.26 21.10
N GLN B 206 -24.01 21.20 21.63
CA GLN B 206 -23.65 21.09 23.04
C GLN B 206 -22.15 20.84 23.22
N GLU B 207 -21.35 21.12 22.20
CA GLU B 207 -19.91 20.88 22.23
C GLU B 207 -19.17 22.16 21.89
N PHE B 208 -18.14 22.47 22.69
CA PHE B 208 -17.29 23.63 22.45
C PHE B 208 -15.82 23.22 22.44
N ALA B 209 -15.05 23.85 21.56
CA ALA B 209 -13.60 23.65 21.53
C ALA B 209 -12.95 24.99 21.83
N ILE B 210 -12.33 25.09 22.99
CA ILE B 210 -11.57 26.27 23.37
C ILE B 210 -10.45 25.82 24.30
N ASN B 211 -9.33 26.53 24.28
CA ASN B 211 -8.22 26.23 25.17
C ASN B 211 -8.51 26.84 26.55
N MET B 212 -9.11 26.03 27.42
CA MET B 212 -9.51 26.49 28.75
C MET B 212 -8.35 26.88 29.66
N SER B 213 -7.10 26.52 29.32
CA SER B 213 -6.01 26.96 30.17
C SER B 213 -5.79 28.47 30.07
N ASN B 214 -6.38 29.13 29.08
CA ASN B 214 -6.22 30.56 28.87
C ASN B 214 -7.32 31.40 29.50
N GLN B 215 -8.18 30.77 30.32
CA GLN B 215 -9.35 31.44 30.88
C GLN B 215 -9.01 32.78 31.54
N ARG B 216 -7.93 32.83 32.33
CA ARG B 216 -7.72 34.07 33.06
C ARG B 216 -7.30 35.22 32.17
N HIS B 217 -6.96 34.94 30.91
CA HIS B 217 -6.47 35.96 30.00
C HIS B 217 -7.56 36.55 29.08
N TRP B 218 -8.79 36.02 29.13
CA TRP B 218 -9.84 36.44 28.21
C TRP B 218 -10.53 37.72 28.70
N GLU B 219 -11.17 38.42 27.77
CA GLU B 219 -11.96 39.58 28.20
C GLU B 219 -13.26 39.10 28.83
N ALA B 220 -13.93 40.04 29.53
CA ALA B 220 -15.07 39.69 30.37
C ALA B 220 -16.20 38.97 29.63
N PRO B 221 -16.70 39.45 28.49
CA PRO B 221 -17.78 38.70 27.83
C PRO B 221 -17.35 37.29 27.47
N MET B 222 -16.07 37.11 27.11
CA MET B 222 -15.56 35.77 26.82
C MET B 222 -15.63 34.91 28.07
N GLN B 223 -15.21 35.45 29.22
CA GLN B 223 -15.26 34.67 30.46
C GLN B 223 -16.70 34.42 30.90
N ALA B 224 -17.59 35.40 30.75
CA ALA B 224 -18.99 35.17 31.08
C ALA B 224 -19.60 34.11 30.16
N TYR B 225 -19.29 34.16 28.87
CA TYR B 225 -19.82 33.15 27.96
C TYR B 225 -19.40 31.75 28.38
N VAL B 226 -18.10 31.55 28.63
CA VAL B 226 -17.60 30.23 29.01
C VAL B 226 -18.13 29.84 30.39
N GLY B 227 -18.19 30.79 31.33
CA GLY B 227 -18.77 30.49 32.63
C GLY B 227 -20.18 29.92 32.52
N ASP B 228 -20.97 30.44 31.57
CA ASP B 228 -22.31 29.91 31.39
C ASP B 228 -22.27 28.52 30.74
N LEU B 229 -21.29 28.25 29.88
CA LEU B 229 -21.12 26.89 29.35
C LEU B 229 -20.87 25.90 30.47
N LEU B 230 -19.95 26.25 31.37
CA LEU B 230 -19.66 25.41 32.52
C LEU B 230 -20.88 25.22 33.41
N ALA B 231 -21.68 26.28 33.60
CA ALA B 231 -22.87 26.16 34.44
C ALA B 231 -23.88 25.18 33.85
N GLY B 232 -23.98 25.11 32.52
CA GLY B 232 -24.80 24.07 31.91
C GLY B 232 -26.26 24.19 32.29
N LYS B 233 -26.88 23.06 32.67
CA LYS B 233 -28.30 23.04 33.02
C LYS B 233 -28.62 23.86 34.26
N GLU B 234 -27.66 24.12 35.13
CA GLU B 234 -27.92 24.93 36.32
C GLU B 234 -27.69 26.41 36.08
N GLY B 235 -27.47 26.82 34.83
CA GLY B 235 -27.31 28.23 34.52
C GLY B 235 -28.28 28.65 33.44
N THR B 236 -28.07 29.86 32.88
CA THR B 236 -29.01 30.44 31.92
C THR B 236 -29.16 29.62 30.64
N ARG B 237 -28.18 28.78 30.29
CA ARG B 237 -28.27 28.07 29.02
C ARG B 237 -29.27 26.91 29.08
N GLY B 238 -29.44 26.27 30.24
CA GLY B 238 -30.41 25.20 30.33
C GLY B 238 -30.01 23.90 29.65
N LYS B 239 -28.75 23.75 29.23
CA LYS B 239 -28.28 22.48 28.71
C LYS B 239 -26.82 22.32 29.10
N ASN B 240 -26.38 21.07 29.26
CA ASN B 240 -24.99 20.82 29.60
C ASN B 240 -24.13 20.78 28.35
N PHE B 241 -22.89 21.22 28.49
CA PHE B 241 -21.93 21.24 27.41
C PHE B 241 -20.81 20.25 27.66
N ASN B 242 -20.22 19.76 26.58
CA ASN B 242 -19.00 18.97 26.61
C ASN B 242 -17.96 19.70 25.81
N MET B 243 -16.69 19.35 26.01
CA MET B 243 -15.64 20.09 25.32
C MET B 243 -14.54 19.15 24.82
N ARG B 244 -13.84 19.62 23.80
CA ARG B 244 -12.60 19.03 23.31
C ARG B 244 -11.62 20.18 23.13
N TRP B 245 -10.32 19.86 23.19
CA TRP B 245 -9.31 20.77 22.68
C TRP B 245 -8.18 19.92 22.13
N ILE B 246 -8.05 19.89 20.82
CA ILE B 246 -7.06 19.04 20.16
C ILE B 246 -5.78 19.82 19.87
N ALA B 247 -5.90 21.15 19.72
CA ALA B 247 -4.81 22.05 19.31
C ALA B 247 -4.30 21.75 17.89
N SER B 248 -5.12 21.10 17.09
CA SER B 248 -5.03 21.11 15.62
C SER B 248 -6.34 21.74 15.18
N MET B 249 -6.29 22.95 14.63
CA MET B 249 -7.54 23.56 14.23
C MET B 249 -8.30 22.68 13.24
N VAL B 250 -7.57 22.03 12.31
CA VAL B 250 -8.26 21.21 11.30
CA VAL B 250 -8.26 21.22 11.31
C VAL B 250 -9.05 20.10 11.97
N ALA B 251 -8.51 19.51 13.02
CA ALA B 251 -9.24 18.42 13.67
C ALA B 251 -10.48 18.93 14.37
N ASP B 252 -10.38 20.07 15.05
CA ASP B 252 -11.56 20.59 15.76
C ASP B 252 -12.63 21.02 14.76
N VAL B 253 -12.25 21.71 13.70
CA VAL B 253 -13.25 22.09 12.73
C VAL B 253 -13.80 20.88 12.00
N HIS B 254 -12.96 19.84 11.82
CA HIS B 254 -13.44 18.67 11.12
C HIS B 254 -14.55 17.99 11.90
N ARG B 255 -14.41 17.95 13.22
CA ARG B 255 -15.49 17.46 14.07
C ARG B 255 -16.74 18.31 13.91
N ILE B 256 -16.58 19.63 13.87
CA ILE B 256 -17.73 20.52 13.78
C ILE B 256 -18.44 20.35 12.44
N LEU B 257 -17.66 20.21 11.36
CA LEU B 257 -18.25 19.97 10.05
C LEU B 257 -18.98 18.64 10.01
N THR B 258 -18.56 17.69 10.84
CA THR B 258 -19.20 16.38 10.86
C THR B 258 -20.45 16.38 11.73
N ARG B 259 -20.40 16.97 12.92
CA ARG B 259 -21.50 16.81 13.86
C ARG B 259 -21.83 18.08 14.67
N GLY B 260 -21.40 19.26 14.23
CA GLY B 260 -21.71 20.48 14.94
C GLY B 260 -20.72 20.75 16.06
N GLY B 261 -20.87 21.93 16.64
CA GLY B 261 -19.99 22.41 17.69
C GLY B 261 -19.54 23.83 17.42
N ILE B 262 -18.84 24.38 18.40
CA ILE B 262 -18.22 25.71 18.27
C ILE B 262 -16.75 25.61 18.62
N PHE B 263 -15.93 26.32 17.85
CA PHE B 263 -14.49 26.41 18.02
C PHE B 263 -14.16 27.87 18.27
N ILE B 264 -13.44 28.15 19.34
CA ILE B 264 -13.10 29.52 19.70
C ILE B 264 -11.61 29.62 19.98
N TYR B 265 -10.95 30.55 19.29
CA TYR B 265 -9.64 31.04 19.73
C TYR B 265 -9.74 32.55 19.81
N PRO B 266 -10.01 33.09 20.99
CA PRO B 266 -10.33 34.51 21.11
C PRO B 266 -9.08 35.33 21.38
N TRP B 267 -9.27 36.65 21.37
CA TRP B 267 -8.29 37.57 21.91
C TRP B 267 -7.96 37.20 23.36
N ASP B 268 -6.72 37.42 23.76
CA ASP B 268 -6.38 37.31 25.17
C ASP B 268 -5.27 38.30 25.48
N LYS B 269 -5.04 38.53 26.76
CA LYS B 269 -4.10 39.56 27.21
C LYS B 269 -2.65 39.08 27.35
N LYS B 270 -2.33 37.84 26.95
CA LYS B 270 -0.94 37.39 27.04
C LYS B 270 -0.02 38.21 26.14
N ASP B 271 -0.49 38.51 24.92
CA ASP B 271 0.20 39.40 23.99
C ASP B 271 -0.80 40.45 23.57
N PRO B 272 -0.92 41.55 24.33
CA PRO B 272 -2.05 42.47 24.10
C PRO B 272 -2.04 43.12 22.73
N SER B 273 -0.85 43.35 22.16
CA SER B 273 -0.73 43.87 20.80
C SER B 273 -1.47 42.99 19.77
N LYS B 274 -1.30 41.66 19.86
CA LYS B 274 -1.87 40.76 18.87
C LYS B 274 -3.38 40.68 19.02
N ALA B 275 -4.09 40.88 17.89
CA ALA B 275 -5.55 40.80 17.89
C ALA B 275 -6.07 39.39 18.08
N GLY B 276 -5.23 38.38 17.92
CA GLY B 276 -5.69 37.02 18.11
C GLY B 276 -4.51 36.09 17.95
N LYS B 277 -4.79 34.78 17.95
CA LYS B 277 -3.77 33.78 17.71
C LYS B 277 -3.75 33.35 16.25
N LEU B 278 -4.92 32.98 15.72
CA LEU B 278 -5.02 32.49 14.36
C LEU B 278 -4.86 33.63 13.37
N ARG B 279 -4.34 33.29 12.19
CA ARG B 279 -4.07 34.25 11.11
C ARG B 279 -5.28 34.37 10.22
N LEU B 280 -5.66 35.62 9.90
CA LEU B 280 -6.83 35.88 9.07
C LEU B 280 -6.71 35.22 7.68
N MET B 281 -5.57 35.40 7.01
CA MET B 281 -5.46 35.00 5.62
C MET B 281 -5.25 33.50 5.47
N TYR B 282 -4.48 32.89 6.37
CA TYR B 282 -4.07 31.49 6.20
C TYR B 282 -4.96 30.51 6.92
N GLU B 283 -5.69 30.96 7.94
CA GLU B 283 -6.48 30.07 8.76
C GLU B 283 -7.94 30.48 8.87
N ALA B 284 -8.20 31.71 9.33
CA ALA B 284 -9.57 32.13 9.60
C ALA B 284 -10.41 32.16 8.33
N ASN B 285 -9.91 32.84 7.30
CA ASN B 285 -10.69 32.98 6.07
C ASN B 285 -11.00 31.66 5.38
N PRO B 286 -10.04 30.76 5.12
CA PRO B 286 -10.42 29.51 4.43
C PRO B 286 -11.31 28.62 5.26
N MET B 287 -11.00 28.45 6.56
CA MET B 287 -11.87 27.65 7.41
C MET B 287 -13.21 28.35 7.56
N GLY B 288 -13.21 29.68 7.60
CA GLY B 288 -14.46 30.40 7.68
C GLY B 288 -15.37 30.15 6.48
N LEU B 289 -14.78 30.10 5.28
CA LEU B 289 -15.59 29.84 4.09
C LEU B 289 -16.15 28.43 4.11
N LEU B 290 -15.32 27.45 4.47
CA LEU B 290 -15.78 26.08 4.58
C LEU B 290 -16.93 25.96 5.57
N VAL B 291 -16.81 26.62 6.72
CA VAL B 291 -17.85 26.53 7.73
C VAL B 291 -19.14 27.19 7.24
N GLU B 292 -19.02 28.35 6.59
CA GLU B 292 -20.21 29.03 6.07
C GLU B 292 -20.89 28.25 4.97
N GLN B 293 -20.09 27.63 4.08
CA GLN B 293 -20.67 26.84 3.00
C GLN B 293 -21.31 25.56 3.53
N ALA B 294 -21.07 25.21 4.80
CA ALA B 294 -21.78 24.14 5.47
C ALA B 294 -22.85 24.66 6.43
N GLY B 295 -23.28 25.91 6.25
CA GLY B 295 -24.35 26.42 7.08
C GLY B 295 -23.94 26.90 8.45
N GLY B 296 -22.64 27.01 8.71
CA GLY B 296 -22.15 27.54 9.96
C GLY B 296 -21.94 29.04 9.88
N ALA B 297 -21.38 29.58 10.94
CA ALA B 297 -21.06 30.99 11.00
C ALA B 297 -19.59 31.14 11.38
N ALA B 298 -19.00 32.26 10.97
CA ALA B 298 -17.57 32.52 11.19
C ALA B 298 -17.40 33.98 11.58
N TRP B 299 -17.23 34.26 12.88
CA TRP B 299 -17.23 35.62 13.43
C TRP B 299 -16.04 35.83 14.37
N THR B 300 -15.69 37.11 14.57
CA THR B 300 -14.60 37.50 15.46
C THR B 300 -15.03 37.59 16.92
N GLY B 301 -16.27 37.24 17.22
CA GLY B 301 -16.92 37.66 18.44
C GLY B 301 -17.71 38.94 18.27
N ARG B 302 -17.40 39.73 17.24
CA ARG B 302 -18.08 41.00 17.02
C ARG B 302 -18.44 41.28 15.56
N GLU B 303 -17.78 40.66 14.58
CA GLU B 303 -18.10 40.93 13.19
C GLU B 303 -17.81 39.70 12.34
N ARG B 304 -18.34 39.73 11.12
CA ARG B 304 -18.19 38.60 10.20
C ARG B 304 -16.76 38.51 9.68
N ILE B 305 -16.12 37.35 9.86
CA ILE B 305 -14.70 37.22 9.52
C ILE B 305 -14.46 37.51 8.04
N LEU B 306 -15.30 36.97 7.15
CA LEU B 306 -15.01 37.03 5.73
C LEU B 306 -15.18 38.43 5.14
N ASP B 307 -15.72 39.38 5.91
CA ASP B 307 -15.87 40.75 5.43
C ASP B 307 -14.73 41.65 5.86
N ILE B 308 -13.83 41.17 6.70
CA ILE B 308 -12.73 42.00 7.16
C ILE B 308 -11.82 42.30 5.98
N GLN B 309 -11.50 43.58 5.80
CA GLN B 309 -10.48 44.00 4.83
C GLN B 309 -9.13 43.87 5.50
N PRO B 310 -8.30 42.90 5.10
CA PRO B 310 -7.01 42.69 5.78
C PRO B 310 -6.04 43.84 5.56
N ASP B 311 -5.23 44.09 6.59
CA ASP B 311 -4.23 45.16 6.56
C ASP B 311 -2.83 44.66 6.28
N GLN B 312 -2.52 43.43 6.66
CA GLN B 312 -1.21 42.86 6.42
C GLN B 312 -1.39 41.37 6.21
N LEU B 313 -0.42 40.77 5.52
CA LEU B 313 -0.56 39.38 5.10
C LEU B 313 -0.71 38.46 6.29
N HIS B 314 -0.03 38.77 7.41
CA HIS B 314 0.00 37.92 8.59
C HIS B 314 -0.87 38.45 9.73
N GLN B 315 -1.91 39.21 9.39
CA GLN B 315 -2.82 39.74 10.39
C GLN B 315 -3.48 38.61 11.20
N ARG B 316 -3.58 38.81 12.52
CA ARG B 316 -4.26 37.88 13.40
C ARG B 316 -5.65 38.40 13.73
N VAL B 317 -6.55 37.47 14.05
CA VAL B 317 -7.95 37.79 14.27
C VAL B 317 -8.57 36.77 15.24
N PRO B 318 -9.41 37.19 16.18
CA PRO B 318 -10.11 36.19 17.01
C PRO B 318 -11.07 35.38 16.14
N VAL B 319 -11.33 34.14 16.56
CA VAL B 319 -12.09 33.22 15.72
C VAL B 319 -13.18 32.53 16.54
N PHE B 320 -14.44 32.64 16.08
CA PHE B 320 -15.60 31.93 16.62
C PHE B 320 -16.27 31.22 15.46
N LEU B 321 -16.17 29.89 15.40
CA LEU B 321 -16.58 29.11 14.24
C LEU B 321 -17.51 27.98 14.66
N GLY B 322 -18.52 27.72 13.83
CA GLY B 322 -19.28 26.49 13.97
C GLY B 322 -20.78 26.66 13.89
N SER B 323 -21.52 25.87 14.68
CA SER B 323 -22.98 25.94 14.73
C SER B 323 -23.44 27.38 14.83
N ARG B 324 -24.29 27.79 13.89
CA ARG B 324 -24.53 29.22 13.73
C ARG B 324 -25.28 29.82 14.93
N GLU B 325 -26.18 29.04 15.57
CA GLU B 325 -26.90 29.59 16.73
C GLU B 325 -25.95 29.78 17.91
N GLU B 326 -24.97 28.87 18.06
CA GLU B 326 -24.03 28.98 19.16
C GLU B 326 -23.07 30.13 18.95
N VAL B 327 -22.60 30.31 17.71
CA VAL B 327 -21.79 31.46 17.38
C VAL B 327 -22.57 32.74 17.63
N ALA B 328 -23.83 32.78 17.20
CA ALA B 328 -24.67 33.94 17.47
C ALA B 328 -24.73 34.23 18.97
N GLU B 329 -24.88 33.19 19.79
CA GLU B 329 -24.92 33.41 21.24
C GLU B 329 -23.62 34.02 21.73
N ALA B 330 -22.49 33.47 21.30
CA ALA B 330 -21.21 34.02 21.73
C ALA B 330 -21.09 35.48 21.33
N VAL B 331 -21.49 35.80 20.10
CA VAL B 331 -21.43 37.19 19.65
C VAL B 331 -22.29 38.09 20.53
N ARG B 332 -23.50 37.63 20.92
CA ARG B 332 -24.37 38.44 21.78
C ARG B 332 -23.69 38.82 23.08
N TYR B 333 -22.99 37.87 23.70
CA TYR B 333 -22.28 38.18 24.92
C TYR B 333 -21.34 39.37 24.74
N HIS B 334 -20.65 39.42 23.59
CA HIS B 334 -19.69 40.49 23.35
C HIS B 334 -20.39 41.81 23.03
N HIS B 335 -21.36 41.79 22.11
CA HIS B 335 -22.10 43.01 21.81
C HIS B 335 -22.79 43.58 23.04
N ALA B 336 -23.30 42.72 23.92
CA ALA B 336 -23.92 43.22 25.14
C ALA B 336 -22.90 43.89 26.05
N HIS B 337 -21.69 43.33 26.10
CA HIS B 337 -20.64 43.94 26.90
C HIS B 337 -20.26 45.31 26.36
N ASP B 338 -20.05 45.41 25.05
CA ASP B 338 -19.66 46.67 24.43
C ASP B 338 -20.73 47.75 24.60
N ASN B 339 -21.99 47.35 24.80
CA ASN B 339 -23.07 48.32 24.94
C ASN B 339 -23.39 48.68 26.38
N ALA B 340 -22.89 47.94 27.35
CA ALA B 340 -23.15 48.28 28.75
C ALA B 340 -22.17 49.34 29.27
N HIS C 7 -14.69 -12.76 1.49
CA HIS C 7 -13.43 -13.39 1.07
C HIS C 7 -13.02 -14.50 2.04
N HIS C 8 -12.52 -15.62 1.48
CA HIS C 8 -12.13 -16.78 2.30
C HIS C 8 -10.61 -16.75 2.52
N MET C 9 -10.21 -16.47 3.77
CA MET C 9 -8.80 -16.27 4.07
C MET C 9 -8.06 -17.59 4.16
N LEU C 10 -6.78 -17.56 3.78
CA LEU C 10 -5.94 -18.75 3.94
C LEU C 10 -5.99 -19.25 5.38
N THR C 11 -5.99 -18.33 6.35
CA THR C 11 -6.01 -18.73 7.75
C THR C 11 -7.26 -19.53 8.08
N ARG C 12 -8.44 -19.03 7.66
CA ARG C 12 -9.67 -19.79 7.86
C ARG C 12 -9.67 -21.07 7.02
N PHE C 13 -9.07 -21.03 5.83
CA PHE C 13 -8.96 -22.25 5.03
C PHE C 13 -8.17 -23.32 5.78
N LEU C 14 -7.04 -22.95 6.36
CA LEU C 14 -6.19 -23.90 7.05
C LEU C 14 -6.88 -24.46 8.30
N ILE C 15 -7.66 -23.63 8.99
CA ILE C 15 -8.35 -24.10 10.17
C ILE C 15 -9.44 -25.11 9.80
N GLN C 16 -10.14 -24.87 8.69
CA GLN C 16 -11.13 -25.85 8.25
C GLN C 16 -10.45 -27.16 7.87
N GLU C 17 -9.27 -27.09 7.25
CA GLU C 17 -8.54 -28.31 6.89
C GLU C 17 -8.16 -29.13 8.12
N GLN C 18 -7.94 -28.47 9.26
CA GLN C 18 -7.68 -29.19 10.50
C GLN C 18 -8.93 -29.81 11.08
N HIS C 19 -10.03 -29.04 11.10
CA HIS C 19 -11.30 -29.57 11.61
C HIS C 19 -11.80 -30.73 10.77
N ALA C 20 -11.62 -30.66 9.45
CA ALA C 20 -11.91 -31.80 8.59
C ALA C 20 -11.01 -32.99 8.85
N GLY C 21 -9.95 -32.84 9.65
CA GLY C 21 -9.06 -33.94 9.93
C GLY C 21 -8.01 -34.22 8.87
N ARG C 22 -7.78 -33.28 7.96
CA ARG C 22 -6.78 -33.46 6.92
C ARG C 22 -5.37 -33.01 7.32
N ILE C 23 -5.24 -32.02 8.20
CA ILE C 23 -3.94 -31.64 8.74
C ILE C 23 -4.10 -31.41 10.24
N ASN C 24 -2.97 -31.42 10.96
CA ASN C 24 -2.98 -31.09 12.37
C ASN C 24 -2.52 -29.66 12.59
N ALA C 25 -2.50 -29.24 13.86
CA ALA C 25 -2.13 -27.88 14.21
C ALA C 25 -0.68 -27.56 13.83
N ASP C 26 0.23 -28.54 13.95
CA ASP C 26 1.63 -28.30 13.60
C ASP C 26 1.77 -27.96 12.11
N LEU C 27 1.14 -28.75 11.24
CA LEU C 27 1.30 -28.51 9.80
C LEU C 27 0.61 -27.22 9.38
N ARG C 28 -0.52 -26.90 10.01
CA ARG C 28 -1.19 -25.64 9.71
C ARG C 28 -0.30 -24.45 10.06
N GLN C 29 0.36 -24.50 11.23
CA GLN C 29 1.19 -23.36 11.62
C GLN C 29 2.45 -23.27 10.75
N LEU C 30 3.02 -24.41 10.36
CA LEU C 30 4.18 -24.38 9.47
C LEU C 30 3.81 -23.75 8.13
N ILE C 31 2.67 -24.13 7.55
CA ILE C 31 2.24 -23.54 6.29
C ILE C 31 2.01 -22.04 6.45
N ALA C 32 1.63 -21.61 7.66
CA ALA C 32 1.54 -20.18 7.92
C ALA C 32 2.92 -19.51 7.90
N VAL C 33 3.92 -20.15 8.50
CA VAL C 33 5.26 -19.59 8.47
C VAL C 33 5.73 -19.39 7.04
N VAL C 34 5.54 -20.43 6.22
CA VAL C 34 5.96 -20.36 4.82
C VAL C 34 5.23 -19.24 4.09
N ALA C 35 3.91 -19.16 4.30
CA ALA C 35 3.10 -18.12 3.65
C ALA C 35 3.60 -16.73 4.01
N ARG C 36 3.94 -16.53 5.29
CA ARG C 36 4.49 -15.25 5.72
C ARG C 36 5.83 -14.98 5.06
N ALA C 37 6.68 -16.02 4.99
CA ALA C 37 7.96 -15.87 4.32
C ALA C 37 7.78 -15.53 2.84
N CYS C 38 6.83 -16.17 2.17
CA CYS C 38 6.60 -15.81 0.78
C CYS C 38 6.04 -14.40 0.64
N THR C 39 5.22 -13.95 1.60
CA THR C 39 4.73 -12.57 1.56
C THR C 39 5.88 -11.60 1.66
N SER C 40 6.85 -11.89 2.52
CA SER C 40 8.00 -11.01 2.67
C SER C 40 8.84 -11.00 1.41
N ILE C 41 9.08 -12.18 0.82
CA ILE C 41 9.81 -12.20 -0.46
C ILE C 41 9.05 -11.38 -1.49
N SER C 42 7.73 -11.56 -1.55
CA SER C 42 6.91 -10.84 -2.51
C SER C 42 7.11 -9.32 -2.43
N ILE C 43 7.13 -8.77 -1.21
CA ILE C 43 7.27 -7.31 -1.06
C ILE C 43 8.63 -6.86 -1.57
N ALA C 44 9.70 -7.60 -1.24
CA ALA C 44 11.03 -7.24 -1.70
C ALA C 44 11.10 -7.26 -3.22
N VAL C 45 10.59 -8.32 -3.84
CA VAL C 45 10.61 -8.46 -5.30
C VAL C 45 9.78 -7.35 -5.96
N SER C 46 8.67 -6.96 -5.32
CA SER C 46 7.79 -5.92 -5.88
C SER C 46 8.46 -4.56 -5.94
N LYS C 47 9.47 -4.33 -5.11
CA LYS C 47 10.12 -3.03 -5.16
C LYS C 47 11.14 -2.93 -6.29
N GLY C 48 11.47 -4.04 -6.97
CA GLY C 48 12.43 -3.95 -8.05
C GLY C 48 13.75 -3.38 -7.59
N ALA C 49 14.31 -2.47 -8.40
CA ALA C 49 15.57 -1.82 -8.05
C ALA C 49 15.41 -0.81 -6.92
N LEU C 50 14.19 -0.41 -6.60
CA LEU C 50 13.94 0.57 -5.55
C LEU C 50 14.15 -0.01 -4.15
N GLY C 51 14.19 -1.32 -4.00
CA GLY C 51 14.24 -1.84 -2.65
C GLY C 51 15.59 -2.40 -2.24
N GLY C 52 16.35 -2.93 -3.20
CA GLY C 52 17.68 -3.41 -2.88
C GLY C 52 18.03 -4.69 -3.61
N VAL C 53 17.11 -5.66 -3.47
CA VAL C 53 17.29 -7.00 -4.02
C VAL C 53 17.60 -6.94 -5.51
N LEU C 54 16.89 -6.10 -6.25
CA LEU C 54 17.21 -5.88 -7.66
C LEU C 54 18.04 -4.61 -7.83
N GLN C 63 20.70 -12.00 -11.66
CA GLN C 63 21.72 -11.52 -10.74
C GLN C 63 21.94 -12.51 -9.59
N GLY C 64 23.19 -12.95 -9.43
CA GLY C 64 23.54 -13.74 -8.27
C GLY C 64 23.33 -12.99 -6.97
N GLU C 65 23.61 -11.68 -6.98
CA GLU C 65 23.36 -10.86 -5.81
C GLU C 65 21.87 -10.84 -5.45
N ALA C 66 20.99 -10.87 -6.45
CA ALA C 66 19.57 -10.96 -6.16
C ALA C 66 19.24 -12.28 -5.50
N GLN C 67 19.77 -13.39 -6.03
CA GLN C 67 19.52 -14.70 -5.42
C GLN C 67 20.06 -14.76 -4.00
N LYS C 68 21.28 -14.25 -3.77
CA LYS C 68 21.87 -14.32 -2.42
C LYS C 68 21.04 -13.52 -1.42
N LYS C 69 20.56 -12.34 -1.83
CA LYS C 69 19.72 -11.55 -0.92
C LYS C 69 18.42 -12.26 -0.59
N LEU C 70 17.88 -13.04 -1.54
CA LEU C 70 16.68 -13.81 -1.27
C LEU C 70 16.98 -15.05 -0.44
N ASP C 71 18.15 -15.68 -0.64
CA ASP C 71 18.56 -16.76 0.25
C ASP C 71 18.69 -16.25 1.67
N VAL C 72 19.17 -15.00 1.83
CA VAL C 72 19.36 -14.43 3.16
C VAL C 72 18.01 -14.16 3.81
N ILE C 73 17.09 -13.56 3.05
CA ILE C 73 15.74 -13.33 3.56
C ILE C 73 15.07 -14.65 3.89
N SER C 74 15.32 -15.68 3.08
CA SER C 74 14.69 -16.98 3.32
C SER C 74 15.29 -17.67 4.54
N ASN C 75 16.62 -17.80 4.59
CA ASN C 75 17.24 -18.55 5.69
C ASN C 75 17.03 -17.89 7.04
N GLU C 76 16.94 -16.56 7.07
CA GLU C 76 16.68 -15.87 8.34
C GLU C 76 15.31 -16.25 8.90
N ILE C 77 14.26 -16.11 8.09
CA ILE C 77 12.92 -16.45 8.55
C ILE C 77 12.83 -17.92 8.94
N LEU C 78 13.43 -18.81 8.15
CA LEU C 78 13.26 -20.23 8.42
C LEU C 78 14.10 -20.73 9.59
N LEU C 79 15.19 -20.04 9.94
CA LEU C 79 15.94 -20.45 11.11
C LEU C 79 15.28 -20.04 12.42
N GLU C 80 14.35 -19.08 12.38
CA GLU C 80 13.51 -18.79 13.54
C GLU C 80 12.09 -19.32 13.36
N ALA C 81 11.90 -20.24 12.40
CA ALA C 81 10.57 -20.75 12.13
C ALA C 81 9.96 -21.40 13.36
N ASN C 82 10.75 -22.15 14.13
CA ASN C 82 10.23 -22.86 15.29
C ASN C 82 9.85 -21.91 16.42
N ALA C 83 10.30 -20.66 16.37
CA ALA C 83 9.80 -19.67 17.32
C ALA C 83 8.36 -19.29 17.03
N TRP C 84 7.88 -19.53 15.80
CA TRP C 84 6.57 -19.05 15.39
C TRP C 84 5.68 -20.17 14.85
N GLY C 85 5.87 -21.39 15.34
CA GLY C 85 5.05 -22.50 14.91
C GLY C 85 5.55 -23.26 13.70
N GLY C 86 6.86 -23.34 13.50
CA GLY C 86 7.38 -24.10 12.38
C GLY C 86 7.26 -25.60 12.60
N HIS C 87 7.52 -26.05 13.83
CA HIS C 87 7.51 -27.47 14.16
C HIS C 87 8.47 -28.24 13.23
N LEU C 88 9.60 -27.61 12.94
CA LEU C 88 10.61 -28.16 12.03
C LEU C 88 11.61 -29.00 12.81
N ALA C 89 12.03 -30.10 12.19
CA ALA C 89 13.20 -30.84 12.66
C ALA C 89 14.47 -30.47 11.90
N ALA C 90 14.34 -30.10 10.64
CA ALA C 90 15.48 -29.73 9.82
C ALA C 90 14.97 -29.01 8.58
N CYS C 91 15.88 -28.27 7.95
CA CYS C 91 15.55 -27.43 6.80
C CYS C 91 16.60 -27.65 5.71
N ALA C 92 16.16 -27.71 4.45
CA ALA C 92 17.05 -27.85 3.31
C ALA C 92 16.70 -26.82 2.24
N SER C 93 17.65 -25.96 1.91
CA SER C 93 17.52 -24.97 0.85
C SER C 93 18.22 -25.44 -0.42
N GLU C 94 17.62 -25.10 -1.56
CA GLU C 94 18.18 -25.49 -2.85
CA GLU C 94 18.19 -25.51 -2.84
C GLU C 94 19.60 -24.97 -3.02
N GLU C 95 19.90 -23.79 -2.46
CA GLU C 95 21.22 -23.19 -2.63
C GLU C 95 22.29 -23.88 -1.81
N MET C 96 21.94 -24.47 -0.67
CA MET C 96 22.91 -25.10 0.21
C MET C 96 23.16 -26.57 -0.18
N ASP C 97 24.39 -27.03 0.06
CA ASP C 97 24.74 -28.41 -0.29
C ASP C 97 24.01 -29.40 0.62
N HIS C 98 23.94 -29.11 1.91
CA HIS C 98 23.35 -30.02 2.87
C HIS C 98 22.22 -29.34 3.62
N SER C 99 21.36 -30.15 4.23
CA SER C 99 20.29 -29.62 5.06
C SER C 99 20.86 -29.00 6.32
N GLN C 100 20.08 -28.11 6.92
CA GLN C 100 20.52 -27.46 8.15
C GLN C 100 19.62 -27.85 9.30
N PRO C 101 20.17 -28.21 10.45
CA PRO C 101 19.33 -28.48 11.63
C PRO C 101 18.70 -27.21 12.17
N VAL C 102 17.62 -27.40 12.92
CA VAL C 102 16.93 -26.28 13.56
C VAL C 102 17.65 -25.94 14.87
N PRO C 103 17.56 -24.70 15.33
CA PRO C 103 18.23 -24.32 16.57
C PRO C 103 17.65 -25.06 17.78
N ASP C 104 18.54 -25.34 18.75
CA ASP C 104 18.10 -25.95 19.99
C ASP C 104 17.36 -24.97 20.89
N ILE C 105 17.57 -23.67 20.70
CA ILE C 105 16.92 -22.66 21.54
C ILE C 105 15.40 -22.75 21.43
N TYR C 106 14.89 -23.15 20.25
CA TYR C 106 13.45 -23.25 20.03
C TYR C 106 12.98 -24.71 19.97
N PRO C 107 11.71 -24.98 20.28
CA PRO C 107 11.23 -26.36 20.30
C PRO C 107 11.30 -27.01 18.92
N ARG C 108 11.70 -28.27 18.90
CA ARG C 108 11.78 -29.02 17.67
C ARG C 108 10.44 -29.70 17.39
N GLY C 109 10.15 -29.90 16.11
CA GLY C 109 8.94 -30.56 15.69
C GLY C 109 9.25 -31.73 14.78
N ASP C 110 8.26 -32.18 14.01
CA ASP C 110 8.35 -33.44 13.29
C ASP C 110 8.44 -33.26 11.78
N PHE C 111 8.82 -32.06 11.31
CA PHE C 111 8.72 -31.72 9.90
C PHE C 111 10.10 -31.51 9.28
N LEU C 112 10.23 -31.94 8.03
CA LEU C 112 11.40 -31.65 7.20
C LEU C 112 10.95 -30.72 6.08
N LEU C 113 11.57 -29.54 6.03
CA LEU C 113 11.19 -28.51 5.08
C LEU C 113 12.25 -28.40 3.99
N LEU C 114 11.82 -28.54 2.74
CA LEU C 114 12.67 -28.26 1.59
C LEU C 114 12.20 -26.97 0.95
N PHE C 115 13.14 -26.08 0.68
CA PHE C 115 12.84 -24.73 0.26
C PHE C 115 13.68 -24.36 -0.96
N ASP C 116 13.01 -23.83 -1.99
CA ASP C 116 13.64 -23.27 -3.18
C ASP C 116 13.26 -21.80 -3.20
N PRO C 117 14.12 -20.92 -2.67
CA PRO C 117 13.72 -19.51 -2.49
C PRO C 117 13.48 -18.75 -3.79
N LEU C 118 14.27 -19.00 -4.82
CA LEU C 118 14.20 -18.25 -6.07
C LEU C 118 14.17 -19.22 -7.25
N ASP C 119 12.98 -19.50 -7.76
CA ASP C 119 12.83 -20.27 -8.99
C ASP C 119 12.72 -19.32 -10.17
N GLY C 120 13.39 -19.68 -11.27
CA GLY C 120 13.46 -18.80 -12.43
C GLY C 120 14.46 -17.69 -12.21
N SER C 121 15.67 -18.03 -11.76
CA SER C 121 16.66 -17.01 -11.40
C SER C 121 17.06 -16.14 -12.58
N SER C 122 17.07 -16.69 -13.82
CA SER C 122 17.44 -15.90 -14.98
C SER C 122 16.43 -14.81 -15.33
N ASN C 123 15.28 -14.76 -14.65
CA ASN C 123 14.25 -13.76 -14.87
C ASN C 123 14.17 -12.70 -13.77
N ILE C 124 15.04 -12.79 -12.75
CA ILE C 124 14.93 -11.90 -11.59
C ILE C 124 15.19 -10.45 -11.99
N ASP C 125 16.06 -10.23 -12.96
CA ASP C 125 16.47 -8.89 -13.37
C ASP C 125 15.66 -8.31 -14.52
N VAL C 126 14.73 -9.07 -15.11
CA VAL C 126 13.99 -8.66 -16.30
C VAL C 126 12.46 -8.69 -16.08
N ASN C 127 12.02 -8.69 -14.82
CA ASN C 127 10.62 -8.38 -14.48
C ASN C 127 9.63 -9.32 -15.15
N VAL C 128 10.00 -10.60 -15.21
CA VAL C 128 9.12 -11.71 -15.55
C VAL C 128 8.87 -12.46 -14.25
N SER C 129 7.68 -13.04 -14.14
CA SER C 129 7.30 -13.80 -12.96
C SER C 129 8.39 -14.80 -12.53
N VAL C 130 8.69 -14.79 -11.23
CA VAL C 130 9.59 -15.73 -10.58
C VAL C 130 8.81 -16.38 -9.47
N GLY C 131 9.46 -17.26 -8.68
CA GLY C 131 8.70 -18.01 -7.70
C GLY C 131 9.54 -18.65 -6.62
N THR C 132 8.83 -19.12 -5.60
CA THR C 132 9.40 -19.90 -4.51
C THR C 132 8.68 -21.24 -4.48
N ILE C 133 9.41 -22.35 -4.32
CA ILE C 133 8.82 -23.68 -4.24
C ILE C 133 9.18 -24.31 -2.91
N PHE C 134 8.24 -25.02 -2.30
CA PHE C 134 8.50 -25.65 -1.01
C PHE C 134 7.84 -27.02 -0.92
N SER C 135 8.40 -27.86 -0.06
CA SER C 135 7.96 -29.24 0.08
C SER C 135 8.13 -29.62 1.55
N VAL C 136 7.15 -30.33 2.11
CA VAL C 136 7.17 -30.73 3.51
C VAL C 136 7.10 -32.25 3.57
N LEU C 137 8.11 -32.84 4.21
CA LEU C 137 8.18 -34.25 4.56
C LEU C 137 8.05 -34.39 6.07
N ARG C 138 7.70 -35.58 6.51
CA ARG C 138 7.75 -35.88 7.94
C ARG C 138 9.08 -36.51 8.29
N CYS C 139 9.66 -36.05 9.39
CA CYS C 139 10.87 -36.69 9.90
C CYS C 139 10.52 -38.01 10.57
N PRO C 140 11.18 -39.11 10.22
CA PRO C 140 10.91 -40.38 10.91
C PRO C 140 11.36 -40.31 12.37
N THR C 141 10.59 -40.93 13.24
CA THR C 141 10.96 -40.99 14.65
C THR C 141 11.80 -42.23 14.93
N PRO C 146 18.00 -35.42 12.99
CA PRO C 146 17.72 -35.60 11.56
C PRO C 146 18.78 -34.99 10.66
N GLY C 147 19.18 -35.75 9.64
CA GLY C 147 20.21 -35.33 8.70
C GLY C 147 19.77 -35.39 7.26
N ASP C 148 20.74 -35.28 6.33
CA ASP C 148 20.40 -35.26 4.91
C ASP C 148 19.65 -36.53 4.51
N ASP C 149 20.05 -37.67 5.08
CA ASP C 149 19.46 -38.94 4.67
C ASP C 149 18.00 -39.02 5.10
N ALA C 150 17.63 -38.32 6.16
CA ALA C 150 16.23 -38.29 6.60
C ALA C 150 15.32 -37.62 5.58
N PHE C 151 15.88 -36.81 4.68
CA PHE C 151 15.15 -36.15 3.61
C PHE C 151 14.91 -37.04 2.40
N LEU C 152 15.54 -38.22 2.35
CA LEU C 152 15.52 -39.07 1.17
C LEU C 152 14.25 -39.92 1.17
N GLN C 153 13.13 -39.25 0.91
CA GLN C 153 11.83 -39.90 0.85
C GLN C 153 11.20 -39.70 -0.52
N PRO C 154 10.47 -40.69 -1.03
CA PRO C 154 9.78 -40.49 -2.30
C PRO C 154 8.72 -39.41 -2.21
N GLY C 155 8.47 -38.77 -3.35
CA GLY C 155 7.54 -37.64 -3.38
C GLY C 155 6.15 -37.97 -2.92
N SER C 156 5.75 -39.25 -3.02
CA SER C 156 4.46 -39.70 -2.50
C SER C 156 4.34 -39.58 -0.99
N LYS C 157 5.44 -39.30 -0.28
CA LYS C 157 5.42 -39.12 1.16
C LYS C 157 5.38 -37.65 1.57
N GLN C 158 5.30 -36.73 0.61
CA GLN C 158 5.12 -35.33 0.97
C GLN C 158 3.78 -35.15 1.67
N ILE C 159 3.77 -34.37 2.75
CA ILE C 159 2.52 -34.05 3.43
C ILE C 159 2.00 -32.67 3.03
N ALA C 160 2.82 -31.87 2.37
CA ALA C 160 2.40 -30.60 1.81
C ALA C 160 3.42 -30.21 0.74
N ALA C 161 2.94 -29.48 -0.26
CA ALA C 161 3.79 -28.92 -1.31
C ALA C 161 3.10 -27.66 -1.82
N GLY C 162 3.89 -26.75 -2.36
CA GLY C 162 3.30 -25.57 -2.98
C GLY C 162 4.36 -24.64 -3.52
N TYR C 163 3.88 -23.63 -4.23
CA TYR C 163 4.74 -22.54 -4.64
C TYR C 163 4.01 -21.22 -4.45
N CYS C 164 4.81 -20.14 -4.40
CA CYS C 164 4.33 -18.78 -4.48
C CYS C 164 4.88 -18.18 -5.75
N ILE C 165 4.01 -17.62 -6.60
CA ILE C 165 4.46 -17.01 -7.84
C ILE C 165 4.34 -15.50 -7.69
N TYR C 166 5.46 -14.80 -7.91
CA TYR C 166 5.53 -13.35 -7.82
C TYR C 166 5.39 -12.83 -9.24
N GLY C 167 4.16 -12.43 -9.60
CA GLY C 167 3.85 -11.90 -10.90
C GLY C 167 3.18 -10.56 -10.76
N PRO C 168 2.42 -10.11 -11.78
CA PRO C 168 1.63 -8.88 -11.55
C PRO C 168 0.81 -9.00 -10.30
N SER C 169 0.29 -10.18 -10.00
CA SER C 169 -0.21 -10.45 -8.65
C SER C 169 0.68 -11.52 -8.00
N THR C 170 0.57 -11.62 -6.68
CA THR C 170 1.25 -12.66 -5.92
C THR C 170 0.24 -13.74 -5.54
N GLN C 171 0.54 -14.99 -5.88
CA GLN C 171 -0.41 -16.06 -5.62
C GLN C 171 0.31 -17.25 -5.00
N LEU C 172 -0.31 -17.83 -3.97
CA LEU C 172 0.19 -19.01 -3.31
C LEU C 172 -0.66 -20.17 -3.78
N VAL C 173 -0.02 -21.23 -4.24
CA VAL C 173 -0.67 -22.44 -4.76
C VAL C 173 -0.22 -23.58 -3.87
N LEU C 174 -1.19 -24.34 -3.37
CA LEU C 174 -0.88 -25.23 -2.27
C LEU C 174 -1.68 -26.52 -2.37
N THR C 175 -1.08 -27.60 -1.87
CA THR C 175 -1.82 -28.83 -1.66
C THR C 175 -1.33 -29.48 -0.38
N VAL C 176 -2.25 -30.11 0.33
CA VAL C 176 -1.95 -30.97 1.46
C VAL C 176 -2.47 -32.39 1.25
N GLY C 177 -2.64 -32.80 -0.01
CA GLY C 177 -3.13 -34.12 -0.34
C GLY C 177 -4.60 -34.19 -0.65
N HIS C 178 -5.29 -33.06 -0.73
CA HIS C 178 -6.73 -33.02 -1.02
C HIS C 178 -7.00 -31.97 -2.09
N GLY C 179 -6.43 -32.14 -3.26
CA GLY C 179 -6.54 -31.14 -4.30
C GLY C 179 -5.54 -30.01 -4.14
N THR C 180 -5.48 -29.17 -5.18
CA THR C 180 -4.54 -28.07 -5.31
C THR C 180 -5.32 -26.77 -5.37
N HIS C 181 -4.89 -25.78 -4.58
CA HIS C 181 -5.70 -24.59 -4.33
C HIS C 181 -4.85 -23.34 -4.43
N ALA C 182 -5.41 -22.33 -5.09
CA ALA C 182 -4.71 -21.07 -5.34
C ALA C 182 -5.30 -19.96 -4.49
N PHE C 183 -4.41 -19.18 -3.85
CA PHE C 183 -4.75 -18.04 -3.04
C PHE C 183 -4.07 -16.81 -3.61
N THR C 184 -4.77 -15.69 -3.62
CA THR C 184 -4.22 -14.44 -4.13
C THR C 184 -3.92 -13.51 -2.95
N LEU C 185 -2.76 -12.88 -3.00
CA LEU C 185 -2.36 -11.97 -1.94
C LEU C 185 -3.15 -10.68 -2.06
N ASP C 186 -3.86 -10.34 -0.99
CA ASP C 186 -4.52 -9.05 -0.83
C ASP C 186 -3.48 -8.09 -0.23
N ARG C 187 -2.90 -7.25 -1.08
CA ARG C 187 -1.76 -6.43 -0.65
C ARG C 187 -2.13 -5.43 0.44
N GLU C 188 -3.34 -4.89 0.40
CA GLU C 188 -3.78 -3.99 1.47
C GLU C 188 -3.81 -4.72 2.80
N LYS C 189 -4.38 -5.94 2.82
CA LYS C 189 -4.51 -6.68 4.08
C LYS C 189 -3.25 -7.44 4.48
N GLY C 190 -2.35 -7.72 3.53
CA GLY C 190 -1.23 -8.59 3.84
C GLY C 190 -1.57 -10.05 3.99
N GLU C 191 -2.71 -10.49 3.46
CA GLU C 191 -3.17 -11.85 3.66
C GLU C 191 -3.56 -12.49 2.34
N PHE C 192 -3.39 -13.82 2.29
CA PHE C 192 -3.81 -14.60 1.14
C PHE C 192 -5.29 -14.94 1.23
N VAL C 193 -5.96 -14.86 0.07
CA VAL C 193 -7.40 -15.06 -0.08
C VAL C 193 -7.62 -16.13 -1.15
N LEU C 194 -8.47 -17.11 -0.86
CA LEU C 194 -8.71 -18.19 -1.81
C LEU C 194 -9.34 -17.65 -3.09
N THR C 195 -8.71 -17.93 -4.24
CA THR C 195 -9.27 -17.48 -5.51
C THR C 195 -9.53 -18.58 -6.54
N THR C 196 -8.93 -19.76 -6.40
CA THR C 196 -9.31 -20.91 -7.22
C THR C 196 -9.25 -22.16 -6.35
N GLU C 197 -10.40 -22.66 -5.96
CA GLU C 197 -10.47 -23.92 -5.26
C GLU C 197 -10.46 -25.07 -6.26
N ASN C 198 -9.76 -26.16 -5.90
CA ASN C 198 -9.75 -27.37 -6.72
C ASN C 198 -9.34 -27.07 -8.16
N MET C 199 -8.13 -26.55 -8.33
CA MET C 199 -7.58 -26.37 -9.66
C MET C 199 -7.61 -27.71 -10.40
N GLN C 200 -7.93 -27.66 -11.69
CA GLN C 200 -8.03 -28.86 -12.50
C GLN C 200 -7.34 -28.66 -13.83
N ILE C 201 -6.47 -29.60 -14.18
CA ILE C 201 -5.71 -29.56 -15.43
C ILE C 201 -6.48 -30.40 -16.44
N PRO C 202 -6.93 -29.82 -17.55
CA PRO C 202 -7.67 -30.62 -18.53
C PRO C 202 -6.80 -31.78 -19.02
N ALA C 203 -7.46 -32.90 -19.29
CA ALA C 203 -6.75 -34.14 -19.57
C ALA C 203 -5.87 -34.00 -20.81
N ALA C 204 -6.33 -33.28 -21.82
CA ALA C 204 -5.59 -33.07 -23.06
C ALA C 204 -5.22 -31.60 -23.21
N THR C 205 -4.33 -31.32 -24.15
CA THR C 205 -3.86 -29.95 -24.36
C THR C 205 -3.31 -29.80 -25.77
N GLN C 206 -3.14 -28.54 -26.16
CA GLN C 206 -2.46 -28.17 -27.38
C GLN C 206 -1.32 -27.19 -27.11
N GLU C 207 -0.86 -27.11 -25.86
CA GLU C 207 0.20 -26.19 -25.45
C GLU C 207 1.31 -26.97 -24.77
N PHE C 208 2.55 -26.71 -25.20
CA PHE C 208 3.70 -27.38 -24.62
C PHE C 208 4.75 -26.35 -24.21
N ALA C 209 5.41 -26.58 -23.07
CA ALA C 209 6.51 -25.71 -22.65
C ALA C 209 7.78 -26.55 -22.63
N ILE C 210 8.68 -26.25 -23.55
CA ILE C 210 9.99 -26.88 -23.58
C ILE C 210 10.98 -25.86 -24.11
N ASN C 211 12.22 -25.95 -23.64
CA ASN C 211 13.28 -25.09 -24.16
C ASN C 211 13.75 -25.66 -25.49
N MET C 212 13.19 -25.13 -26.59
CA MET C 212 13.48 -25.66 -27.93
C MET C 212 14.92 -25.43 -28.38
N SER C 213 15.67 -24.56 -27.69
CA SER C 213 17.08 -24.35 -28.04
C SER C 213 17.93 -25.58 -27.74
N ASN C 214 17.41 -26.53 -26.96
CA ASN C 214 18.15 -27.74 -26.61
C ASN C 214 17.79 -28.91 -27.52
N GLN C 215 17.07 -28.68 -28.61
CA GLN C 215 16.57 -29.75 -29.46
C GLN C 215 17.66 -30.74 -29.85
N ARG C 216 18.82 -30.24 -30.31
CA ARG C 216 19.79 -31.19 -30.84
C ARG C 216 20.41 -32.06 -29.76
N HIS C 217 20.17 -31.78 -28.48
CA HIS C 217 20.77 -32.54 -27.38
C HIS C 217 19.88 -33.64 -26.80
N TRP C 218 18.64 -33.75 -27.26
CA TRP C 218 17.68 -34.67 -26.67
C TRP C 218 17.84 -36.08 -27.23
N GLU C 219 17.39 -37.08 -26.48
CA GLU C 219 17.44 -38.42 -27.02
C GLU C 219 16.35 -38.60 -28.08
N ALA C 220 16.49 -39.69 -28.85
CA ALA C 220 15.66 -39.89 -30.04
C ALA C 220 14.16 -39.81 -29.75
N PRO C 221 13.61 -40.53 -28.76
CA PRO C 221 12.16 -40.40 -28.55
C PRO C 221 11.74 -38.97 -28.22
N MET C 222 12.58 -38.23 -27.51
CA MET C 222 12.24 -36.84 -27.20
C MET C 222 12.17 -36.01 -28.49
N GLN C 223 13.14 -36.18 -29.38
CA GLN C 223 13.10 -35.46 -30.64
C GLN C 223 11.92 -35.88 -31.51
N ALA C 224 11.62 -37.19 -31.55
CA ALA C 224 10.47 -37.61 -32.32
C ALA C 224 9.18 -37.03 -31.74
N TYR C 225 9.06 -37.02 -30.41
CA TYR C 225 7.87 -36.47 -29.78
C TYR C 225 7.65 -35.01 -30.18
N VAL C 226 8.71 -34.19 -30.06
CA VAL C 226 8.61 -32.78 -30.40
C VAL C 226 8.43 -32.58 -31.89
N GLY C 227 9.11 -33.38 -32.71
CA GLY C 227 8.90 -33.28 -34.14
C GLY C 227 7.43 -33.44 -34.52
N ASP C 228 6.74 -34.35 -33.85
CA ASP C 228 5.33 -34.57 -34.14
C ASP C 228 4.46 -33.41 -33.65
N LEU C 229 4.84 -32.74 -32.56
CA LEU C 229 4.15 -31.52 -32.14
C LEU C 229 4.23 -30.45 -33.21
N LEU C 230 5.44 -30.20 -33.71
CA LEU C 230 5.68 -29.23 -34.77
C LEU C 230 4.90 -29.58 -36.04
N ALA C 231 4.83 -30.87 -36.38
CA ALA C 231 4.10 -31.29 -37.57
C ALA C 231 2.61 -30.98 -37.42
N GLY C 232 2.08 -31.07 -36.19
CA GLY C 232 0.72 -30.63 -35.93
C GLY C 232 -0.29 -31.42 -36.74
N LYS C 233 -1.23 -30.72 -37.37
CA LYS C 233 -2.28 -31.38 -38.13
C LYS C 233 -1.76 -32.13 -39.35
N GLU C 234 -0.57 -31.79 -39.83
CA GLU C 234 0.02 -32.48 -40.96
C GLU C 234 0.81 -33.71 -40.54
N GLY C 235 0.77 -34.04 -39.25
CA GLY C 235 1.46 -35.20 -38.73
C GLY C 235 0.55 -36.12 -37.95
N THR C 236 1.16 -37.08 -37.24
CA THR C 236 0.42 -38.13 -36.56
C THR C 236 -0.49 -37.61 -35.45
N ARG C 237 -0.24 -36.42 -34.92
CA ARG C 237 -1.02 -35.95 -33.77
C ARG C 237 -2.40 -35.45 -34.18
N GLY C 238 -2.54 -34.93 -35.40
CA GLY C 238 -3.84 -34.50 -35.89
C GLY C 238 -4.38 -33.21 -35.32
N LYS C 239 -3.58 -32.46 -34.56
CA LYS C 239 -3.97 -31.15 -34.08
C LYS C 239 -2.74 -30.27 -34.00
N ASN C 240 -2.93 -28.95 -34.10
CA ASN C 240 -1.83 -28.03 -34.01
C ASN C 240 -1.50 -27.71 -32.55
N PHE C 241 -0.20 -27.51 -32.31
CA PHE C 241 0.30 -27.16 -30.99
C PHE C 241 0.86 -25.75 -30.97
N ASN C 242 0.83 -25.13 -29.80
CA ASN C 242 1.46 -23.85 -29.51
C ASN C 242 2.39 -24.03 -28.34
N MET C 243 3.35 -23.10 -28.16
CA MET C 243 4.34 -23.29 -27.11
C MET C 243 4.64 -21.98 -26.37
N ARG C 244 5.12 -22.15 -25.15
CA ARG C 244 5.72 -21.09 -24.37
C ARG C 244 7.01 -21.61 -23.78
N TRP C 245 7.96 -20.71 -23.50
CA TRP C 245 9.05 -21.06 -22.60
C TRP C 245 9.43 -19.80 -21.84
N ILE C 246 9.07 -19.79 -20.56
CA ILE C 246 9.29 -18.62 -19.72
C ILE C 246 10.63 -18.73 -18.99
N ALA C 247 11.12 -19.94 -18.79
CA ALA C 247 12.31 -20.23 -17.97
C ALA C 247 12.12 -19.85 -16.50
N SER C 248 10.86 -19.75 -16.04
CA SER C 248 10.47 -19.88 -14.65
C SER C 248 9.51 -21.06 -14.57
N MET C 249 9.95 -22.14 -13.93
CA MET C 249 9.12 -23.34 -13.86
C MET C 249 7.78 -23.02 -13.22
N VAL C 250 7.79 -22.14 -12.21
CA VAL C 250 6.57 -21.82 -11.50
C VAL C 250 5.56 -21.15 -12.44
N ALA C 251 6.06 -20.34 -13.37
CA ALA C 251 5.16 -19.64 -14.28
C ALA C 251 4.58 -20.58 -15.33
N ASP C 252 5.39 -21.49 -15.86
CA ASP C 252 4.87 -22.40 -16.86
C ASP C 252 3.87 -23.37 -16.22
N VAL C 253 4.19 -23.89 -15.04
CA VAL C 253 3.25 -24.79 -14.37
C VAL C 253 2.00 -24.05 -13.93
N HIS C 254 2.12 -22.76 -13.60
CA HIS C 254 0.94 -22.02 -13.18
C HIS C 254 -0.05 -21.88 -14.32
N ARG C 255 0.45 -21.67 -15.53
CA ARG C 255 -0.41 -21.69 -16.71
C ARG C 255 -1.07 -23.05 -16.85
N ILE C 256 -0.31 -24.12 -16.65
CA ILE C 256 -0.85 -25.46 -16.81
C ILE C 256 -1.93 -25.74 -15.77
N LEU C 257 -1.69 -25.31 -14.53
CA LEU C 257 -2.70 -25.46 -13.49
C LEU C 257 -3.94 -24.63 -13.79
N THR C 258 -3.78 -23.55 -14.54
CA THR C 258 -4.94 -22.72 -14.85
C THR C 258 -5.69 -23.27 -16.08
N ARG C 259 -4.96 -23.67 -17.14
CA ARG C 259 -5.65 -24.00 -18.38
C ARG C 259 -5.06 -25.18 -19.14
N GLY C 260 -4.25 -26.03 -18.50
CA GLY C 260 -3.71 -27.20 -19.17
C GLY C 260 -2.41 -26.91 -19.91
N GLY C 261 -1.81 -27.97 -20.42
CA GLY C 261 -0.53 -27.91 -21.09
C GLY C 261 0.40 -28.98 -20.58
N ILE C 262 1.57 -29.06 -21.22
CA ILE C 262 2.65 -29.93 -20.80
C ILE C 262 3.94 -29.12 -20.65
N PHE C 263 4.70 -29.44 -19.61
CA PHE C 263 5.99 -28.84 -19.32
C PHE C 263 7.02 -29.97 -19.35
N ILE C 264 8.11 -29.78 -20.10
CA ILE C 264 9.12 -30.83 -20.21
C ILE C 264 10.48 -30.20 -20.04
N TYR C 265 11.27 -30.73 -19.11
CA TYR C 265 12.70 -30.45 -19.08
C TYR C 265 13.37 -31.82 -19.07
N PRO C 266 13.77 -32.31 -20.23
CA PRO C 266 14.17 -33.71 -20.34
C PRO C 266 15.67 -33.82 -20.09
N TRP C 267 16.12 -35.07 -20.01
CA TRP C 267 17.54 -35.38 -20.12
C TRP C 267 18.08 -34.78 -21.42
N ASP C 268 19.33 -34.35 -21.38
CA ASP C 268 19.99 -33.96 -22.62
C ASP C 268 21.47 -34.31 -22.51
N LYS C 269 22.16 -34.31 -23.66
CA LYS C 269 23.54 -34.76 -23.73
C LYS C 269 24.57 -33.67 -23.42
N LYS C 270 24.14 -32.46 -23.02
CA LYS C 270 25.12 -31.41 -22.69
C LYS C 270 25.95 -31.78 -21.47
N ASP C 271 25.31 -32.35 -20.45
CA ASP C 271 26.00 -32.89 -19.28
C ASP C 271 25.49 -34.31 -19.09
N PRO C 272 26.13 -35.28 -19.76
CA PRO C 272 25.53 -36.63 -19.82
C PRO C 272 25.42 -37.31 -18.48
N SER C 273 26.34 -37.03 -17.56
CA SER C 273 26.24 -37.57 -16.21
C SER C 273 24.92 -37.18 -15.54
N LYS C 274 24.49 -35.92 -15.69
CA LYS C 274 23.30 -35.44 -15.01
C LYS C 274 22.04 -36.06 -15.60
N ALA C 275 21.20 -36.62 -14.73
CA ALA C 275 19.98 -37.26 -15.18
C ALA C 275 18.95 -36.26 -15.69
N GLY C 276 19.09 -35.00 -15.33
CA GLY C 276 18.17 -33.96 -15.77
C GLY C 276 18.67 -32.62 -15.26
N LYS C 277 17.88 -31.58 -15.51
CA LYS C 277 18.20 -30.24 -15.01
C LYS C 277 17.54 -29.96 -13.68
N LEU C 278 16.24 -30.22 -13.58
CA LEU C 278 15.51 -29.93 -12.36
C LEU C 278 15.88 -30.93 -11.26
N ARG C 279 15.80 -30.48 -10.02
CA ARG C 279 16.10 -31.32 -8.85
C ARG C 279 14.86 -32.07 -8.39
N LEU C 280 15.05 -33.35 -8.08
CA LEU C 280 13.97 -34.22 -7.64
C LEU C 280 13.29 -33.70 -6.36
N MET C 281 14.09 -33.36 -5.35
CA MET C 281 13.52 -33.05 -4.03
C MET C 281 12.94 -31.64 -3.97
N TYR C 282 13.56 -30.66 -4.63
CA TYR C 282 13.20 -29.25 -4.47
C TYR C 282 12.24 -28.75 -5.51
N GLU C 283 12.16 -29.40 -6.67
CA GLU C 283 11.34 -28.92 -7.78
C GLU C 283 10.39 -29.99 -8.30
N ALA C 284 10.92 -31.15 -8.70
CA ALA C 284 10.08 -32.16 -9.35
C ALA C 284 9.02 -32.71 -8.40
N ASN C 285 9.43 -33.14 -7.21
CA ASN C 285 8.47 -33.75 -6.28
C ASN C 285 7.36 -32.78 -5.85
N PRO C 286 7.65 -31.55 -5.40
CA PRO C 286 6.55 -30.65 -5.00
C PRO C 286 5.67 -30.25 -6.18
N MET C 287 6.26 -29.85 -7.31
CA MET C 287 5.43 -29.51 -8.47
C MET C 287 4.68 -30.74 -8.98
N GLY C 288 5.31 -31.92 -8.89
CA GLY C 288 4.62 -33.13 -9.27
C GLY C 288 3.38 -33.40 -8.43
N LEU C 289 3.47 -33.14 -7.12
CA LEU C 289 2.32 -33.38 -6.25
C LEU C 289 1.18 -32.41 -6.56
N LEU C 290 1.50 -31.12 -6.73
CA LEU C 290 0.48 -30.14 -7.10
C LEU C 290 -0.20 -30.52 -8.42
N VAL C 291 0.58 -30.97 -9.40
CA VAL C 291 0.00 -31.33 -10.69
C VAL C 291 -0.88 -32.57 -10.55
N GLU C 292 -0.43 -33.58 -9.79
CA GLU C 292 -1.23 -34.79 -9.62
C GLU C 292 -2.51 -34.51 -8.86
N GLN C 293 -2.44 -33.62 -7.84
CA GLN C 293 -3.61 -33.24 -7.07
C GLN C 293 -4.54 -32.35 -7.86
N ALA C 294 -4.12 -31.85 -9.02
CA ALA C 294 -5.04 -31.17 -9.95
C ALA C 294 -5.44 -32.07 -11.13
N GLY C 295 -5.24 -33.38 -11.02
CA GLY C 295 -5.63 -34.31 -12.08
C GLY C 295 -4.64 -34.43 -13.22
N GLY C 296 -3.44 -33.83 -13.08
CA GLY C 296 -2.40 -33.95 -14.07
C GLY C 296 -1.51 -35.14 -13.79
N ALA C 297 -0.45 -35.27 -14.58
CA ALA C 297 0.47 -36.39 -14.39
C ALA C 297 1.88 -35.86 -14.33
N ALA C 298 2.75 -36.59 -13.64
CA ALA C 298 4.12 -36.13 -13.36
C ALA C 298 5.06 -37.33 -13.52
N TRP C 299 5.76 -37.40 -14.66
CA TRP C 299 6.54 -38.57 -15.05
C TRP C 299 7.94 -38.14 -15.53
N THR C 300 8.88 -39.09 -15.52
CA THR C 300 10.24 -38.83 -15.98
C THR C 300 10.39 -39.01 -17.48
N GLY C 301 9.29 -39.26 -18.19
CA GLY C 301 9.35 -39.83 -19.51
C GLY C 301 9.29 -41.34 -19.51
N ARG C 302 9.60 -41.96 -18.39
CA ARG C 302 9.56 -43.41 -18.30
C ARG C 302 8.94 -43.91 -17.01
N GLU C 303 8.90 -43.12 -15.94
CA GLU C 303 8.34 -43.62 -14.70
C GLU C 303 7.72 -42.48 -13.90
N ARG C 304 6.89 -42.85 -12.91
CA ARG C 304 6.18 -41.88 -12.10
C ARG C 304 7.13 -41.14 -11.17
N ILE C 305 7.12 -39.81 -11.22
CA ILE C 305 8.12 -39.05 -10.47
C ILE C 305 7.96 -39.31 -8.96
N LEU C 306 6.72 -39.31 -8.46
CA LEU C 306 6.53 -39.37 -7.02
C LEU C 306 6.87 -40.74 -6.42
N ASP C 307 7.13 -41.76 -7.23
CA ASP C 307 7.53 -43.07 -6.70
C ASP C 307 9.03 -43.29 -6.66
N ILE C 308 9.82 -42.37 -7.22
CA ILE C 308 11.26 -42.53 -7.21
C ILE C 308 11.78 -42.43 -5.77
N GLN C 309 12.57 -43.42 -5.36
CA GLN C 309 13.30 -43.35 -4.10
C GLN C 309 14.57 -42.56 -4.33
N PRO C 310 14.72 -41.37 -3.74
CA PRO C 310 15.91 -40.56 -3.99
C PRO C 310 17.16 -41.19 -3.38
N ASP C 311 18.28 -40.98 -4.07
CA ASP C 311 19.59 -41.47 -3.66
C ASP C 311 20.46 -40.38 -3.04
N GLN C 312 20.24 -39.13 -3.42
CA GLN C 312 21.00 -38.03 -2.85
C GLN C 312 20.08 -36.82 -2.78
N LEU C 313 20.42 -35.90 -1.87
CA LEU C 313 19.54 -34.77 -1.61
C LEU C 313 19.35 -33.91 -2.86
N HIS C 314 20.39 -33.81 -3.70
CA HIS C 314 20.36 -32.92 -4.86
C HIS C 314 20.24 -33.68 -6.18
N GLN C 315 19.64 -34.86 -6.16
CA GLN C 315 19.45 -35.66 -7.37
C GLN C 315 18.67 -34.91 -8.43
N ARG C 316 19.11 -35.03 -9.68
CA ARG C 316 18.38 -34.46 -10.80
C ARG C 316 17.54 -35.53 -11.48
N VAL C 317 16.49 -35.07 -12.16
CA VAL C 317 15.51 -35.96 -12.76
C VAL C 317 14.87 -35.28 -13.97
N PRO C 318 14.63 -36.00 -15.07
CA PRO C 318 13.82 -35.44 -16.15
C PRO C 318 12.38 -35.28 -15.71
N VAL C 319 11.72 -34.27 -16.25
CA VAL C 319 10.41 -33.85 -15.76
C VAL C 319 9.42 -33.72 -16.92
N PHE C 320 8.32 -34.47 -16.85
CA PHE C 320 7.20 -34.36 -17.78
C PHE C 320 5.94 -34.16 -16.93
N LEU C 321 5.37 -32.94 -16.99
CA LEU C 321 4.30 -32.51 -16.09
C LEU C 321 3.13 -31.94 -16.87
N GLY C 322 1.92 -32.25 -16.42
CA GLY C 322 0.79 -31.50 -16.92
C GLY C 322 -0.37 -32.39 -17.32
N SER C 323 -1.09 -31.99 -18.38
CA SER C 323 -2.23 -32.75 -18.88
C SER C 323 -1.87 -34.22 -19.04
N ARG C 324 -2.61 -35.09 -18.36
CA ARG C 324 -2.16 -36.47 -18.22
C ARG C 324 -2.15 -37.23 -19.53
N GLU C 325 -3.06 -36.93 -20.44
CA GLU C 325 -3.07 -37.61 -21.73
C GLU C 325 -1.84 -37.22 -22.53
N GLU C 326 -1.43 -35.96 -22.42
CA GLU C 326 -0.27 -35.52 -23.18
C GLU C 326 1.01 -36.11 -22.61
N VAL C 327 1.12 -36.14 -21.28
CA VAL C 327 2.25 -36.80 -20.62
C VAL C 327 2.29 -38.27 -21.00
N ALA C 328 1.13 -38.94 -20.96
CA ALA C 328 1.07 -40.34 -21.39
C ALA C 328 1.58 -40.48 -22.83
N GLU C 329 1.21 -39.53 -23.70
CA GLU C 329 1.71 -39.60 -25.06
C GLU C 329 3.23 -39.52 -25.07
N ALA C 330 3.79 -38.56 -24.32
CA ALA C 330 5.25 -38.40 -24.24
C ALA C 330 5.92 -39.67 -23.73
N VAL C 331 5.34 -40.29 -22.71
CA VAL C 331 5.88 -41.53 -22.17
C VAL C 331 5.86 -42.64 -23.22
N ARG C 332 4.77 -42.74 -24.00
CA ARG C 332 4.66 -43.79 -25.02
C ARG C 332 5.80 -43.71 -26.03
N TYR C 333 6.13 -42.50 -26.49
CA TYR C 333 7.26 -42.31 -27.40
C TYR C 333 8.54 -42.90 -26.83
N HIS C 334 8.77 -42.72 -25.53
CA HIS C 334 9.98 -43.24 -24.90
C HIS C 334 9.92 -44.75 -24.72
N HIS C 335 8.80 -45.27 -24.19
CA HIS C 335 8.69 -46.72 -24.02
C HIS C 335 8.82 -47.43 -25.36
N ALA C 336 8.25 -46.86 -26.41
CA ALA C 336 8.35 -47.50 -27.73
C ALA C 336 9.80 -47.50 -28.21
N HIS C 337 10.54 -46.43 -27.93
CA HIS C 337 11.93 -46.38 -28.32
C HIS C 337 12.76 -47.43 -27.58
N ASP C 338 12.58 -47.52 -26.26
CA ASP C 338 13.34 -48.48 -25.47
C ASP C 338 13.04 -49.91 -25.86
N ASN C 339 11.89 -50.17 -26.49
CA ASN C 339 11.52 -51.51 -26.92
C ASN C 339 11.83 -51.76 -28.39
N ALA C 340 12.14 -50.73 -29.17
CA ALA C 340 12.46 -50.89 -30.58
C ALA C 340 13.94 -51.23 -30.78
N HIS D 7 14.43 8.39 -6.00
CA HIS D 7 15.55 9.22 -6.41
C HIS D 7 15.12 10.28 -7.43
N HIS D 8 15.25 9.95 -8.72
CA HIS D 8 14.92 10.87 -9.80
C HIS D 8 13.51 10.59 -10.31
N MET D 9 12.60 11.51 -10.04
CA MET D 9 11.19 11.27 -10.35
C MET D 9 10.91 11.47 -11.82
N LEU D 10 9.96 10.67 -12.34
CA LEU D 10 9.54 10.83 -13.73
C LEU D 10 9.12 12.27 -14.02
N THR D 11 8.41 12.91 -13.10
CA THR D 11 7.94 14.27 -13.36
C THR D 11 9.12 15.22 -13.55
N ARG D 12 10.13 15.14 -12.69
CA ARG D 12 11.32 15.96 -12.86
C ARG D 12 12.11 15.58 -14.11
N PHE D 13 12.17 14.28 -14.43
CA PHE D 13 12.87 13.89 -15.65
C PHE D 13 12.25 14.57 -16.86
N LEU D 14 10.91 14.57 -16.93
CA LEU D 14 10.23 15.17 -18.08
C LEU D 14 10.43 16.68 -18.13
N ILE D 15 10.50 17.32 -16.96
CA ILE D 15 10.73 18.77 -16.93
C ILE D 15 12.12 19.09 -17.44
N GLN D 16 13.11 18.29 -17.07
CA GLN D 16 14.46 18.47 -17.61
C GLN D 16 14.45 18.27 -19.13
N GLU D 17 13.70 17.28 -19.62
CA GLU D 17 13.61 17.07 -21.06
C GLU D 17 13.04 18.29 -21.78
N GLN D 18 12.16 19.03 -21.10
CA GLN D 18 11.64 20.27 -21.69
C GLN D 18 12.68 21.38 -21.65
N HIS D 19 13.39 21.50 -20.53
CA HIS D 19 14.42 22.53 -20.42
C HIS D 19 15.53 22.31 -21.45
N ALA D 20 15.79 21.05 -21.81
CA ALA D 20 16.79 20.73 -22.83
C ALA D 20 16.29 20.98 -24.24
N GLY D 21 15.00 21.29 -24.39
CA GLY D 21 14.43 21.54 -25.70
C GLY D 21 14.07 20.31 -26.48
N ARG D 22 14.02 19.14 -25.85
CA ARG D 22 13.70 17.91 -26.57
C ARG D 22 12.20 17.65 -26.63
N ILE D 23 11.43 18.15 -25.66
CA ILE D 23 9.97 18.08 -25.71
C ILE D 23 9.42 19.43 -25.26
N ASN D 24 8.17 19.72 -25.63
CA ASN D 24 7.52 20.91 -25.13
C ASN D 24 6.59 20.52 -23.98
N ALA D 25 5.94 21.53 -23.40
CA ALA D 25 5.08 21.33 -22.25
C ALA D 25 3.90 20.43 -22.59
N ASP D 26 3.39 20.52 -23.82
CA ASP D 26 2.24 19.71 -24.23
C ASP D 26 2.59 18.23 -24.19
N LEU D 27 3.73 17.86 -24.79
CA LEU D 27 4.10 16.45 -24.86
C LEU D 27 4.42 15.91 -23.47
N ARG D 28 5.04 16.74 -22.62
CA ARG D 28 5.31 16.33 -21.24
C ARG D 28 4.02 16.01 -20.49
N GLN D 29 3.01 16.85 -20.66
CA GLN D 29 1.77 16.61 -19.94
C GLN D 29 1.03 15.38 -20.47
N LEU D 30 1.08 15.16 -21.79
CA LEU D 30 0.48 13.95 -22.34
C LEU D 30 1.16 12.69 -21.82
N ILE D 31 2.50 12.70 -21.76
CA ILE D 31 3.22 11.56 -21.23
C ILE D 31 2.87 11.37 -19.76
N ALA D 32 2.54 12.45 -19.05
CA ALA D 32 2.06 12.30 -17.68
C ALA D 32 0.70 11.62 -17.66
N VAL D 33 -0.21 12.01 -18.56
CA VAL D 33 -1.52 11.35 -18.60
C VAL D 33 -1.35 9.85 -18.83
N VAL D 34 -0.47 9.48 -19.77
CA VAL D 34 -0.24 8.07 -20.07
C VAL D 34 0.31 7.34 -18.86
N ALA D 35 1.31 7.94 -18.20
CA ALA D 35 1.89 7.33 -17.02
C ALA D 35 0.82 7.10 -15.96
N ARG D 36 -0.08 8.08 -15.77
CA ARG D 36 -1.14 7.94 -14.77
C ARG D 36 -2.08 6.80 -15.14
N ALA D 37 -2.44 6.72 -16.42
CA ALA D 37 -3.30 5.63 -16.88
C ALA D 37 -2.64 4.28 -16.70
N CYS D 38 -1.34 4.18 -16.97
CA CYS D 38 -0.65 2.90 -16.75
C CYS D 38 -0.58 2.56 -15.26
N THR D 39 -0.44 3.58 -14.40
CA THR D 39 -0.44 3.31 -12.98
C THR D 39 -1.77 2.69 -12.56
N SER D 40 -2.88 3.22 -13.09
CA SER D 40 -4.21 2.69 -12.75
C SER D 40 -4.39 1.28 -13.28
N ILE D 41 -3.97 1.01 -14.52
CA ILE D 41 -4.01 -0.36 -15.02
C ILE D 41 -3.18 -1.27 -14.13
N SER D 42 -1.98 -0.81 -13.76
CA SER D 42 -1.10 -1.57 -12.87
C SER D 42 -1.80 -1.98 -11.58
N ILE D 43 -2.53 -1.05 -10.96
CA ILE D 43 -3.21 -1.38 -9.71
C ILE D 43 -4.31 -2.43 -9.94
N ALA D 44 -5.09 -2.28 -11.01
CA ALA D 44 -6.15 -3.24 -11.28
C ALA D 44 -5.55 -4.63 -11.52
N VAL D 45 -4.51 -4.71 -12.35
CA VAL D 45 -3.85 -5.98 -12.61
C VAL D 45 -3.20 -6.56 -11.36
N SER D 46 -2.68 -5.72 -10.47
CA SER D 46 -2.03 -6.26 -9.27
C SER D 46 -3.00 -6.96 -8.35
N LYS D 47 -4.29 -6.64 -8.43
CA LYS D 47 -5.27 -7.27 -7.54
C LYS D 47 -5.71 -8.64 -8.02
N GLY D 48 -5.40 -9.02 -9.26
CA GLY D 48 -5.82 -10.33 -9.77
C GLY D 48 -7.32 -10.49 -9.72
N ALA D 49 -7.76 -11.67 -9.26
CA ALA D 49 -9.19 -11.96 -9.18
C ALA D 49 -9.87 -11.18 -8.06
N LEU D 50 -9.11 -10.58 -7.15
CA LEU D 50 -9.68 -9.83 -6.04
C LEU D 50 -10.19 -8.45 -6.45
N GLY D 51 -9.73 -7.91 -7.58
CA GLY D 51 -10.06 -6.54 -7.89
C GLY D 51 -10.98 -6.28 -9.07
N GLY D 52 -10.98 -7.16 -10.07
CA GLY D 52 -11.84 -6.92 -11.22
C GLY D 52 -11.34 -7.43 -12.55
N VAL D 53 -10.10 -7.10 -12.92
CA VAL D 53 -9.58 -7.50 -14.23
C VAL D 53 -9.78 -9.00 -14.44
N LEU D 54 -9.54 -9.79 -13.42
CA LEU D 54 -9.82 -11.22 -13.46
C LEU D 54 -11.19 -11.51 -12.86
N GLN D 63 -8.70 -13.85 -20.97
CA GLN D 63 -10.11 -13.53 -20.85
C GLN D 63 -10.43 -12.27 -21.65
N GLY D 64 -11.41 -12.38 -22.54
CA GLY D 64 -11.92 -11.20 -23.22
C GLY D 64 -12.52 -10.20 -22.25
N GLU D 65 -13.17 -10.70 -21.20
CA GLU D 65 -13.69 -9.80 -20.17
C GLU D 65 -12.55 -9.05 -19.48
N ALA D 66 -11.38 -9.68 -19.32
CA ALA D 66 -10.24 -8.96 -18.76
C ALA D 66 -9.77 -7.85 -19.69
N GLN D 67 -9.65 -8.16 -20.99
CA GLN D 67 -9.26 -7.13 -21.94
C GLN D 67 -10.27 -6.00 -21.98
N LYS D 68 -11.58 -6.32 -21.97
CA LYS D 68 -12.59 -5.27 -22.02
C LYS D 68 -12.51 -4.36 -20.80
N LYS D 69 -12.26 -4.94 -19.61
CA LYS D 69 -12.12 -4.12 -18.40
C LYS D 69 -10.93 -3.17 -18.51
N LEU D 70 -9.85 -3.59 -19.19
CA LEU D 70 -8.72 -2.70 -19.37
C LEU D 70 -8.97 -1.66 -20.46
N ASP D 71 -9.70 -2.03 -21.52
CA ASP D 71 -10.12 -1.03 -22.50
C ASP D 71 -10.96 0.05 -21.83
N VAL D 72 -11.82 -0.35 -20.88
CA VAL D 72 -12.71 0.59 -20.22
C VAL D 72 -11.91 1.53 -19.32
N ILE D 73 -11.00 0.97 -18.52
CA ILE D 73 -10.16 1.80 -17.66
C ILE D 73 -9.28 2.72 -18.50
N SER D 74 -8.77 2.22 -19.64
CA SER D 74 -7.92 3.04 -20.48
C SER D 74 -8.73 4.13 -21.19
N ASN D 75 -9.81 3.75 -21.88
CA ASN D 75 -10.57 4.72 -22.66
C ASN D 75 -11.20 5.81 -21.78
N GLU D 76 -11.54 5.48 -20.54
CA GLU D 76 -12.09 6.49 -19.63
C GLU D 76 -11.05 7.57 -19.33
N ILE D 77 -9.85 7.17 -18.90
CA ILE D 77 -8.82 8.16 -18.61
C ILE D 77 -8.42 8.92 -19.87
N LEU D 78 -8.33 8.23 -21.01
CA LEU D 78 -7.88 8.87 -22.23
C LEU D 78 -8.97 9.74 -22.87
N LEU D 79 -10.24 9.49 -22.58
CA LEU D 79 -11.30 10.35 -23.11
C LEU D 79 -11.42 11.66 -22.35
N GLU D 80 -10.87 11.75 -21.14
CA GLU D 80 -10.76 13.01 -20.42
C GLU D 80 -9.33 13.54 -20.40
N ALA D 81 -8.47 13.01 -21.28
CA ALA D 81 -7.06 13.37 -21.29
C ALA D 81 -6.87 14.87 -21.53
N ASN D 82 -7.66 15.46 -22.42
CA ASN D 82 -7.48 16.89 -22.70
C ASN D 82 -7.94 17.79 -21.57
N ALA D 83 -8.69 17.27 -20.59
CA ALA D 83 -8.97 18.05 -19.41
C ALA D 83 -7.74 18.21 -18.53
N TRP D 84 -6.74 17.33 -18.68
CA TRP D 84 -5.58 17.26 -17.81
C TRP D 84 -4.27 17.38 -18.58
N GLY D 85 -4.28 18.07 -19.70
CA GLY D 85 -3.07 18.27 -20.46
C GLY D 85 -2.75 17.19 -21.48
N GLY D 86 -3.76 16.57 -22.08
CA GLY D 86 -3.47 15.57 -23.09
C GLY D 86 -3.00 16.19 -24.39
N HIS D 87 -3.62 17.32 -24.76
CA HIS D 87 -3.31 18.01 -26.03
C HIS D 87 -3.47 17.04 -27.19
N LEU D 88 -4.48 16.18 -27.06
CA LEU D 88 -4.78 15.14 -28.03
C LEU D 88 -5.74 15.67 -29.09
N ALA D 89 -5.49 15.29 -30.35
CA ALA D 89 -6.45 15.49 -31.42
C ALA D 89 -7.29 14.25 -31.67
N ALA D 90 -6.71 13.07 -31.47
CA ALA D 90 -7.46 11.84 -31.71
C ALA D 90 -6.70 10.70 -31.07
N CYS D 91 -7.43 9.60 -30.87
CA CYS D 91 -6.90 8.44 -30.18
C CYS D 91 -7.29 7.19 -30.97
N ALA D 92 -6.39 6.23 -31.06
CA ALA D 92 -6.67 4.94 -31.70
C ALA D 92 -6.25 3.82 -30.75
N SER D 93 -7.21 2.97 -30.38
CA SER D 93 -6.93 1.80 -29.56
C SER D 93 -6.89 0.56 -30.44
N GLU D 94 -5.94 -0.34 -30.12
CA GLU D 94 -5.81 -1.57 -30.91
CA GLU D 94 -5.80 -1.58 -30.89
C GLU D 94 -7.11 -2.38 -30.91
N GLU D 95 -7.92 -2.26 -29.85
CA GLU D 95 -9.17 -3.01 -29.81
C GLU D 95 -10.20 -2.45 -30.78
N MET D 96 -10.15 -1.15 -31.06
CA MET D 96 -11.11 -0.49 -31.94
C MET D 96 -10.66 -0.57 -33.39
N ASP D 97 -11.64 -0.60 -34.30
CA ASP D 97 -11.31 -0.67 -35.72
C ASP D 97 -10.77 0.64 -36.24
N HIS D 98 -11.34 1.77 -35.79
CA HIS D 98 -10.95 3.08 -36.27
CA HIS D 98 -10.95 3.08 -36.26
C HIS D 98 -10.63 3.99 -35.09
N SER D 99 -9.92 5.07 -35.39
CA SER D 99 -9.54 6.07 -34.40
C SER D 99 -10.76 6.86 -33.94
N GLN D 100 -10.65 7.45 -32.75
CA GLN D 100 -11.73 8.24 -32.16
C GLN D 100 -11.27 9.68 -31.97
N PRO D 101 -12.09 10.66 -32.36
CA PRO D 101 -11.75 12.06 -32.05
C PRO D 101 -11.86 12.35 -30.56
N VAL D 102 -11.18 13.40 -30.12
CA VAL D 102 -11.26 13.85 -28.74
C VAL D 102 -12.50 14.73 -28.60
N PRO D 103 -13.07 14.86 -27.39
CA PRO D 103 -14.25 15.71 -27.24
C PRO D 103 -13.94 17.17 -27.52
N ASP D 104 -14.91 17.87 -28.11
CA ASP D 104 -14.78 19.30 -28.34
C ASP D 104 -14.91 20.10 -27.06
N ILE D 105 -15.51 19.52 -26.01
CA ILE D 105 -15.72 20.24 -24.76
C ILE D 105 -14.40 20.70 -24.14
N TYR D 106 -13.34 19.92 -24.35
CA TYR D 106 -12.02 20.22 -23.82
C TYR D 106 -11.09 20.71 -24.95
N PRO D 107 -10.03 21.44 -24.61
CA PRO D 107 -9.15 22.00 -25.64
C PRO D 107 -8.52 20.92 -26.49
N ARG D 108 -8.43 21.17 -27.79
CA ARG D 108 -7.78 20.26 -28.70
C ARG D 108 -6.31 20.59 -28.79
N GLY D 109 -5.51 19.56 -29.04
CA GLY D 109 -4.08 19.74 -29.19
C GLY D 109 -3.62 19.12 -30.49
N ASP D 110 -2.31 18.89 -30.61
CA ASP D 110 -1.70 18.56 -31.88
C ASP D 110 -1.18 17.12 -31.92
N PHE D 111 -1.67 16.25 -31.04
CA PHE D 111 -1.10 14.91 -30.85
C PHE D 111 -2.06 13.81 -31.26
N LEU D 112 -1.51 12.75 -31.81
CA LEU D 112 -2.22 11.51 -32.10
C LEU D 112 -1.66 10.42 -31.21
N LEU D 113 -2.51 9.78 -30.42
CA LEU D 113 -2.07 8.76 -29.48
C LEU D 113 -2.51 7.40 -29.99
N LEU D 114 -1.57 6.48 -30.12
CA LEU D 114 -1.88 5.08 -30.36
C LEU D 114 -1.64 4.33 -29.07
N PHE D 115 -2.62 3.52 -28.67
CA PHE D 115 -2.65 2.89 -27.37
C PHE D 115 -2.99 1.43 -27.54
N ASP D 116 -2.17 0.57 -26.94
CA ASP D 116 -2.40 -0.86 -26.86
C ASP D 116 -2.54 -1.20 -25.38
N PRO D 117 -3.77 -1.27 -24.86
CA PRO D 117 -3.94 -1.38 -23.39
C PRO D 117 -3.44 -2.68 -22.80
N LEU D 118 -3.59 -3.81 -23.49
CA LEU D 118 -3.18 -5.10 -22.95
C LEU D 118 -2.37 -5.83 -24.01
N ASP D 119 -1.05 -5.82 -23.84
CA ASP D 119 -0.18 -6.64 -24.66
C ASP D 119 0.06 -7.97 -23.95
N GLY D 120 0.05 -9.06 -24.71
CA GLY D 120 0.17 -10.39 -24.12
C GLY D 120 -1.13 -10.84 -23.49
N SER D 121 -2.23 -10.74 -24.24
CA SER D 121 -3.54 -11.03 -23.64
C SER D 121 -3.65 -12.49 -23.21
N SER D 122 -2.92 -13.41 -23.88
CA SER D 122 -3.00 -14.81 -23.48
C SER D 122 -2.37 -15.07 -22.11
N ASN D 123 -1.71 -14.08 -21.52
CA ASN D 123 -1.11 -14.25 -20.20
C ASN D 123 -1.86 -13.54 -19.10
N ILE D 124 -2.99 -12.89 -19.41
CA ILE D 124 -3.64 -12.06 -18.39
C ILE D 124 -4.14 -12.91 -17.23
N ASP D 125 -4.57 -14.14 -17.49
CA ASP D 125 -5.15 -14.99 -16.46
C ASP D 125 -4.15 -15.95 -15.82
N VAL D 126 -2.89 -15.97 -16.27
CA VAL D 126 -1.95 -16.95 -15.75
C VAL D 126 -0.73 -16.27 -15.07
N ASN D 127 -0.87 -15.00 -14.71
CA ASN D 127 0.06 -14.32 -13.79
C ASN D 127 1.49 -14.29 -14.34
N VAL D 128 1.58 -14.07 -15.64
CA VAL D 128 2.81 -13.76 -16.34
C VAL D 128 2.75 -12.30 -16.72
N SER D 129 3.93 -11.67 -16.73
CA SER D 129 4.04 -10.25 -17.07
C SER D 129 3.31 -9.92 -18.36
N VAL D 130 2.53 -8.84 -18.31
CA VAL D 130 1.82 -8.28 -19.46
C VAL D 130 2.19 -6.80 -19.53
N GLY D 131 1.63 -6.09 -20.51
CA GLY D 131 2.04 -4.72 -20.72
C GLY D 131 1.06 -3.89 -21.51
N THR D 132 1.33 -2.59 -21.50
CA THR D 132 0.64 -1.60 -22.30
C THR D 132 1.69 -0.95 -23.20
N ILE D 133 1.35 -0.70 -24.46
CA ILE D 133 2.26 -0.07 -25.42
C ILE D 133 1.60 1.17 -25.99
N PHE D 134 2.36 2.24 -26.16
CA PHE D 134 1.79 3.48 -26.68
C PHE D 134 2.77 4.19 -27.58
N SER D 135 2.23 5.00 -28.48
CA SER D 135 2.96 5.69 -29.52
C SER D 135 2.34 7.06 -29.73
N VAL D 136 3.17 8.08 -29.89
CA VAL D 136 2.66 9.43 -30.08
C VAL D 136 3.15 9.96 -31.42
N LEU D 137 2.22 10.38 -32.26
CA LEU D 137 2.47 11.09 -33.50
C LEU D 137 1.98 12.51 -33.36
N ARG D 138 2.52 13.40 -34.19
CA ARG D 138 1.99 14.75 -34.30
C ARG D 138 0.95 14.81 -35.41
N CYS D 139 -0.15 15.48 -35.13
CA CYS D 139 -1.18 15.68 -36.14
C CYS D 139 -0.70 16.70 -37.17
N PRO D 140 -0.81 16.39 -38.47
CA PRO D 140 -0.42 17.38 -39.49
C PRO D 140 -1.26 18.65 -39.39
N THR D 141 -0.63 19.76 -39.76
CA THR D 141 -1.26 21.07 -39.60
C THR D 141 -2.26 21.38 -40.70
N GLU D 144 -7.39 19.87 -39.47
CA GLU D 144 -8.28 19.75 -38.33
C GLU D 144 -9.18 18.53 -38.49
N LEU D 145 -9.76 18.07 -37.38
CA LEU D 145 -10.58 16.86 -37.33
C LEU D 145 -9.86 15.64 -37.92
N PRO D 146 -8.74 15.23 -37.33
CA PRO D 146 -7.96 14.13 -37.91
C PRO D 146 -8.70 12.80 -37.84
N GLY D 147 -8.54 12.00 -38.89
CA GLY D 147 -9.19 10.71 -39.00
C GLY D 147 -8.15 9.61 -39.12
N ASP D 148 -8.57 8.41 -39.54
CA ASP D 148 -7.65 7.28 -39.59
C ASP D 148 -6.43 7.58 -40.45
N ASP D 149 -6.63 8.36 -41.52
CA ASP D 149 -5.54 8.63 -42.46
C ASP D 149 -4.45 9.49 -41.83
N ALA D 150 -4.80 10.35 -40.88
CA ALA D 150 -3.78 11.16 -40.22
C ALA D 150 -2.81 10.32 -39.41
N PHE D 151 -3.21 9.10 -39.05
CA PHE D 151 -2.33 8.22 -38.27
C PHE D 151 -1.32 7.48 -39.14
N LEU D 152 -1.47 7.49 -40.46
CA LEU D 152 -0.63 6.65 -41.33
C LEU D 152 0.72 7.32 -41.61
N GLN D 153 1.56 7.34 -40.57
CA GLN D 153 2.89 7.93 -40.63
C GLN D 153 3.95 6.89 -40.34
N PRO D 154 5.12 6.97 -40.97
CA PRO D 154 6.20 6.02 -40.66
C PRO D 154 6.65 6.17 -39.21
N GLY D 155 7.15 5.07 -38.66
CA GLY D 155 7.59 5.07 -37.28
C GLY D 155 8.67 6.08 -36.96
N SER D 156 9.43 6.49 -37.97
CA SER D 156 10.44 7.52 -37.77
C SER D 156 9.84 8.88 -37.41
N LYS D 157 8.53 9.06 -37.55
CA LYS D 157 7.89 10.32 -37.24
C LYS D 157 7.26 10.32 -35.85
N GLN D 158 7.43 9.24 -35.09
CA GLN D 158 6.95 9.23 -33.71
C GLN D 158 7.71 10.24 -32.88
N ILE D 159 6.99 10.97 -32.02
CA ILE D 159 7.67 11.88 -31.09
C ILE D 159 7.79 11.27 -29.71
N ALA D 160 7.10 10.17 -29.44
CA ALA D 160 7.25 9.45 -28.18
C ALA D 160 6.78 8.03 -28.39
N ALA D 161 7.38 7.10 -27.64
CA ALA D 161 6.93 5.73 -27.65
C ALA D 161 7.30 5.13 -26.31
N GLY D 162 6.56 4.12 -25.88
CA GLY D 162 6.94 3.47 -24.66
C GLY D 162 6.01 2.34 -24.35
N TYR D 163 6.38 1.59 -23.32
CA TYR D 163 5.48 0.61 -22.77
C TYR D 163 5.54 0.65 -21.26
N CYS D 164 4.50 0.09 -20.65
CA CYS D 164 4.51 -0.19 -19.22
C CYS D 164 4.35 -1.68 -19.05
N ILE D 165 5.28 -2.31 -18.34
CA ILE D 165 5.22 -3.75 -18.12
C ILE D 165 4.78 -3.99 -16.68
N TYR D 166 3.73 -4.79 -16.53
CA TYR D 166 3.19 -5.16 -15.23
C TYR D 166 3.76 -6.53 -14.89
N GLY D 167 4.80 -6.55 -14.06
CA GLY D 167 5.43 -7.79 -13.64
C GLY D 167 5.45 -7.82 -12.13
N PRO D 168 6.36 -8.62 -11.56
CA PRO D 168 6.56 -8.51 -10.11
C PRO D 168 6.80 -7.06 -9.67
N SER D 169 7.48 -6.25 -10.48
CA SER D 169 7.40 -4.80 -10.32
C SER D 169 6.72 -4.18 -11.55
N THR D 170 6.29 -2.92 -11.42
CA THR D 170 5.73 -2.19 -12.55
C THR D 170 6.76 -1.21 -13.06
N GLN D 171 7.04 -1.28 -14.36
CA GLN D 171 8.08 -0.42 -14.91
C GLN D 171 7.60 0.21 -16.22
N LEU D 172 7.88 1.50 -16.35
CA LEU D 172 7.57 2.29 -17.52
C LEU D 172 8.88 2.55 -18.28
N VAL D 173 8.88 2.21 -19.56
CA VAL D 173 10.03 2.34 -20.43
C VAL D 173 9.64 3.27 -21.56
N LEU D 174 10.43 4.31 -21.79
CA LEU D 174 10.00 5.37 -22.67
C LEU D 174 11.17 5.98 -23.42
N THR D 175 10.84 6.56 -24.58
CA THR D 175 11.79 7.35 -25.33
C THR D 175 11.05 8.53 -25.93
N VAL D 176 11.73 9.67 -26.02
CA VAL D 176 11.24 10.81 -26.78
C VAL D 176 12.28 11.18 -27.84
N GLY D 177 13.08 10.20 -28.25
CA GLY D 177 14.10 10.40 -29.29
C GLY D 177 15.51 10.65 -28.79
N HIS D 178 15.76 10.51 -27.49
CA HIS D 178 17.07 10.75 -26.89
C HIS D 178 17.41 9.60 -25.95
N GLY D 179 17.46 8.40 -26.50
CA GLY D 179 17.67 7.20 -25.70
C GLY D 179 16.39 6.67 -25.08
N THR D 180 16.53 5.47 -24.50
CA THR D 180 15.44 4.73 -23.90
C THR D 180 15.70 4.59 -22.41
N HIS D 181 14.68 4.87 -21.61
CA HIS D 181 14.85 5.05 -20.17
C HIS D 181 13.74 4.31 -19.44
N ALA D 182 14.13 3.60 -18.37
CA ALA D 182 13.23 2.77 -17.59
C ALA D 182 12.99 3.39 -16.22
N PHE D 183 11.72 3.45 -15.83
CA PHE D 183 11.26 3.96 -14.54
C PHE D 183 10.50 2.85 -13.82
N THR D 184 10.73 2.73 -12.52
CA THR D 184 10.08 1.73 -11.69
C THR D 184 9.06 2.42 -10.80
N LEU D 185 7.87 1.82 -10.71
CA LEU D 185 6.80 2.42 -9.93
C LEU D 185 7.08 2.21 -8.45
N ASP D 186 7.12 3.31 -7.71
CA ASP D 186 7.18 3.29 -6.26
C ASP D 186 5.73 3.24 -5.77
N ARG D 187 5.26 2.05 -5.38
CA ARG D 187 3.85 1.87 -5.05
C ARG D 187 3.43 2.69 -3.84
N GLU D 188 4.33 2.88 -2.89
CA GLU D 188 4.01 3.73 -1.75
C GLU D 188 3.70 5.15 -2.21
N LYS D 189 4.55 5.71 -3.07
CA LYS D 189 4.35 7.09 -3.50
C LYS D 189 3.36 7.20 -4.66
N GLY D 190 3.11 6.12 -5.39
CA GLY D 190 2.29 6.26 -6.59
C GLY D 190 2.99 6.95 -7.74
N GLU D 191 4.32 7.02 -7.73
CA GLU D 191 5.07 7.77 -8.73
C GLU D 191 6.16 6.88 -9.34
N PHE D 192 6.48 7.16 -10.61
CA PHE D 192 7.56 6.47 -11.30
C PHE D 192 8.91 7.12 -10.97
N VAL D 193 9.92 6.26 -10.78
CA VAL D 193 11.26 6.65 -10.36
C VAL D 193 12.26 6.10 -11.36
N LEU D 194 13.19 6.94 -11.83
CA LEU D 194 14.17 6.49 -12.82
C LEU D 194 15.05 5.39 -12.25
N THR D 195 15.11 4.24 -12.92
CA THR D 195 15.96 3.16 -12.44
C THR D 195 16.99 2.66 -13.47
N THR D 196 16.83 2.94 -14.76
CA THR D 196 17.88 2.66 -15.73
C THR D 196 17.85 3.79 -16.76
N GLU D 197 18.81 4.70 -16.68
CA GLU D 197 18.96 5.70 -17.72
C GLU D 197 19.77 5.15 -18.88
N ASN D 198 19.37 5.52 -20.11
CA ASN D 198 20.11 5.15 -21.32
C ASN D 198 20.28 3.62 -21.42
N MET D 199 19.16 2.91 -21.48
CA MET D 199 19.25 1.48 -21.73
C MET D 199 20.06 1.21 -22.98
N GLN D 200 20.87 0.16 -22.95
CA GLN D 200 21.73 -0.18 -24.08
C GLN D 200 21.63 -1.67 -24.32
N ILE D 201 21.35 -2.02 -25.57
CA ILE D 201 21.21 -3.42 -25.99
C ILE D 201 22.57 -3.85 -26.55
N PRO D 202 23.22 -4.86 -25.99
CA PRO D 202 24.52 -5.29 -26.53
C PRO D 202 24.39 -5.71 -27.99
N ALA D 203 25.45 -5.41 -28.76
CA ALA D 203 25.41 -5.58 -30.20
C ALA D 203 25.15 -7.03 -30.59
N ALA D 204 25.74 -7.97 -29.85
CA ALA D 204 25.60 -9.40 -30.10
C ALA D 204 24.84 -10.05 -28.95
N THR D 205 24.40 -11.29 -29.19
CA THR D 205 23.65 -12.01 -28.19
C THR D 205 23.72 -13.50 -28.46
N GLN D 206 23.29 -14.26 -27.44
CA GLN D 206 23.13 -15.70 -27.55
C GLN D 206 21.71 -16.12 -27.20
N GLU D 207 20.76 -15.18 -27.22
CA GLU D 207 19.39 -15.45 -26.81
C GLU D 207 18.41 -15.04 -27.90
N PHE D 208 17.47 -15.93 -28.23
CA PHE D 208 16.45 -15.60 -29.21
C PHE D 208 15.05 -15.88 -28.66
N ALA D 209 14.10 -15.03 -29.01
CA ALA D 209 12.70 -15.25 -28.63
C ALA D 209 11.89 -15.41 -29.92
N ILE D 210 11.40 -16.61 -30.15
CA ILE D 210 10.55 -16.89 -31.28
C ILE D 210 9.60 -18.01 -30.88
N ASN D 211 8.39 -17.98 -31.43
CA ASN D 211 7.44 -19.05 -31.21
C ASN D 211 7.84 -20.20 -32.12
N MET D 212 8.62 -21.12 -31.57
CA MET D 212 9.12 -22.28 -32.31
C MET D 212 8.02 -23.24 -32.74
N SER D 213 6.78 -23.11 -32.21
CA SER D 213 5.73 -23.99 -32.68
C SER D 213 5.28 -23.66 -34.11
N ASN D 214 5.65 -22.50 -34.64
CA ASN D 214 5.27 -22.11 -36.00
C ASN D 214 6.33 -22.45 -37.03
N GLN D 215 7.36 -23.22 -36.65
CA GLN D 215 8.48 -23.55 -37.52
C GLN D 215 8.04 -24.06 -38.90
N ARG D 216 7.06 -24.97 -38.96
CA ARG D 216 6.80 -25.54 -40.28
C ARG D 216 6.15 -24.53 -41.22
N HIS D 217 5.68 -23.39 -40.70
CA HIS D 217 4.97 -22.39 -41.46
C HIS D 217 5.87 -21.27 -41.98
N TRP D 218 7.15 -21.24 -41.59
CA TRP D 218 8.00 -20.12 -41.95
C TRP D 218 8.56 -20.30 -43.37
N GLU D 219 8.95 -19.18 -43.98
CA GLU D 219 9.62 -19.30 -45.26
C GLU D 219 11.06 -19.81 -45.06
N ALA D 220 11.66 -20.25 -46.17
CA ALA D 220 12.94 -20.96 -46.13
C ALA D 220 14.06 -20.21 -45.42
N PRO D 221 14.34 -18.93 -45.72
CA PRO D 221 15.43 -18.27 -44.99
C PRO D 221 15.19 -18.24 -43.50
N MET D 222 13.93 -18.11 -43.09
CA MET D 222 13.59 -18.12 -41.67
C MET D 222 13.92 -19.48 -41.05
N GLN D 223 13.60 -20.57 -41.76
CA GLN D 223 13.91 -21.90 -41.24
C GLN D 223 15.41 -22.15 -41.21
N ALA D 224 16.15 -21.70 -42.23
CA ALA D 224 17.60 -21.86 -42.21
C ALA D 224 18.23 -21.06 -41.07
N TYR D 225 17.76 -19.83 -40.87
CA TYR D 225 18.30 -19.02 -39.78
C TYR D 225 18.15 -19.75 -38.45
N VAL D 226 16.94 -20.22 -38.16
CA VAL D 226 16.69 -20.87 -36.87
C VAL D 226 17.39 -22.22 -36.79
N GLY D 227 17.41 -22.96 -37.90
CA GLY D 227 18.18 -24.19 -37.92
C GLY D 227 19.63 -23.98 -37.50
N ASP D 228 20.22 -22.86 -37.92
CA ASP D 228 21.59 -22.55 -37.54
C ASP D 228 21.69 -22.16 -36.07
N LEU D 229 20.67 -21.49 -35.51
CA LEU D 229 20.62 -21.24 -34.08
C LEU D 229 20.62 -22.54 -33.28
N LEU D 230 19.76 -23.48 -33.69
CA LEU D 230 19.72 -24.80 -33.06
C LEU D 230 21.04 -25.54 -33.18
N ALA D 231 21.70 -25.46 -34.35
CA ALA D 231 22.98 -26.14 -34.53
C ALA D 231 24.05 -25.60 -33.60
N GLY D 232 24.01 -24.30 -33.29
CA GLY D 232 24.88 -23.76 -32.25
C GLY D 232 26.34 -23.91 -32.58
N LYS D 233 27.13 -24.40 -31.60
CA LYS D 233 28.57 -24.55 -31.79
C LYS D 233 28.91 -25.58 -32.86
N GLU D 234 28.03 -26.52 -33.14
CA GLU D 234 28.28 -27.52 -34.15
C GLU D 234 27.86 -27.07 -35.55
N GLY D 235 27.45 -25.82 -35.69
CA GLY D 235 27.09 -25.28 -36.99
C GLY D 235 27.83 -24.00 -37.32
N THR D 236 27.38 -23.30 -38.37
CA THR D 236 28.12 -22.14 -38.88
C THR D 236 28.24 -20.99 -37.87
N ARG D 237 27.37 -20.91 -36.86
CA ARG D 237 27.41 -19.77 -35.95
C ARG D 237 28.56 -19.87 -34.94
N GLY D 238 28.95 -21.09 -34.57
CA GLY D 238 30.07 -21.20 -33.64
C GLY D 238 29.77 -20.84 -32.20
N LYS D 239 28.51 -20.63 -31.84
CA LYS D 239 28.13 -20.42 -30.45
C LYS D 239 26.75 -21.01 -30.23
N ASN D 240 26.50 -21.44 -28.99
CA ASN D 240 25.22 -21.98 -28.65
C ASN D 240 24.24 -20.87 -28.29
N PHE D 241 22.98 -21.10 -28.62
CA PHE D 241 21.92 -20.16 -28.32
C PHE D 241 20.99 -20.74 -27.26
N ASN D 242 20.34 -19.85 -26.53
CA ASN D 242 19.29 -20.20 -25.59
C ASN D 242 18.05 -19.45 -26.03
N MET D 243 16.87 -19.86 -25.56
CA MET D 243 15.66 -19.22 -26.04
C MET D 243 14.65 -19.03 -24.93
N ARG D 244 13.75 -18.05 -25.15
CA ARG D 244 12.54 -17.85 -24.35
C ARG D 244 11.37 -17.62 -25.31
N TRP D 245 10.16 -17.93 -24.86
CA TRP D 245 8.97 -17.38 -25.53
C TRP D 245 7.89 -17.20 -24.49
N ILE D 246 7.62 -15.95 -24.16
CA ILE D 246 6.65 -15.61 -23.12
C ILE D 246 5.27 -15.33 -23.71
N ALA D 247 5.19 -14.93 -24.98
CA ALA D 247 3.96 -14.51 -25.65
C ALA D 247 3.36 -13.23 -25.04
N SER D 248 4.19 -12.45 -24.35
CA SER D 248 3.96 -11.03 -24.08
C SER D 248 5.11 -10.29 -24.75
N MET D 249 4.82 -9.55 -25.82
CA MET D 249 5.92 -8.88 -26.51
C MET D 249 6.66 -7.93 -25.57
N VAL D 250 5.94 -7.27 -24.64
CA VAL D 250 6.64 -6.33 -23.75
CA VAL D 250 6.63 -6.34 -23.75
C VAL D 250 7.64 -7.07 -22.88
N ALA D 251 7.31 -8.29 -22.46
CA ALA D 251 8.23 -9.01 -21.59
C ALA D 251 9.46 -9.46 -22.35
N ASP D 252 9.27 -9.96 -23.59
CA ASP D 252 10.44 -10.40 -24.35
C ASP D 252 11.32 -9.21 -24.71
N VAL D 253 10.73 -8.11 -25.16
CA VAL D 253 11.54 -6.96 -25.51
C VAL D 253 12.16 -6.36 -24.26
N HIS D 254 11.47 -6.46 -23.12
CA HIS D 254 12.04 -5.88 -21.90
C HIS D 254 13.32 -6.60 -21.50
N ARG D 255 13.34 -7.93 -21.68
CA ARG D 255 14.57 -8.70 -21.47
C ARG D 255 15.66 -8.23 -22.42
N ILE D 256 15.29 -7.97 -23.67
CA ILE D 256 16.28 -7.56 -24.66
C ILE D 256 16.85 -6.20 -24.31
N LEU D 257 15.99 -5.28 -23.87
CA LEU D 257 16.47 -3.95 -23.45
C LEU D 257 17.36 -4.05 -22.22
N THR D 258 17.15 -5.08 -21.40
CA THR D 258 17.97 -5.22 -20.21
C THR D 258 19.29 -5.92 -20.52
N ARG D 259 19.28 -6.99 -21.32
CA ARG D 259 20.50 -7.77 -21.48
C ARG D 259 20.77 -8.30 -22.88
N GLY D 260 20.14 -7.76 -23.92
CA GLY D 260 20.38 -8.21 -25.27
C GLY D 260 19.49 -9.39 -25.66
N GLY D 261 19.54 -9.73 -26.93
CA GLY D 261 18.71 -10.77 -27.48
C GLY D 261 18.04 -10.33 -28.76
N ILE D 262 17.37 -11.28 -29.40
CA ILE D 262 16.58 -11.00 -30.59
C ILE D 262 15.18 -11.56 -30.40
N PHE D 263 14.20 -10.81 -30.89
CA PHE D 263 12.78 -11.17 -30.83
C PHE D 263 12.29 -11.26 -32.26
N ILE D 264 11.65 -12.37 -32.63
CA ILE D 264 11.19 -12.54 -34.00
C ILE D 264 9.76 -13.03 -34.01
N TYR D 265 8.89 -12.30 -34.70
CA TYR D 265 7.58 -12.82 -35.10
C TYR D 265 7.51 -12.60 -36.61
N PRO D 266 7.84 -13.61 -37.40
CA PRO D 266 7.99 -13.42 -38.83
C PRO D 266 6.66 -13.69 -39.54
N TRP D 267 6.67 -13.41 -40.85
CA TRP D 267 5.64 -13.92 -41.73
C TRP D 267 5.53 -15.43 -41.58
N ASP D 268 4.32 -15.96 -41.75
CA ASP D 268 4.15 -17.40 -41.81
C ASP D 268 2.97 -17.71 -42.73
N LYS D 269 2.85 -18.99 -43.11
CA LYS D 269 1.85 -19.41 -44.09
C LYS D 269 0.50 -19.78 -43.47
N LYS D 270 0.30 -19.60 -42.16
CA LYS D 270 -1.00 -19.96 -41.58
C LYS D 270 -2.12 -19.09 -42.13
N ASP D 271 -1.88 -17.80 -42.28
CA ASP D 271 -2.81 -16.86 -42.92
C ASP D 271 -2.01 -16.13 -43.98
N PRO D 272 -1.93 -16.69 -45.20
CA PRO D 272 -0.98 -16.14 -46.19
C PRO D 272 -1.27 -14.70 -46.56
N SER D 273 -2.53 -14.28 -46.53
CA SER D 273 -2.87 -12.88 -46.76
C SER D 273 -2.11 -11.96 -45.79
N LYS D 274 -2.07 -12.34 -44.50
CA LYS D 274 -1.49 -11.49 -43.47
C LYS D 274 0.02 -11.37 -43.63
N ALA D 275 0.53 -10.14 -43.66
CA ALA D 275 1.96 -9.92 -43.77
C ALA D 275 2.70 -10.29 -42.50
N GLY D 276 2.01 -10.38 -41.38
CA GLY D 276 2.68 -10.73 -40.13
C GLY D 276 1.64 -10.87 -39.04
N LYS D 277 2.10 -11.05 -37.82
CA LYS D 277 1.21 -11.10 -36.67
C LYS D 277 1.09 -9.74 -35.99
N LEU D 278 2.22 -9.12 -35.66
CA LEU D 278 2.20 -7.87 -34.92
C LEU D 278 1.78 -6.72 -35.84
N ARG D 279 1.16 -5.71 -35.23
CA ARG D 279 0.69 -4.55 -35.96
C ARG D 279 1.77 -3.50 -36.07
N LEU D 280 1.89 -2.92 -37.25
CA LEU D 280 2.90 -1.90 -37.51
C LEU D 280 2.75 -0.69 -36.58
N MET D 281 1.52 -0.16 -36.48
CA MET D 281 1.30 1.12 -35.81
C MET D 281 1.29 1.01 -34.29
N TYR D 282 0.75 -0.08 -33.75
CA TYR D 282 0.52 -0.23 -32.32
C TYR D 282 1.62 -0.99 -31.61
N GLU D 283 2.40 -1.80 -32.32
CA GLU D 283 3.38 -2.67 -31.69
C GLU D 283 4.78 -2.54 -32.31
N ALA D 284 4.89 -2.76 -33.62
CA ALA D 284 6.21 -2.77 -34.25
C ALA D 284 6.88 -1.40 -34.16
N ASN D 285 6.20 -0.34 -34.58
CA ASN D 285 6.82 0.98 -34.59
C ASN D 285 7.21 1.49 -33.20
N PRO D 286 6.35 1.46 -32.18
CA PRO D 286 6.79 2.00 -30.88
C PRO D 286 7.90 1.16 -30.27
N MET D 287 7.77 -0.16 -30.30
CA MET D 287 8.85 -1.00 -29.79
C MET D 287 10.10 -0.85 -30.64
N GLY D 288 9.94 -0.67 -31.95
CA GLY D 288 11.10 -0.48 -32.79
C GLY D 288 11.88 0.77 -32.43
N LEU D 289 11.17 1.84 -32.10
CA LEU D 289 11.84 3.09 -31.74
C LEU D 289 12.61 2.93 -30.43
N LEU D 290 11.97 2.33 -29.43
CA LEU D 290 12.63 2.08 -28.16
C LEU D 290 13.89 1.24 -28.34
N VAL D 291 13.82 0.22 -29.19
CA VAL D 291 14.97 -0.65 -29.43
C VAL D 291 16.08 0.13 -30.15
N GLU D 292 15.70 0.92 -31.15
CA GLU D 292 16.73 1.70 -31.87
C GLU D 292 17.37 2.74 -30.97
N GLN D 293 16.57 3.39 -30.12
CA GLN D 293 17.12 4.39 -29.22
C GLN D 293 17.98 3.75 -28.15
N ALA D 294 17.95 2.43 -28.04
CA ALA D 294 18.85 1.69 -27.17
C ALA D 294 19.96 1.00 -27.93
N GLY D 295 20.20 1.40 -29.18
CA GLY D 295 21.30 0.85 -29.97
C GLY D 295 20.99 -0.47 -30.66
N GLY D 296 19.73 -0.92 -30.63
CA GLY D 296 19.34 -2.12 -31.33
C GLY D 296 18.83 -1.82 -32.74
N ALA D 297 18.35 -2.87 -33.40
CA ALA D 297 17.82 -2.72 -34.75
C ALA D 297 16.42 -3.30 -34.80
N ALA D 298 15.62 -2.79 -35.74
CA ALA D 298 14.21 -3.14 -35.87
C ALA D 298 13.88 -3.27 -37.35
N TRP D 299 13.83 -4.50 -37.86
CA TRP D 299 13.69 -4.78 -39.28
C TRP D 299 12.61 -5.83 -39.50
N THR D 300 12.09 -5.86 -40.73
CA THR D 300 11.08 -6.84 -41.13
C THR D 300 11.68 -8.16 -41.54
N GLY D 301 13.00 -8.32 -41.40
CA GLY D 301 13.73 -9.35 -42.12
C GLY D 301 14.29 -8.89 -43.44
N ARG D 302 13.74 -7.80 -43.98
CA ARG D 302 14.20 -7.27 -45.27
C ARG D 302 14.32 -5.76 -45.30
N GLU D 303 13.64 -5.01 -44.45
CA GLU D 303 13.77 -3.56 -44.50
C GLU D 303 13.56 -2.99 -43.10
N ARG D 304 13.97 -1.74 -42.93
CA ARG D 304 13.87 -1.05 -41.63
C ARG D 304 12.42 -0.74 -41.28
N ILE D 305 11.98 -1.17 -40.10
CA ILE D 305 10.56 -1.05 -39.76
C ILE D 305 10.12 0.42 -39.75
N LEU D 306 10.92 1.30 -39.15
CA LEU D 306 10.48 2.67 -38.93
C LEU D 306 10.38 3.49 -40.22
N ASP D 307 10.84 2.96 -41.35
CA ASP D 307 10.74 3.65 -42.62
C ASP D 307 9.55 3.22 -43.46
N ILE D 308 8.82 2.19 -43.03
CA ILE D 308 7.65 1.74 -43.79
C ILE D 308 6.57 2.80 -43.72
N GLN D 309 6.05 3.20 -44.88
CA GLN D 309 4.87 4.05 -44.98
C GLN D 309 3.62 3.19 -44.85
N PRO D 310 2.88 3.30 -43.74
CA PRO D 310 1.73 2.40 -43.55
C PRO D 310 0.60 2.72 -44.52
N ASP D 311 -0.10 1.66 -44.90
CA ASP D 311 -1.22 1.74 -45.82
C ASP D 311 -2.55 1.75 -45.10
N GLN D 312 -2.62 1.13 -43.93
CA GLN D 312 -3.84 1.04 -43.16
C GLN D 312 -3.48 1.01 -41.68
N LEU D 313 -4.41 1.47 -40.86
CA LEU D 313 -4.11 1.67 -39.44
C LEU D 313 -3.73 0.35 -38.77
N HIS D 314 -4.33 -0.77 -39.21
CA HIS D 314 -4.11 -2.07 -38.59
C HIS D 314 -3.23 -3.00 -39.43
N GLN D 315 -2.35 -2.42 -40.25
CA GLN D 315 -1.41 -3.20 -41.03
C GLN D 315 -0.52 -4.07 -40.15
N ARG D 316 -0.31 -5.31 -40.58
CA ARG D 316 0.61 -6.21 -39.89
C ARG D 316 1.94 -6.23 -40.61
N VAL D 317 2.99 -6.57 -39.87
CA VAL D 317 4.35 -6.52 -40.39
C VAL D 317 5.19 -7.55 -39.65
N PRO D 318 6.07 -8.28 -40.32
CA PRO D 318 7.01 -9.15 -39.60
C PRO D 318 7.98 -8.32 -38.78
N VAL D 319 8.44 -8.89 -37.67
CA VAL D 319 9.24 -8.13 -36.72
C VAL D 319 10.49 -8.92 -36.31
N PHE D 320 11.66 -8.34 -36.55
CA PHE D 320 12.96 -8.81 -36.05
C PHE D 320 13.56 -7.66 -35.24
N LEU D 321 13.64 -7.83 -33.91
CA LEU D 321 14.05 -6.77 -33.00
C LEU D 321 15.15 -7.24 -32.08
N GLY D 322 16.11 -6.36 -31.81
CA GLY D 322 17.05 -6.59 -30.72
C GLY D 322 18.48 -6.26 -31.05
N SER D 323 19.41 -7.05 -30.49
CA SER D 323 20.82 -6.85 -30.74
C SER D 323 21.09 -6.66 -32.23
N ARG D 324 21.75 -5.55 -32.58
CA ARG D 324 21.79 -5.15 -33.97
C ARG D 324 22.58 -6.14 -34.84
N GLU D 325 23.64 -6.76 -34.31
CA GLU D 325 24.40 -7.73 -35.09
C GLU D 325 23.57 -8.98 -35.36
N GLU D 326 22.74 -9.38 -34.40
CA GLU D 326 21.92 -10.56 -34.61
C GLU D 326 20.82 -10.28 -35.60
N VAL D 327 20.18 -9.11 -35.50
CA VAL D 327 19.18 -8.71 -36.48
C VAL D 327 19.79 -8.68 -37.86
N ALA D 328 20.99 -8.07 -37.98
CA ALA D 328 21.69 -8.05 -39.26
C ALA D 328 21.89 -9.45 -39.81
N GLU D 329 22.27 -10.39 -38.95
CA GLU D 329 22.45 -11.76 -39.39
C GLU D 329 21.14 -12.35 -39.91
N ALA D 330 20.04 -12.14 -39.19
CA ALA D 330 18.74 -12.63 -39.64
C ALA D 330 18.36 -12.02 -40.99
N VAL D 331 18.61 -10.72 -41.16
CA VAL D 331 18.33 -10.05 -42.42
C VAL D 331 19.18 -10.63 -43.56
N ARG D 332 20.47 -10.90 -43.29
CA ARG D 332 21.34 -11.47 -44.32
C ARG D 332 20.76 -12.77 -44.87
N TYR D 333 20.24 -13.65 -43.99
CA TYR D 333 19.65 -14.89 -44.45
C TYR D 333 18.54 -14.64 -45.47
N HIS D 334 17.71 -13.63 -45.24
CA HIS D 334 16.61 -13.34 -46.14
C HIS D 334 17.10 -12.70 -47.45
N HIS D 335 17.97 -11.69 -47.35
CA HIS D 335 18.49 -11.09 -48.58
C HIS D 335 19.22 -12.11 -49.44
N ALA D 336 19.97 -13.03 -48.81
CA ALA D 336 20.67 -14.05 -49.59
C ALA D 336 19.68 -14.98 -50.27
N HIS D 337 18.57 -15.28 -49.59
CA HIS D 337 17.53 -16.10 -50.23
C HIS D 337 16.89 -15.36 -51.41
N ASP D 338 16.50 -14.10 -51.22
CA ASP D 338 15.88 -13.37 -52.32
C ASP D 338 16.81 -13.20 -53.51
N ASN D 339 18.11 -13.28 -53.29
CA ASN D 339 19.05 -13.10 -54.38
C ASN D 339 19.52 -14.43 -54.97
N ALA D 340 19.24 -15.52 -54.29
CA ALA D 340 19.53 -16.85 -54.82
C ALA D 340 18.34 -17.27 -55.67
#